data_5YS9
#
_entry.id   5YS9
#
_cell.length_a   160.824
_cell.length_b   160.824
_cell.length_c   139.467
_cell.angle_alpha   90.000
_cell.angle_beta   90.000
_cell.angle_gamma   90.000
#
_symmetry.space_group_name_H-M   'I 4'
#
loop_
_entity.id
_entity.type
_entity.pdbx_description
1 polymer 'Acyl-coenzyme A oxidase 3'
2 non-polymer 'FLAVIN-ADENINE DINUCLEOTIDE'
3 water water
#
_entity_poly.entity_id   1
_entity_poly.type   'polypeptide(L)'
_entity_poly.pdbx_seq_one_letter_code
;MISPNLTANVEIDGKQYNTFTEPPKALAGERAKVKFPIKDMTEFLHGGEENVTMIERLMTELERDPVLNVSGDYDMPKEQ
LRETAVARIAALSGHWKKDTEKEALLRSQLHGIVDMGTRIRLGVHTGLFMGAIRGSGTKEQYDYWVRKGAADVKGFYGCF
AMTELGHGSNVAGLETTATYIQDTDEFIINTPNTGATKWWIGGAAHSATHTACFARLLVDGKDYGVKIFVVQLRDVSSHS
LMPGIALGDIGKKMGRDAIDNGWIQFTNVRIPRQNMLMKYAKVSSTGKVSQPPLAQLTYGALIGGRVTMIADSFFVSQRF
ITIALRYACVRRQFGTTPGQPETKIIDYPYHQRRLLPLLAFTYAMKMAADQSQIQYDQTTDLLQTIDPKDKGALGKAIVD
LKELFASSAGLKAFTTWTCANIIDQCRQACGGHGYSGYNGFGQAYADWVVQCTWEGDNNVLCLSMGRGLIQSCLGHRKGK
PLGSSVGYLANKGLEQATLSGRDLKDPKVLIEAWEKVANGAIQRATDKFVELTKGGLSPDQAFEELSQQRFQCAKIHTRK
HLVTAFYERINASAKADVKPYLINLANLFTLWSIEEDSGLFLREGFLQPKDIDQVTELVNHYCKEVRDQVAGYTDAFGLS
DWFINAPIGNYDGDVYKHYFAKVNQQNPAQNPRPPYYESTLRPFLFREDEDDDICELDEELEHHHHHH
;
_entity_poly.pdbx_strand_id   A,B
#
# COMPACT_ATOMS: atom_id res chain seq x y z
N ALA A 8 -2.88 -36.47 -1.22
CA ALA A 8 -3.38 -37.24 -0.10
C ALA A 8 -4.60 -36.60 0.55
N ASN A 9 -5.14 -37.25 1.56
CA ASN A 9 -6.38 -36.82 2.17
C ASN A 9 -6.31 -36.71 3.68
N VAL A 10 -7.23 -35.94 4.25
CA VAL A 10 -7.25 -35.68 5.68
C VAL A 10 -8.38 -36.44 6.30
N GLU A 11 -8.14 -37.01 7.48
CA GLU A 11 -9.18 -37.72 8.19
C GLU A 11 -9.49 -37.03 9.50
N ILE A 12 -10.73 -36.63 9.68
CA ILE A 12 -11.17 -36.04 10.94
C ILE A 12 -12.44 -36.71 11.41
N ASP A 13 -12.41 -37.26 12.61
CA ASP A 13 -13.59 -37.90 13.19
C ASP A 13 -14.17 -39.01 12.33
N GLY A 14 -13.32 -39.82 11.74
CA GLY A 14 -13.76 -40.96 10.97
C GLY A 14 -14.16 -40.68 9.53
N LYS A 15 -13.95 -39.46 9.07
CA LYS A 15 -14.34 -39.09 7.72
C LYS A 15 -13.16 -38.51 6.98
N GLN A 16 -13.19 -38.63 5.66
CA GLN A 16 -12.11 -38.18 4.82
C GLN A 16 -12.46 -36.88 4.11
N TYR A 17 -11.49 -35.99 4.03
CA TYR A 17 -11.70 -34.69 3.44
C TYR A 17 -10.66 -34.43 2.40
N ASN A 18 -10.97 -33.53 1.48
CA ASN A 18 -10.07 -33.14 0.44
C ASN A 18 -9.81 -31.64 0.54
N THR A 19 -9.05 -31.10 -0.39
CA THR A 19 -8.71 -29.70 -0.33
C THR A 19 -9.95 -28.85 -0.35
N PHE A 20 -10.90 -29.20 -1.20
CA PHE A 20 -12.17 -28.50 -1.28
C PHE A 20 -13.08 -28.61 -0.06
N THR A 21 -13.16 -29.79 0.54
CA THR A 21 -14.11 -30.02 1.62
C THR A 21 -13.62 -29.83 3.05
N GLU A 22 -12.31 -29.80 3.25
CA GLU A 22 -11.79 -29.66 4.59
C GLU A 22 -12.06 -28.34 5.33
N PRO A 23 -11.99 -27.23 4.64
CA PRO A 23 -12.06 -25.91 5.34
C PRO A 23 -13.14 -25.68 6.42
N PRO A 24 -14.44 -25.95 6.13
CA PRO A 24 -15.42 -25.76 7.21
C PRO A 24 -15.15 -26.61 8.45
N LYS A 25 -14.62 -27.80 8.27
CA LYS A 25 -14.27 -28.65 9.40
C LYS A 25 -13.07 -28.07 10.18
N ALA A 26 -12.03 -27.63 9.49
CA ALA A 26 -10.91 -26.97 10.18
C ALA A 26 -11.34 -25.76 11.00
N LEU A 27 -12.13 -24.86 10.41
CA LEU A 27 -12.55 -23.67 11.14
C LEU A 27 -13.46 -24.00 12.33
N ALA A 28 -14.29 -25.02 12.22
CA ALA A 28 -15.09 -25.47 13.36
C ALA A 28 -14.14 -25.92 14.43
N GLY A 29 -13.08 -26.64 14.06
CA GLY A 29 -12.09 -27.13 14.99
C GLY A 29 -11.46 -26.03 15.84
N GLU A 30 -11.22 -24.89 15.20
CA GLU A 30 -10.71 -23.71 15.88
C GLU A 30 -11.68 -23.10 16.86
N ARG A 31 -12.94 -23.09 16.48
CA ARG A 31 -14.00 -22.56 17.33
C ARG A 31 -14.10 -23.37 18.60
N ALA A 32 -13.85 -24.66 18.46
CA ALA A 32 -13.91 -25.61 19.55
C ALA A 32 -12.89 -25.33 20.67
N LYS A 33 -11.81 -24.65 20.35
CA LYS A 33 -10.75 -24.33 21.36
C LYS A 33 -11.06 -23.13 22.27
N VAL A 34 -11.97 -22.28 21.83
CA VAL A 34 -12.18 -20.98 22.44
C VAL A 34 -12.56 -21.14 23.92
N LYS A 35 -11.86 -20.43 24.81
CA LYS A 35 -12.05 -20.63 26.27
C LYS A 35 -12.92 -19.61 26.94
N PHE A 36 -13.26 -18.55 26.24
CA PHE A 36 -14.09 -17.49 26.79
C PHE A 36 -15.39 -17.44 26.01
N PRO A 37 -16.44 -16.87 26.64
CA PRO A 37 -17.65 -16.64 25.86
C PRO A 37 -17.40 -15.39 25.03
N ILE A 38 -17.78 -15.48 23.76
CA ILE A 38 -17.40 -14.46 22.77
C ILE A 38 -18.13 -13.15 23.10
N LYS A 39 -19.39 -13.24 23.46
CA LYS A 39 -20.20 -12.08 23.90
C LYS A 39 -19.43 -11.15 24.85
N ASP A 40 -18.68 -11.70 25.80
CA ASP A 40 -17.95 -10.82 26.73
C ASP A 40 -16.75 -10.11 26.09
N MET A 41 -16.15 -10.72 25.08
CA MET A 41 -15.10 -10.06 24.32
C MET A 41 -15.67 -8.91 23.45
N THR A 42 -16.86 -9.12 22.88
CA THR A 42 -17.57 -8.11 22.14
C THR A 42 -17.97 -6.94 23.04
N GLU A 43 -18.40 -7.23 24.28
CA GLU A 43 -18.67 -6.16 25.30
C GLU A 43 -17.43 -5.33 25.68
N PHE A 44 -16.28 -5.97 25.83
CA PHE A 44 -15.08 -5.21 26.03
C PHE A 44 -14.75 -4.28 24.84
N LEU A 45 -14.84 -4.75 23.60
CA LEU A 45 -14.52 -3.92 22.43
C LEU A 45 -15.41 -2.71 22.30
N HIS A 46 -16.68 -2.87 22.60
CA HIS A 46 -17.64 -1.80 22.38
C HIS A 46 -18.15 -1.17 23.69
N GLY A 47 -17.50 -1.43 24.83
CA GLY A 47 -17.81 -0.78 26.09
C GLY A 47 -19.16 -1.10 26.70
N GLY A 48 -19.53 -2.37 26.72
CA GLY A 48 -20.68 -2.83 27.45
C GLY A 48 -21.82 -3.32 26.60
N GLU A 49 -22.80 -3.86 27.32
CA GLU A 49 -23.96 -4.53 26.79
C GLU A 49 -24.83 -3.60 25.94
N GLU A 50 -25.00 -2.37 26.39
CA GLU A 50 -25.97 -1.44 25.77
C GLU A 50 -25.48 -1.04 24.39
N ASN A 51 -24.21 -0.64 24.38
CA ASN A 51 -23.53 -0.33 23.16
C ASN A 51 -23.58 -1.53 22.16
N VAL A 52 -23.45 -2.77 22.65
CA VAL A 52 -23.38 -3.93 21.79
C VAL A 52 -24.70 -4.11 21.15
N THR A 53 -25.79 -4.01 21.91
CA THR A 53 -27.12 -4.17 21.32
C THR A 53 -27.37 -3.08 20.28
N MET A 54 -26.91 -1.88 20.56
CA MET A 54 -27.10 -0.78 19.62
C MET A 54 -26.40 -1.06 18.27
N ILE A 55 -25.14 -1.44 18.35
CA ILE A 55 -24.36 -1.80 17.20
C ILE A 55 -24.99 -2.97 16.46
N GLU A 56 -25.51 -3.92 17.18
CA GLU A 56 -26.15 -5.05 16.54
C GLU A 56 -27.38 -4.59 15.78
N ARG A 57 -28.11 -3.66 16.37
CA ARG A 57 -29.29 -3.12 15.76
C ARG A 57 -28.96 -2.38 14.49
N LEU A 58 -27.97 -1.52 14.56
CA LEU A 58 -27.53 -0.74 13.42
C LEU A 58 -26.98 -1.57 12.29
N MET A 59 -26.18 -2.58 12.61
CA MET A 59 -25.57 -3.42 11.60
C MET A 59 -26.62 -4.19 10.82
N THR A 60 -27.58 -4.74 11.54
CA THR A 60 -28.69 -5.46 10.91
C THR A 60 -29.59 -4.57 10.06
N GLU A 61 -29.78 -3.33 10.46
CA GLU A 61 -30.54 -2.37 9.68
C GLU A 61 -29.87 -2.05 8.36
N LEU A 62 -28.56 -1.94 8.37
CA LEU A 62 -27.80 -1.69 7.17
C LEU A 62 -27.75 -2.84 6.19
N GLU A 63 -27.45 -4.01 6.71
CA GLU A 63 -27.26 -5.18 5.90
C GLU A 63 -28.52 -5.67 5.20
N ARG A 64 -29.63 -5.52 5.89
CA ARG A 64 -30.93 -5.91 5.39
C ARG A 64 -31.44 -5.00 4.30
N ASP A 65 -30.91 -3.79 4.22
CA ASP A 65 -31.43 -2.82 3.27
C ASP A 65 -31.06 -3.18 1.84
N PRO A 66 -32.05 -3.41 1.01
CA PRO A 66 -31.80 -3.90 -0.35
C PRO A 66 -31.02 -2.92 -1.22
N VAL A 67 -31.31 -1.64 -1.12
CA VAL A 67 -30.60 -0.64 -1.88
C VAL A 67 -29.13 -0.54 -1.48
N LEU A 68 -28.85 -0.71 -0.20
CA LEU A 68 -27.49 -0.72 0.33
C LEU A 68 -26.55 -1.87 -0.08
N ASN A 69 -27.08 -2.94 -0.60
CA ASN A 69 -26.31 -4.16 -0.74
C ASN A 69 -25.01 -3.94 -1.50
N VAL A 70 -23.92 -4.42 -0.92
CA VAL A 70 -22.60 -4.17 -1.45
C VAL A 70 -22.10 -5.35 -2.24
N SER A 71 -22.83 -6.45 -2.22
CA SER A 71 -22.36 -7.71 -2.86
C SER A 71 -21.74 -7.54 -4.30
N GLY A 72 -22.31 -6.67 -5.12
CA GLY A 72 -21.86 -6.50 -6.52
C GLY A 72 -21.09 -5.24 -6.81
N ASP A 73 -20.62 -4.55 -5.77
CA ASP A 73 -19.93 -3.29 -5.93
C ASP A 73 -18.52 -3.46 -6.56
N TYR A 74 -17.90 -4.64 -6.46
CA TYR A 74 -16.54 -4.74 -6.98
C TYR A 74 -16.47 -4.59 -8.53
N ASP A 75 -17.56 -4.91 -9.22
CA ASP A 75 -17.62 -4.91 -10.65
C ASP A 75 -18.18 -3.62 -11.21
N MET A 76 -18.51 -2.67 -10.34
CA MET A 76 -19.22 -1.46 -10.77
C MET A 76 -18.24 -0.45 -11.31
N PRO A 77 -18.47 0.05 -12.53
CA PRO A 77 -17.68 1.20 -13.04
C PRO A 77 -18.09 2.51 -12.34
N LYS A 78 -17.26 3.53 -12.48
CA LYS A 78 -17.45 4.77 -11.75
C LYS A 78 -18.83 5.42 -11.95
N GLU A 79 -19.45 5.32 -13.11
CA GLU A 79 -20.74 6.00 -13.37
C GLU A 79 -21.85 5.39 -12.54
N GLN A 80 -21.71 4.11 -12.22
CA GLN A 80 -22.72 3.38 -11.47
C GLN A 80 -22.54 3.59 -9.99
N LEU A 81 -21.28 3.64 -9.57
CA LEU A 81 -20.94 4.09 -8.20
C LEU A 81 -21.49 5.50 -7.89
N ARG A 82 -21.30 6.41 -8.84
CA ARG A 82 -21.86 7.75 -8.75
C ARG A 82 -23.40 7.69 -8.63
N GLU A 83 -24.07 6.91 -9.47
CA GLU A 83 -25.52 6.90 -9.40
C GLU A 83 -26.03 6.20 -8.14
N THR A 84 -25.46 5.04 -7.77
CA THR A 84 -26.04 4.23 -6.70
C THR A 84 -25.77 4.88 -5.38
N ALA A 85 -24.70 5.66 -5.27
CA ALA A 85 -24.52 6.40 -4.00
C ALA A 85 -25.67 7.33 -3.70
N VAL A 86 -26.32 7.88 -4.71
CA VAL A 86 -27.47 8.77 -4.45
C VAL A 86 -28.67 7.97 -3.97
N ALA A 87 -28.93 6.84 -4.60
CA ALA A 87 -30.02 5.98 -4.19
C ALA A 87 -29.76 5.51 -2.77
N ARG A 88 -28.49 5.24 -2.48
CA ARG A 88 -28.10 4.85 -1.16
C ARG A 88 -28.36 5.97 -0.14
N ILE A 89 -28.10 7.20 -0.52
CA ILE A 89 -28.36 8.35 0.34
C ILE A 89 -29.85 8.52 0.65
N ALA A 90 -30.69 8.31 -0.34
CA ALA A 90 -32.14 8.39 -0.19
C ALA A 90 -32.65 7.37 0.82
N ALA A 91 -32.15 6.12 0.73
CA ALA A 91 -32.43 5.08 1.72
C ALA A 91 -31.93 5.45 3.10
N LEU A 92 -30.67 5.82 3.27
CA LEU A 92 -30.15 6.19 4.63
C LEU A 92 -30.94 7.33 5.24
N SER A 93 -31.40 8.22 4.37
CA SER A 93 -32.20 9.37 4.74
C SER A 93 -33.45 9.08 5.56
N GLY A 94 -34.00 7.88 5.44
CA GLY A 94 -35.07 7.42 6.31
C GLY A 94 -34.76 7.37 7.81
N HIS A 95 -33.49 7.25 8.18
CA HIS A 95 -33.14 7.14 9.59
C HIS A 95 -32.86 8.53 10.22
N TRP A 96 -32.83 9.60 9.44
CA TRP A 96 -32.49 10.89 10.01
C TRP A 96 -33.52 11.38 10.99
N LYS A 97 -34.77 11.08 10.70
CA LYS A 97 -35.85 11.47 11.57
C LYS A 97 -35.62 10.90 12.96
N LYS A 98 -35.49 9.56 13.01
CA LYS A 98 -35.33 8.71 14.21
C LYS A 98 -34.06 8.70 15.08
N ASP A 99 -32.90 8.79 14.45
CA ASP A 99 -31.55 8.57 15.05
C ASP A 99 -31.11 9.69 16.00
N THR A 100 -30.49 9.33 17.12
CA THR A 100 -29.74 10.26 17.95
C THR A 100 -28.37 10.53 17.30
N GLU A 101 -27.66 11.59 17.70
CA GLU A 101 -26.32 11.88 17.20
C GLU A 101 -25.40 10.64 17.30
N LYS A 102 -25.44 9.96 18.43
CA LYS A 102 -24.58 8.79 18.66
C LYS A 102 -24.94 7.67 17.64
N GLU A 103 -26.22 7.49 17.42
CA GLU A 103 -26.67 6.45 16.52
C GLU A 103 -26.23 6.77 15.11
N ALA A 104 -26.41 8.02 14.72
CA ALA A 104 -26.14 8.51 13.38
C ALA A 104 -24.63 8.42 13.08
N LEU A 105 -23.80 8.88 13.99
CA LEU A 105 -22.34 8.74 13.80
C LEU A 105 -21.91 7.27 13.58
N LEU A 106 -22.48 6.38 14.40
CA LEU A 106 -22.07 5.01 14.49
C LEU A 106 -22.67 4.24 13.30
N ARG A 107 -23.85 4.63 12.86
CA ARG A 107 -24.40 4.08 11.63
C ARG A 107 -23.56 4.42 10.41
N SER A 108 -23.11 5.66 10.30
CA SER A 108 -22.25 6.03 9.20
C SER A 108 -20.84 5.38 9.28
N GLN A 109 -20.37 4.99 10.44
CA GLN A 109 -19.04 4.35 10.58
C GLN A 109 -19.12 2.84 10.29
N LEU A 110 -20.15 2.21 10.82
CA LEU A 110 -20.46 0.84 10.48
C LEU A 110 -20.61 0.62 8.95
N HIS A 111 -21.28 1.56 8.29
CA HIS A 111 -21.54 1.48 6.87
C HIS A 111 -20.25 1.65 6.08
N GLY A 112 -19.30 2.40 6.68
CA GLY A 112 -17.97 2.63 6.13
C GLY A 112 -17.09 1.40 6.12
N ILE A 113 -17.46 0.37 6.85
CA ILE A 113 -16.79 -0.92 6.77
C ILE A 113 -16.88 -1.55 5.37
N VAL A 114 -17.98 -1.32 4.67
CA VAL A 114 -18.15 -1.83 3.29
C VAL A 114 -18.46 -0.82 2.19
N ASP A 115 -18.84 0.40 2.53
CA ASP A 115 -19.04 1.43 1.50
C ASP A 115 -18.44 2.76 1.97
N MET A 116 -17.19 2.99 1.64
CA MET A 116 -16.54 4.23 2.04
C MET A 116 -16.90 5.41 1.12
N GLY A 117 -17.54 5.17 -0.02
CA GLY A 117 -17.92 6.22 -0.91
C GLY A 117 -19.20 6.89 -0.49
N THR A 118 -20.25 6.12 -0.30
CA THR A 118 -21.57 6.69 -0.01
C THR A 118 -21.54 7.53 1.27
N ARG A 119 -20.98 6.95 2.31
CA ARG A 119 -20.78 7.65 3.59
C ARG A 119 -20.22 9.07 3.40
N ILE A 120 -19.23 9.24 2.54
CA ILE A 120 -18.58 10.55 2.38
C ILE A 120 -19.40 11.43 1.48
N ARG A 121 -20.03 10.86 0.47
CA ARG A 121 -20.83 11.68 -0.41
C ARG A 121 -21.96 12.32 0.35
N LEU A 122 -22.53 11.60 1.28
CA LEU A 122 -23.46 12.21 2.23
C LEU A 122 -22.72 13.11 3.22
N GLY A 123 -21.67 12.55 3.79
CA GLY A 123 -20.85 13.24 4.78
C GLY A 123 -20.48 14.71 4.50
N VAL A 124 -20.20 15.04 3.25
CA VAL A 124 -19.81 16.40 2.95
C VAL A 124 -20.91 17.40 3.27
N HIS A 125 -22.15 17.10 2.96
CA HIS A 125 -23.24 17.87 3.47
C HIS A 125 -23.52 17.65 4.95
N THR A 126 -23.62 16.39 5.31
CA THR A 126 -24.11 16.00 6.60
C THR A 126 -23.19 16.44 7.74
N GLY A 127 -21.89 16.33 7.53
CA GLY A 127 -20.96 16.78 8.54
C GLY A 127 -20.23 18.08 8.27
N LEU A 128 -19.58 18.17 7.12
CA LEU A 128 -18.80 19.37 6.84
C LEU A 128 -19.57 20.65 6.62
N PHE A 129 -20.57 20.61 5.76
CA PHE A 129 -21.40 21.82 5.52
C PHE A 129 -22.31 22.15 6.69
N MET A 130 -23.08 21.17 7.14
CA MET A 130 -23.92 21.32 8.33
C MET A 130 -23.08 21.65 9.58
N GLY A 131 -21.89 21.08 9.68
CA GLY A 131 -20.94 21.43 10.73
C GLY A 131 -20.52 22.86 10.72
N ALA A 132 -20.29 23.41 9.53
CA ALA A 132 -19.87 24.81 9.38
C ALA A 132 -20.96 25.79 9.73
N ILE A 133 -22.16 25.62 9.20
CA ILE A 133 -23.27 26.55 9.49
C ILE A 133 -23.74 26.49 10.96
N ARG A 134 -23.68 25.30 11.57
CA ARG A 134 -23.99 25.10 12.99
C ARG A 134 -22.82 25.57 13.88
N GLY A 135 -21.60 25.20 13.55
CA GLY A 135 -20.44 25.62 14.28
C GLY A 135 -20.07 27.09 14.16
N SER A 136 -20.30 27.71 13.00
CA SER A 136 -19.81 29.08 12.74
C SER A 136 -20.87 30.16 12.43
N GLY A 137 -22.13 29.78 12.36
CA GLY A 137 -23.19 30.73 12.15
C GLY A 137 -23.84 31.09 13.48
N THR A 138 -24.47 32.26 13.51
CA THR A 138 -25.35 32.63 14.60
C THR A 138 -26.57 31.72 14.53
N LYS A 139 -27.34 31.68 15.61
CA LYS A 139 -28.57 30.91 15.65
C LYS A 139 -29.53 31.32 14.52
N GLU A 140 -29.55 32.59 14.17
CA GLU A 140 -30.51 33.07 13.18
C GLU A 140 -30.10 32.63 11.78
N GLN A 141 -28.78 32.62 11.52
CA GLN A 141 -28.21 32.13 10.26
C GLN A 141 -28.45 30.65 10.07
N TYR A 142 -28.08 29.83 11.07
CA TYR A 142 -28.46 28.40 11.10
C TYR A 142 -29.94 28.18 10.75
N ASP A 143 -30.84 28.85 11.48
CA ASP A 143 -32.29 28.64 11.32
C ASP A 143 -32.73 28.98 9.92
N TYR A 144 -32.12 30.03 9.34
CA TYR A 144 -32.43 30.42 7.96
C TYR A 144 -32.11 29.33 6.92
N TRP A 145 -30.90 28.80 6.99
CA TRP A 145 -30.46 27.74 6.08
C TRP A 145 -31.31 26.46 6.28
N VAL A 146 -31.68 26.16 7.53
CA VAL A 146 -32.61 25.04 7.80
C VAL A 146 -34.02 25.29 7.21
N ARG A 147 -34.51 26.51 7.27
CA ARG A 147 -35.80 26.83 6.60
C ARG A 147 -35.72 26.72 5.08
N LYS A 148 -34.55 27.01 4.51
CA LYS A 148 -34.28 26.77 3.09
C LYS A 148 -34.09 25.29 2.76
N GLY A 149 -34.11 24.40 3.76
CA GLY A 149 -34.10 22.97 3.55
C GLY A 149 -32.79 22.26 3.85
N ALA A 150 -31.84 22.93 4.50
CA ALA A 150 -30.49 22.38 4.61
C ALA A 150 -30.36 21.19 5.58
N ALA A 151 -31.19 21.11 6.60
CA ALA A 151 -31.13 19.98 7.54
C ALA A 151 -31.73 18.72 6.90
N ASP A 152 -32.80 18.88 6.17
CA ASP A 152 -33.53 17.76 5.60
C ASP A 152 -33.09 17.39 4.16
N VAL A 153 -32.08 18.07 3.62
CA VAL A 153 -31.65 17.94 2.21
C VAL A 153 -32.86 17.94 1.29
N LYS A 154 -33.64 19.01 1.38
CA LYS A 154 -34.86 19.24 0.61
C LYS A 154 -34.62 20.46 -0.23
N GLY A 155 -34.59 20.32 -1.55
CA GLY A 155 -34.20 21.43 -2.44
C GLY A 155 -32.90 22.12 -2.06
N PHE A 156 -31.94 21.40 -1.47
CA PHE A 156 -30.70 21.98 -0.89
C PHE A 156 -29.68 20.87 -0.66
N TYR A 157 -28.41 21.12 -0.98
CA TYR A 157 -27.35 20.15 -0.82
C TYR A 157 -26.06 20.96 -0.76
N GLY A 158 -25.37 20.79 0.36
CA GLY A 158 -24.21 21.61 0.71
C GLY A 158 -22.95 20.82 0.47
N CYS A 159 -21.84 21.52 0.37
CA CYS A 159 -20.53 20.92 0.36
C CYS A 159 -19.58 21.93 1.06
N PHE A 160 -18.32 21.57 1.15
CA PHE A 160 -17.36 22.24 2.00
C PHE A 160 -16.17 22.60 1.14
N ALA A 161 -15.96 23.89 0.91
CA ALA A 161 -14.93 24.28 -0.03
C ALA A 161 -13.83 25.05 0.64
N MET A 162 -12.81 24.34 1.04
CA MET A 162 -11.69 24.94 1.69
C MET A 162 -10.46 24.74 0.85
N THR A 163 -10.21 23.49 0.49
CA THR A 163 -9.02 23.15 -0.23
C THR A 163 -8.96 23.80 -1.59
N GLU A 164 -7.77 24.25 -1.95
CA GLU A 164 -7.52 24.86 -3.24
C GLU A 164 -6.45 24.07 -3.90
N LEU A 165 -6.33 24.26 -5.19
CA LEU A 165 -5.35 23.55 -5.94
C LEU A 165 -3.97 23.81 -5.38
N GLY A 166 -3.73 25.05 -4.93
CA GLY A 166 -2.45 25.47 -4.35
C GLY A 166 -2.30 25.32 -2.85
N HIS A 167 -3.41 25.17 -2.12
CA HIS A 167 -3.35 25.05 -0.67
C HIS A 167 -4.22 23.98 -0.05
N GLY A 168 -3.60 23.08 0.70
CA GLY A 168 -4.35 22.06 1.41
C GLY A 168 -4.10 22.04 2.89
N SER A 169 -2.87 21.68 3.25
CA SER A 169 -2.43 21.70 4.65
C SER A 169 -2.39 23.10 5.25
N ASN A 170 -1.92 24.07 4.47
CA ASN A 170 -1.79 25.43 4.95
C ASN A 170 -3.04 26.21 4.67
N VAL A 171 -4.05 26.01 5.49
CA VAL A 171 -5.33 26.66 5.35
C VAL A 171 -5.22 28.17 5.47
N ALA A 172 -4.36 28.62 6.38
CA ALA A 172 -4.09 30.06 6.53
C ALA A 172 -3.63 30.72 5.24
N GLY A 173 -3.00 29.98 4.34
CA GLY A 173 -2.55 30.52 3.04
C GLY A 173 -3.52 30.52 1.88
N LEU A 174 -4.82 30.28 2.09
CA LEU A 174 -5.78 30.27 0.96
C LEU A 174 -5.78 31.59 0.26
N GLU A 175 -6.05 31.55 -1.05
CA GLU A 175 -5.96 32.71 -1.93
C GLU A 175 -7.34 33.25 -2.34
N THR A 176 -8.41 32.49 -2.12
CA THR A 176 -9.74 32.97 -2.55
C THR A 176 -10.14 34.12 -1.66
N THR A 177 -10.69 35.16 -2.26
CA THR A 177 -10.98 36.43 -1.58
C THR A 177 -12.44 36.74 -1.49
N ALA A 178 -12.81 37.42 -0.41
CA ALA A 178 -14.17 37.85 -0.11
C ALA A 178 -14.09 39.35 0.24
N THR A 179 -14.47 40.22 -0.68
CA THR A 179 -14.19 41.64 -0.52
C THR A 179 -15.48 42.36 -0.16
N TYR A 180 -15.50 43.08 0.97
CA TYR A 180 -16.74 43.75 1.40
C TYR A 180 -16.94 44.99 0.53
N ILE A 181 -18.16 45.15 0.04
CA ILE A 181 -18.59 46.36 -0.61
C ILE A 181 -19.70 46.98 0.22
N GLN A 182 -19.45 48.14 0.78
CA GLN A 182 -20.41 48.81 1.64
C GLN A 182 -21.67 49.23 0.93
N ASP A 183 -21.50 49.67 -0.30
CA ASP A 183 -22.56 50.29 -1.05
C ASP A 183 -23.71 49.33 -1.20
N THR A 184 -23.41 48.09 -1.49
CA THR A 184 -24.44 47.09 -1.66
C THR A 184 -24.57 46.15 -0.48
N ASP A 185 -23.74 46.33 0.52
CA ASP A 185 -23.74 45.43 1.67
C ASP A 185 -23.51 43.97 1.27
N GLU A 186 -22.53 43.75 0.40
CA GLU A 186 -22.22 42.46 -0.17
C GLU A 186 -20.75 42.06 0.00
N PHE A 187 -20.49 40.76 -0.12
CA PHE A 187 -19.13 40.27 -0.39
C PHE A 187 -19.00 39.89 -1.87
N ILE A 188 -17.84 40.20 -2.44
CA ILE A 188 -17.41 39.69 -3.72
C ILE A 188 -16.45 38.52 -3.46
N ILE A 189 -16.88 37.31 -3.82
CA ILE A 189 -16.05 36.12 -3.76
C ILE A 189 -15.30 35.92 -5.09
N ASN A 190 -13.96 35.88 -5.02
CA ASN A 190 -13.14 35.83 -6.20
C ASN A 190 -11.97 34.87 -6.09
N THR A 191 -11.79 34.10 -7.15
CA THR A 191 -10.65 33.22 -7.34
C THR A 191 -9.63 34.02 -8.22
N PRO A 192 -8.52 34.53 -7.66
CA PRO A 192 -7.64 35.43 -8.46
C PRO A 192 -6.80 34.81 -9.63
N ASN A 193 -6.37 33.58 -9.43
CA ASN A 193 -5.69 32.80 -10.42
C ASN A 193 -6.19 31.38 -10.34
N THR A 194 -5.92 30.59 -11.37
CA THR A 194 -6.44 29.24 -11.44
C THR A 194 -5.82 28.31 -10.40
N GLY A 195 -4.70 28.75 -9.85
CA GLY A 195 -4.06 28.08 -8.74
C GLY A 195 -4.94 28.05 -7.50
N ALA A 196 -5.78 29.07 -7.35
CA ALA A 196 -6.63 29.17 -6.17
C ALA A 196 -7.97 28.54 -6.43
N THR A 197 -8.09 27.79 -7.51
CA THR A 197 -9.31 27.07 -7.79
C THR A 197 -9.55 26.10 -6.66
N LYS A 198 -10.77 26.09 -6.13
CA LYS A 198 -11.16 25.11 -5.16
C LYS A 198 -11.01 23.71 -5.80
N TRP A 199 -10.63 22.75 -4.95
CA TRP A 199 -10.19 21.45 -5.41
C TRP A 199 -10.53 20.40 -4.40
N TRP A 200 -10.81 19.21 -4.91
CA TRP A 200 -11.28 18.05 -4.15
C TRP A 200 -12.61 18.25 -3.40
N ILE A 201 -13.47 19.16 -3.88
CA ILE A 201 -14.73 19.45 -3.16
C ILE A 201 -15.79 18.35 -3.43
N GLY A 202 -15.93 17.45 -2.45
CA GLY A 202 -16.93 16.38 -2.52
C GLY A 202 -18.33 16.92 -2.64
N GLY A 203 -19.08 16.43 -3.62
CA GLY A 203 -20.46 16.90 -3.86
C GLY A 203 -20.59 18.06 -4.84
N ALA A 204 -19.50 18.80 -5.06
CA ALA A 204 -19.55 19.99 -5.90
C ALA A 204 -19.75 19.67 -7.36
N ALA A 205 -19.23 18.54 -7.81
CA ALA A 205 -19.15 18.30 -9.24
C ALA A 205 -20.56 18.17 -9.77
N HIS A 206 -21.35 17.36 -9.14
CA HIS A 206 -22.70 17.09 -9.63
C HIS A 206 -23.83 17.29 -8.62
N SER A 207 -23.55 17.48 -7.33
CA SER A 207 -24.62 17.38 -6.33
C SER A 207 -25.03 18.67 -5.68
N ALA A 208 -24.05 19.50 -5.36
CA ALA A 208 -24.27 20.60 -4.40
C ALA A 208 -24.95 21.81 -5.01
N THR A 209 -25.96 22.34 -4.30
CA THR A 209 -26.57 23.62 -4.62
C THR A 209 -25.88 24.78 -3.93
N HIS A 210 -25.31 24.51 -2.74
CA HIS A 210 -24.56 25.52 -1.96
C HIS A 210 -23.23 25.02 -1.44
N THR A 211 -22.36 25.94 -1.04
CA THR A 211 -21.08 25.62 -0.43
C THR A 211 -20.76 26.53 0.73
N ALA A 212 -19.91 26.02 1.60
CA ALA A 212 -19.32 26.80 2.68
C ALA A 212 -17.94 27.16 2.13
N CYS A 213 -17.80 28.39 1.62
CA CYS A 213 -16.57 28.81 0.94
C CYS A 213 -15.61 29.49 1.93
N PHE A 214 -14.40 28.96 2.01
CA PHE A 214 -13.34 29.54 2.81
C PHE A 214 -12.59 30.58 1.96
N ALA A 215 -12.61 31.84 2.40
CA ALA A 215 -11.95 32.95 1.71
C ALA A 215 -11.32 33.97 2.65
N ARG A 216 -10.31 34.68 2.18
CA ARG A 216 -9.70 35.75 2.94
C ARG A 216 -10.67 36.89 3.04
N LEU A 217 -10.90 37.37 4.25
CA LEU A 217 -11.83 38.46 4.41
C LEU A 217 -11.10 39.78 4.24
N LEU A 218 -11.54 40.55 3.27
CA LEU A 218 -10.92 41.82 2.98
C LEU A 218 -11.92 42.93 3.17
N VAL A 219 -11.63 43.82 4.09
CA VAL A 219 -12.43 45.00 4.27
C VAL A 219 -11.54 46.23 4.22
N ASP A 220 -11.82 47.11 3.28
CA ASP A 220 -11.11 48.37 3.18
C ASP A 220 -9.61 48.20 3.18
N GLY A 221 -9.15 47.23 2.42
CA GLY A 221 -7.73 47.03 2.22
C GLY A 221 -7.04 46.28 3.31
N LYS A 222 -7.80 45.80 4.27
CA LYS A 222 -7.23 45.05 5.37
C LYS A 222 -7.59 43.60 5.21
N ASP A 223 -6.60 42.74 5.38
CA ASP A 223 -6.81 41.32 5.30
C ASP A 223 -7.02 40.80 6.70
N TYR A 224 -8.20 40.27 6.95
CA TYR A 224 -8.53 39.66 8.26
C TYR A 224 -8.41 38.13 8.32
N GLY A 225 -7.71 37.49 7.39
CA GLY A 225 -7.59 36.02 7.42
C GLY A 225 -8.83 35.31 6.87
N VAL A 226 -8.75 33.98 6.88
CA VAL A 226 -9.69 33.11 6.21
C VAL A 226 -10.95 32.92 7.06
N LYS A 227 -12.14 33.16 6.49
CA LYS A 227 -13.41 32.90 7.17
C LYS A 227 -14.27 32.14 6.22
N ILE A 228 -15.52 31.95 6.61
CA ILE A 228 -16.41 31.02 5.98
C ILE A 228 -17.65 31.78 5.51
N PHE A 229 -18.00 31.59 4.24
CA PHE A 229 -19.16 32.27 3.58
C PHE A 229 -20.03 31.25 2.87
N VAL A 230 -21.35 31.40 2.96
CA VAL A 230 -22.26 30.52 2.21
C VAL A 230 -22.42 31.12 0.83
N VAL A 231 -22.10 30.34 -0.19
CA VAL A 231 -22.28 30.78 -1.57
C VAL A 231 -23.14 29.79 -2.27
N GLN A 232 -24.18 30.27 -2.88
CA GLN A 232 -25.04 29.39 -3.65
C GLN A 232 -24.35 29.05 -4.97
N LEU A 233 -24.20 27.76 -5.25
CA LEU A 233 -23.51 27.26 -6.45
C LEU A 233 -24.45 27.05 -7.61
N ARG A 234 -25.65 26.57 -7.34
CA ARG A 234 -26.62 26.28 -8.39
C ARG A 234 -27.98 26.89 -8.10
N ASP A 235 -28.66 27.29 -9.17
CA ASP A 235 -30.08 27.48 -9.14
C ASP A 235 -30.69 26.11 -8.74
N VAL A 236 -31.48 26.14 -7.68
CA VAL A 236 -32.05 24.95 -7.04
C VAL A 236 -33.02 24.21 -7.99
N SER A 237 -33.87 25.01 -8.58
CA SER A 237 -34.85 24.58 -9.56
C SER A 237 -34.29 23.73 -10.73
N SER A 238 -33.27 24.22 -11.41
CA SER A 238 -32.75 23.59 -12.62
C SER A 238 -31.38 22.89 -12.46
N HIS A 239 -30.71 23.10 -11.31
CA HIS A 239 -29.35 22.64 -11.06
C HIS A 239 -28.33 23.34 -11.95
N SER A 240 -28.68 24.47 -12.59
CA SER A 240 -27.70 25.24 -13.38
C SER A 240 -26.82 26.10 -12.48
N LEU A 241 -25.64 26.41 -13.00
CA LEU A 241 -24.65 27.16 -12.27
C LEU A 241 -25.05 28.59 -12.16
N MET A 242 -24.83 29.19 -10.99
CA MET A 242 -25.14 30.57 -10.75
C MET A 242 -24.12 31.41 -11.48
N PRO A 243 -24.47 32.68 -11.72
CA PRO A 243 -23.54 33.55 -12.40
C PRO A 243 -22.18 33.67 -11.74
N GLY A 244 -21.12 33.56 -12.51
CA GLY A 244 -19.75 33.70 -11.94
C GLY A 244 -19.19 32.46 -11.30
N ILE A 245 -19.96 31.35 -11.31
CA ILE A 245 -19.57 30.08 -10.72
C ILE A 245 -19.17 29.15 -11.86
N ALA A 246 -17.95 28.65 -11.81
CA ALA A 246 -17.51 27.62 -12.69
C ALA A 246 -17.17 26.42 -11.81
N LEU A 247 -17.58 25.25 -12.24
CA LEU A 247 -17.17 24.04 -11.59
C LEU A 247 -17.29 22.81 -12.53
N GLY A 248 -16.62 21.74 -12.16
CA GLY A 248 -16.56 20.54 -12.94
C GLY A 248 -16.15 19.32 -12.16
N ASP A 249 -16.35 18.15 -12.72
CA ASP A 249 -15.92 16.92 -12.10
C ASP A 249 -14.42 16.74 -12.23
N ILE A 250 -13.78 16.47 -11.12
CA ILE A 250 -12.37 16.20 -11.08
C ILE A 250 -12.01 14.86 -11.71
N GLY A 251 -12.96 13.95 -11.75
CA GLY A 251 -12.73 12.70 -12.43
C GLY A 251 -12.20 11.57 -11.60
N LYS A 252 -11.53 10.64 -12.26
CA LYS A 252 -11.12 9.40 -11.64
C LYS A 252 -10.19 9.62 -10.48
N LYS A 253 -10.50 8.95 -9.37
CA LYS A 253 -9.63 8.89 -8.20
C LYS A 253 -9.07 7.49 -7.96
N MET A 254 -8.00 7.39 -7.19
CA MET A 254 -7.51 6.10 -6.77
C MET A 254 -8.66 5.20 -6.21
N GLY A 255 -9.56 5.83 -5.47
CA GLY A 255 -10.61 5.15 -4.74
C GLY A 255 -11.78 6.08 -4.54
N ARG A 256 -12.82 5.57 -3.91
CA ARG A 256 -13.95 6.38 -3.49
C ARG A 256 -14.59 7.12 -4.64
N ASP A 257 -14.77 6.41 -5.73
CA ASP A 257 -15.31 6.99 -6.94
C ASP A 257 -16.77 7.40 -6.82
N ALA A 258 -17.49 6.90 -5.83
CA ALA A 258 -18.89 7.29 -5.67
C ALA A 258 -19.02 8.77 -5.35
N ILE A 259 -17.98 9.38 -4.80
CA ILE A 259 -17.98 10.80 -4.43
C ILE A 259 -17.63 11.68 -5.61
N ASP A 260 -18.43 12.71 -5.82
CA ASP A 260 -18.29 13.62 -6.97
C ASP A 260 -17.45 14.87 -6.65
N ASN A 261 -16.17 14.66 -6.47
CA ASN A 261 -15.27 15.72 -6.09
C ASN A 261 -15.13 16.63 -7.29
N GLY A 262 -15.34 17.91 -7.05
CA GLY A 262 -15.31 18.83 -8.12
C GLY A 262 -14.40 19.96 -7.77
N TRP A 263 -13.96 20.68 -8.82
CA TRP A 263 -13.27 21.95 -8.70
C TRP A 263 -14.26 23.08 -8.82
N ILE A 264 -13.98 24.21 -8.18
CA ILE A 264 -14.81 25.40 -8.30
C ILE A 264 -13.95 26.66 -8.50
N GLN A 265 -14.36 27.51 -9.43
CA GLN A 265 -13.89 28.86 -9.54
C GLN A 265 -15.05 29.83 -9.35
N PHE A 266 -14.78 30.92 -8.60
CA PHE A 266 -15.68 32.06 -8.40
C PHE A 266 -15.11 33.28 -9.09
N THR A 267 -15.92 33.94 -9.89
CA THR A 267 -15.48 35.17 -10.55
C THR A 267 -16.49 36.25 -10.22
N ASN A 268 -16.07 37.15 -9.34
CA ASN A 268 -16.88 38.30 -8.97
C ASN A 268 -18.28 37.97 -8.55
N VAL A 269 -18.40 36.91 -7.75
CA VAL A 269 -19.68 36.42 -7.31
C VAL A 269 -20.14 37.29 -6.12
N ARG A 270 -21.34 37.83 -6.25
CA ARG A 270 -21.85 38.79 -5.32
C ARG A 270 -22.70 38.02 -4.31
N ILE A 271 -22.39 38.12 -3.03
CA ILE A 271 -23.25 37.53 -1.99
C ILE A 271 -23.61 38.57 -0.93
N PRO A 272 -24.78 38.44 -0.27
CA PRO A 272 -25.02 39.40 0.84
C PRO A 272 -23.99 39.22 1.97
N ARG A 273 -23.67 40.29 2.68
CA ARG A 273 -22.90 40.23 3.96
C ARG A 273 -23.36 39.12 4.93
N GLN A 274 -24.68 38.93 5.00
CA GLN A 274 -25.28 38.01 5.96
C GLN A 274 -24.91 36.52 5.67
N ASN A 275 -24.27 36.28 4.51
CA ASN A 275 -23.95 34.93 4.13
C ASN A 275 -22.69 34.48 4.77
N MET A 276 -21.86 35.43 5.20
CA MET A 276 -20.71 35.14 6.04
C MET A 276 -21.21 34.62 7.35
N LEU A 277 -20.64 33.52 7.81
CA LEU A 277 -21.05 32.93 9.09
C LEU A 277 -20.37 33.69 10.25
N MET A 278 -21.15 34.16 11.22
CA MET A 278 -20.62 35.19 12.14
C MET A 278 -20.67 34.93 13.64
N LYS A 279 -20.77 33.67 14.05
CA LYS A 279 -20.67 33.31 15.48
C LYS A 279 -19.39 33.84 16.15
N TYR A 280 -18.26 33.70 15.47
CA TYR A 280 -16.95 34.08 16.00
C TYR A 280 -16.46 35.40 15.47
N ALA A 281 -16.47 35.58 14.16
CA ALA A 281 -16.06 36.84 13.56
C ALA A 281 -17.27 37.52 12.98
N LYS A 282 -17.42 38.83 13.26
CA LYS A 282 -18.60 39.61 12.81
C LYS A 282 -18.15 40.85 12.04
N VAL A 283 -18.97 41.23 11.05
CA VAL A 283 -18.76 42.37 10.18
C VAL A 283 -20.11 43.12 10.15
N SER A 284 -20.09 44.41 10.51
CA SER A 284 -21.31 45.20 10.60
C SER A 284 -21.59 45.74 9.21
N SER A 285 -22.77 46.36 9.08
CA SER A 285 -23.20 46.99 7.83
C SER A 285 -22.39 48.25 7.50
N THR A 286 -21.58 48.69 8.45
CA THR A 286 -20.68 49.81 8.26
C THR A 286 -19.24 49.36 7.95
N GLY A 287 -18.99 48.05 7.92
CA GLY A 287 -17.66 47.53 7.66
C GLY A 287 -16.70 47.44 8.85
N LYS A 288 -17.23 47.46 10.06
CA LYS A 288 -16.40 47.26 11.23
C LYS A 288 -16.37 45.76 11.55
N VAL A 289 -15.16 45.26 11.80
CA VAL A 289 -14.85 43.85 12.05
C VAL A 289 -14.51 43.67 13.53
N SER A 290 -15.14 42.65 14.16
CA SER A 290 -14.93 42.26 15.55
C SER A 290 -14.74 40.75 15.63
N GLN A 291 -13.93 40.30 16.58
CA GLN A 291 -13.63 38.89 16.84
C GLN A 291 -13.60 38.64 18.37
N PRO A 292 -14.80 38.54 19.02
CA PRO A 292 -14.89 38.46 20.51
C PRO A 292 -14.08 37.32 21.15
N PRO A 293 -13.88 37.36 22.45
CA PRO A 293 -13.17 36.30 23.16
C PRO A 293 -13.86 34.94 23.09
N LEU A 294 -15.18 34.91 23.28
CA LEU A 294 -15.94 33.68 23.00
C LEU A 294 -15.39 32.40 23.64
N ALA A 295 -15.38 32.33 24.96
CA ALA A 295 -14.66 31.32 25.71
C ALA A 295 -15.03 29.85 25.45
N GLN A 296 -16.31 29.51 25.28
CA GLN A 296 -16.66 28.13 24.98
C GLN A 296 -16.44 27.89 23.49
N LEU A 297 -15.18 28.00 23.11
CA LEU A 297 -14.71 27.68 21.77
C LEU A 297 -14.28 26.22 21.71
N THR A 298 -14.46 25.52 22.83
CA THR A 298 -13.78 24.28 23.09
C THR A 298 -14.02 23.37 21.92
N TYR A 299 -12.94 22.85 21.38
CA TYR A 299 -13.02 22.05 20.17
C TYR A 299 -13.28 20.62 20.51
N GLY A 300 -14.49 20.38 20.98
CA GLY A 300 -14.97 19.04 21.21
C GLY A 300 -14.95 18.41 19.85
N ALA A 301 -15.22 19.24 18.85
CA ALA A 301 -15.34 18.80 17.49
C ALA A 301 -14.00 18.36 16.92
N LEU A 302 -12.95 19.09 17.24
CA LEU A 302 -11.63 18.73 16.76
C LEU A 302 -11.11 17.42 17.30
N ILE A 303 -11.32 17.20 18.58
CA ILE A 303 -10.96 15.93 19.18
C ILE A 303 -11.90 14.86 18.63
N GLY A 304 -13.17 15.22 18.51
CA GLY A 304 -14.18 14.30 18.07
C GLY A 304 -13.93 13.80 16.67
N GLY A 305 -13.46 14.66 15.80
CA GLY A 305 -13.13 14.29 14.45
C GLY A 305 -11.99 13.32 14.41
N ARG A 306 -10.99 13.55 15.23
CA ARG A 306 -9.88 12.61 15.34
C ARG A 306 -10.22 11.27 16.01
N VAL A 307 -11.05 11.29 17.04
CA VAL A 307 -11.43 10.06 17.74
C VAL A 307 -12.23 9.18 16.79
N THR A 308 -13.10 9.80 15.99
CA THR A 308 -13.87 9.12 14.93
C THR A 308 -12.96 8.37 13.94
N MET A 309 -11.86 8.98 13.55
CA MET A 309 -10.94 8.38 12.59
C MET A 309 -10.10 7.24 13.17
N ILE A 310 -9.85 7.37 14.47
CA ILE A 310 -9.11 6.37 15.20
C ILE A 310 -10.01 5.14 15.29
N ALA A 311 -11.27 5.35 15.66
CA ALA A 311 -12.30 4.30 15.59
C ALA A 311 -12.52 3.71 14.17
N ASP A 312 -12.62 4.54 13.13
CA ASP A 312 -12.69 4.05 11.73
C ASP A 312 -11.55 3.08 11.44
N SER A 313 -10.35 3.36 11.96
CA SER A 313 -9.22 2.51 11.70
C SER A 313 -9.50 1.11 12.27
N PHE A 314 -10.16 1.11 13.42
CA PHE A 314 -10.60 -0.14 14.01
C PHE A 314 -11.64 -0.85 13.15
N PHE A 315 -12.71 -0.11 12.88
CA PHE A 315 -13.81 -0.61 12.13
C PHE A 315 -13.46 -1.24 10.79
N VAL A 316 -12.50 -0.67 10.06
CA VAL A 316 -12.03 -1.26 8.81
C VAL A 316 -11.07 -2.42 9.07
N SER A 317 -10.08 -2.22 9.94
CA SER A 317 -9.07 -3.23 10.15
C SER A 317 -9.60 -4.61 10.54
N GLN A 318 -10.59 -4.64 11.44
CA GLN A 318 -11.19 -5.87 11.95
C GLN A 318 -11.72 -6.79 10.84
N ARG A 319 -12.17 -6.18 9.76
CA ARG A 319 -12.74 -6.90 8.64
C ARG A 319 -11.64 -7.73 7.97
N PHE A 320 -10.58 -7.05 7.56
CA PHE A 320 -9.48 -7.67 6.87
C PHE A 320 -8.62 -8.62 7.69
N ILE A 321 -8.41 -8.27 8.94
CA ILE A 321 -7.74 -9.16 9.85
C ILE A 321 -8.57 -10.41 10.05
N THR A 322 -9.88 -10.25 10.11
CA THR A 322 -10.75 -11.41 10.15
C THR A 322 -10.71 -12.25 8.89
N ILE A 323 -10.74 -11.61 7.73
CA ILE A 323 -10.59 -12.35 6.44
C ILE A 323 -9.29 -13.17 6.42
N ALA A 324 -8.17 -12.50 6.72
CA ALA A 324 -6.84 -13.18 6.63
C ALA A 324 -6.70 -14.32 7.60
N LEU A 325 -7.20 -14.14 8.82
CA LEU A 325 -7.08 -15.16 9.88
C LEU A 325 -7.93 -16.41 9.65
N ARG A 326 -9.16 -16.21 9.19
CA ARG A 326 -10.02 -17.35 8.84
C ARG A 326 -9.45 -18.12 7.68
N TYR A 327 -9.04 -17.41 6.62
CA TYR A 327 -8.25 -18.04 5.55
C TYR A 327 -7.07 -18.81 6.12
N ALA A 328 -6.29 -18.17 6.96
CA ALA A 328 -5.14 -18.84 7.53
C ALA A 328 -5.45 -20.17 8.27
N CYS A 329 -6.64 -20.27 8.88
CA CYS A 329 -6.98 -21.44 9.71
C CYS A 329 -7.31 -22.65 8.88
N VAL A 330 -7.68 -22.40 7.63
CA VAL A 330 -8.02 -23.46 6.70
C VAL A 330 -7.04 -23.70 5.58
N ARG A 331 -6.13 -22.77 5.32
CA ARG A 331 -5.27 -22.90 4.16
C ARG A 331 -4.01 -23.69 4.44
N ARG A 332 -3.80 -24.75 3.67
CA ARG A 332 -2.65 -25.59 3.88
C ARG A 332 -1.69 -25.41 2.72
N GLN A 333 -0.45 -25.07 3.03
CA GLN A 333 0.61 -25.11 2.07
C GLN A 333 1.91 -25.63 2.66
N PHE A 334 2.44 -26.70 2.10
CA PHE A 334 3.74 -27.24 2.44
C PHE A 334 3.64 -28.17 3.63
N GLY A 335 4.51 -29.16 3.69
CA GLY A 335 4.62 -30.00 4.85
C GLY A 335 5.97 -30.68 4.88
N THR A 336 6.43 -31.08 6.06
CA THR A 336 7.64 -31.87 6.14
C THR A 336 7.38 -33.08 7.02
N THR A 337 6.52 -33.96 6.54
CA THR A 337 6.37 -35.28 7.10
C THR A 337 5.84 -36.20 6.03
N PRO A 338 6.37 -37.40 5.93
CA PRO A 338 5.91 -38.33 4.90
C PRO A 338 4.43 -38.70 5.06
N GLY A 339 4.02 -38.95 6.30
CA GLY A 339 2.70 -39.46 6.57
C GLY A 339 1.66 -38.40 6.83
N GLN A 340 2.05 -37.15 6.70
CA GLN A 340 1.22 -36.06 7.17
C GLN A 340 0.73 -35.10 6.10
N PRO A 341 -0.43 -34.52 6.32
CA PRO A 341 -0.98 -33.48 5.45
C PRO A 341 -0.21 -32.18 5.56
N GLU A 342 -0.33 -31.35 4.56
CA GLU A 342 0.29 -30.05 4.59
C GLU A 342 -0.19 -29.21 5.75
N THR A 343 0.74 -28.46 6.32
CA THR A 343 0.47 -27.60 7.45
C THR A 343 -0.43 -26.44 7.06
N LYS A 344 -1.40 -26.14 7.91
CA LYS A 344 -2.17 -24.92 7.78
C LYS A 344 -1.26 -23.76 8.10
N ILE A 345 -1.35 -22.69 7.33
CA ILE A 345 -0.42 -21.58 7.47
C ILE A 345 -0.52 -20.93 8.84
N ILE A 346 -1.69 -21.00 9.45
CA ILE A 346 -1.88 -20.45 10.77
C ILE A 346 -0.92 -21.13 11.73
N ASP A 347 -0.66 -22.39 11.51
CA ASP A 347 0.29 -23.15 12.32
C ASP A 347 1.77 -22.75 12.22
N TYR A 348 2.18 -22.17 11.11
CA TYR A 348 3.52 -21.63 10.98
C TYR A 348 3.77 -20.45 11.91
N PRO A 349 4.93 -20.43 12.57
CA PRO A 349 5.25 -19.30 13.43
C PRO A 349 5.51 -17.96 12.72
N TYR A 350 6.03 -18.01 11.51
CA TYR A 350 6.16 -16.77 10.76
C TYR A 350 4.84 -16.17 10.37
N HIS A 351 3.90 -17.01 10.00
CA HIS A 351 2.62 -16.49 9.62
C HIS A 351 1.86 -15.87 10.83
N GLN A 352 2.02 -16.51 12.00
CA GLN A 352 1.52 -15.98 13.27
C GLN A 352 2.07 -14.58 13.54
N ARG A 353 3.36 -14.39 13.32
CA ARG A 353 4.00 -13.09 13.45
C ARG A 353 3.49 -12.03 12.47
N ARG A 354 3.17 -12.46 11.27
CA ARG A 354 2.58 -11.55 10.30
C ARG A 354 1.22 -11.02 10.70
N LEU A 355 0.36 -11.87 11.24
CA LEU A 355 -1.01 -11.48 11.48
C LEU A 355 -1.43 -11.24 12.93
N LEU A 356 -0.92 -12.02 13.85
CA LEU A 356 -1.45 -11.93 15.23
C LEU A 356 -1.17 -10.58 15.94
N PRO A 357 0.02 -9.95 15.68
CA PRO A 357 0.30 -8.63 16.23
C PRO A 357 -0.66 -7.57 15.71
N LEU A 358 -1.08 -7.75 14.46
CA LEU A 358 -1.96 -6.81 13.80
C LEU A 358 -3.36 -6.99 14.34
N LEU A 359 -3.74 -8.22 14.65
CA LEU A 359 -4.96 -8.51 15.39
C LEU A 359 -4.89 -7.81 16.74
N ALA A 360 -3.74 -7.89 17.39
CA ALA A 360 -3.54 -7.18 18.63
C ALA A 360 -3.61 -5.67 18.41
N PHE A 361 -3.01 -5.21 17.34
CA PHE A 361 -2.99 -3.81 17.00
C PHE A 361 -4.39 -3.27 16.76
N THR A 362 -5.23 -4.03 16.10
CA THR A 362 -6.59 -3.57 15.84
C THR A 362 -7.42 -3.40 17.10
N TYR A 363 -7.28 -4.31 18.06
CA TYR A 363 -7.96 -4.18 19.34
C TYR A 363 -7.47 -2.93 20.04
N ALA A 364 -6.16 -2.70 19.95
CA ALA A 364 -5.50 -1.56 20.56
C ALA A 364 -5.98 -0.24 19.99
N MET A 365 -6.20 -0.20 18.69
CA MET A 365 -6.76 0.97 18.07
C MET A 365 -8.08 1.32 18.74
N LYS A 366 -8.99 0.36 18.86
CA LYS A 366 -10.26 0.67 19.54
C LYS A 366 -10.06 1.21 21.01
N MET A 367 -9.19 0.60 21.79
CA MET A 367 -8.96 1.07 23.16
C MET A 367 -8.43 2.50 23.21
N ALA A 368 -7.61 2.89 22.24
CA ALA A 368 -7.14 4.28 22.19
C ALA A 368 -8.25 5.29 21.78
N ALA A 369 -9.13 4.90 20.90
CA ALA A 369 -10.34 5.67 20.64
C ALA A 369 -11.23 5.83 21.87
N ASP A 370 -11.40 4.77 22.63
CA ASP A 370 -12.28 4.74 23.79
C ASP A 370 -11.63 5.54 24.90
N GLN A 371 -10.35 5.29 25.19
CA GLN A 371 -9.62 6.03 26.21
C GLN A 371 -9.63 7.53 25.94
N SER A 372 -9.54 7.90 24.67
CA SER A 372 -9.54 9.31 24.30
C SER A 372 -10.88 9.98 24.50
N GLN A 373 -11.95 9.28 24.13
CA GLN A 373 -13.31 9.80 24.28
C GLN A 373 -13.69 9.92 25.77
N ILE A 374 -13.26 8.94 26.56
CA ILE A 374 -13.48 8.92 28.00
C ILE A 374 -12.65 10.01 28.69
N GLN A 375 -11.35 10.12 28.41
CA GLN A 375 -10.56 11.20 29.01
C GLN A 375 -11.13 12.58 28.63
N TYR A 376 -11.47 12.76 27.35
CA TYR A 376 -12.17 13.97 26.95
C TYR A 376 -13.49 14.20 27.74
N ASP A 377 -14.32 13.19 27.97
CA ASP A 377 -15.60 13.39 28.69
C ASP A 377 -15.39 13.78 30.17
N GLN A 378 -14.47 13.12 30.86
CA GLN A 378 -14.22 13.43 32.29
C GLN A 378 -13.60 14.84 32.43
N THR A 379 -12.84 15.27 31.42
CA THR A 379 -12.18 16.55 31.43
C THR A 379 -13.18 17.67 31.14
N THR A 380 -14.15 17.42 30.28
CA THR A 380 -15.21 18.39 30.01
C THR A 380 -16.13 18.49 31.23
N ASP A 381 -16.44 17.35 31.85
CA ASP A 381 -17.29 17.31 33.06
C ASP A 381 -16.59 18.00 34.25
N LEU A 382 -15.27 17.83 34.36
CA LEU A 382 -14.46 18.49 35.39
C LEU A 382 -14.44 20.03 35.27
N LEU A 383 -14.44 20.55 34.07
CA LEU A 383 -14.49 22.00 33.89
C LEU A 383 -15.81 22.55 34.39
N GLN A 384 -16.90 21.85 34.09
CA GLN A 384 -18.22 22.31 34.49
C GLN A 384 -18.43 22.38 36.00
N THR A 385 -17.95 21.39 36.74
CA THR A 385 -18.13 21.41 38.19
C THR A 385 -17.45 22.59 38.91
N ILE A 386 -16.27 23.01 38.48
CA ILE A 386 -15.51 24.00 39.24
C ILE A 386 -15.85 25.49 39.01
N ASP A 387 -17.01 25.94 39.50
CA ASP A 387 -17.41 27.34 39.36
C ASP A 387 -16.47 28.29 40.10
N PRO A 388 -16.03 27.84 41.35
CA PRO A 388 -15.31 28.88 42.10
C PRO A 388 -14.05 29.24 41.32
N LYS A 389 -13.72 28.44 40.32
CA LYS A 389 -12.57 28.78 39.51
C LYS A 389 -11.33 28.80 40.38
N ASP A 390 -11.03 27.64 40.96
CA ASP A 390 -9.76 27.46 41.61
C ASP A 390 -8.86 27.38 40.41
N LYS A 391 -8.04 28.41 40.26
CA LYS A 391 -7.34 28.68 39.01
C LYS A 391 -6.33 27.64 38.61
N GLY A 392 -5.61 27.11 39.58
CA GLY A 392 -4.63 26.08 39.32
C GLY A 392 -5.34 24.87 38.79
N ALA A 393 -6.51 24.59 39.34
CA ALA A 393 -7.31 23.45 38.96
C ALA A 393 -7.80 23.55 37.53
N LEU A 394 -8.20 24.75 37.17
CA LEU A 394 -8.71 25.05 35.82
C LEU A 394 -7.55 24.90 34.83
N GLY A 395 -6.42 25.52 35.14
CA GLY A 395 -5.18 25.37 34.37
C GLY A 395 -4.80 23.93 34.03
N LYS A 396 -4.89 23.02 35.02
CA LYS A 396 -4.68 21.59 34.79
C LYS A 396 -5.70 20.97 33.82
N ALA A 397 -6.97 21.36 33.96
CA ALA A 397 -8.05 20.85 33.16
C ALA A 397 -7.89 21.33 31.74
N ILE A 398 -7.43 22.56 31.58
CA ILE A 398 -7.15 23.14 30.28
C ILE A 398 -5.95 22.44 29.60
N VAL A 399 -4.84 22.22 30.33
CA VAL A 399 -3.69 21.54 29.73
C VAL A 399 -3.98 20.06 29.49
N ASP A 400 -4.83 19.46 30.31
CA ASP A 400 -5.29 18.10 30.04
C ASP A 400 -6.00 18.09 28.69
N LEU A 401 -6.93 19.01 28.51
CA LEU A 401 -7.57 19.20 27.22
C LEU A 401 -6.57 19.55 26.07
N LYS A 402 -5.69 20.52 26.29
CA LYS A 402 -4.70 20.84 25.26
C LYS A 402 -3.93 19.56 24.85
N GLU A 403 -3.46 18.76 25.81
CA GLU A 403 -2.59 17.63 25.48
C GLU A 403 -3.34 16.48 24.83
N LEU A 404 -4.62 16.34 25.21
CA LEU A 404 -5.60 15.55 24.46
C LEU A 404 -5.72 15.95 22.99
N PHE A 405 -5.88 17.21 22.65
CA PHE A 405 -5.94 17.56 21.28
C PHE A 405 -4.61 17.16 20.62
N ALA A 406 -3.51 17.46 21.28
CA ALA A 406 -2.20 17.18 20.71
C ALA A 406 -1.90 15.71 20.46
N SER A 407 -2.23 14.89 21.43
CA SER A 407 -2.05 13.44 21.37
C SER A 407 -2.92 12.85 20.29
N SER A 408 -4.00 13.56 20.03
CA SER A 408 -4.97 13.20 19.01
C SER A 408 -4.34 13.16 17.65
N ALA A 409 -3.47 14.11 17.37
CA ALA A 409 -2.87 14.19 16.07
C ALA A 409 -2.06 12.94 15.79
N GLY A 410 -1.28 12.49 16.74
CA GLY A 410 -0.47 11.31 16.52
C GLY A 410 -1.27 10.03 16.35
N LEU A 411 -2.27 9.86 17.20
CA LEU A 411 -3.15 8.71 17.11
C LEU A 411 -3.89 8.63 15.76
N LYS A 412 -4.45 9.73 15.30
CA LYS A 412 -5.02 9.80 13.96
C LYS A 412 -3.99 9.38 12.91
N ALA A 413 -2.79 9.96 12.94
CA ALA A 413 -1.77 9.69 11.93
C ALA A 413 -1.45 8.23 11.87
N PHE A 414 -1.06 7.67 13.01
CA PHE A 414 -0.56 6.29 13.07
C PHE A 414 -1.60 5.19 12.94
N THR A 415 -2.81 5.42 13.45
CA THR A 415 -3.86 4.46 13.32
C THR A 415 -4.37 4.45 11.87
N THR A 416 -4.35 5.59 11.19
CA THR A 416 -4.73 5.55 9.79
C THR A 416 -3.68 4.83 8.95
N TRP A 417 -2.40 5.17 9.11
CA TRP A 417 -1.33 4.43 8.44
C TRP A 417 -1.34 2.92 8.78
N THR A 418 -1.55 2.59 10.04
CA THR A 418 -1.58 1.23 10.46
C THR A 418 -2.73 0.46 9.80
N CYS A 419 -3.92 1.06 9.71
CA CYS A 419 -5.04 0.44 9.04
C CYS A 419 -4.68 0.12 7.58
N ALA A 420 -4.01 1.06 6.91
CA ALA A 420 -3.51 0.84 5.55
C ALA A 420 -2.59 -0.35 5.53
N ASN A 421 -1.65 -0.42 6.47
CA ASN A 421 -0.67 -1.50 6.43
C ASN A 421 -1.34 -2.86 6.62
N ILE A 422 -2.40 -2.90 7.43
CA ILE A 422 -3.08 -4.13 7.80
C ILE A 422 -3.87 -4.65 6.60
N ILE A 423 -4.60 -3.75 5.96
CA ILE A 423 -5.28 -4.09 4.72
C ILE A 423 -4.23 -4.70 3.76
N ASP A 424 -3.10 -4.02 3.61
CA ASP A 424 -2.09 -4.45 2.67
C ASP A 424 -1.48 -5.78 3.07
N GLN A 425 -1.10 -5.91 4.33
CA GLN A 425 -0.53 -7.16 4.88
C GLN A 425 -1.48 -8.33 4.86
N CYS A 426 -2.73 -8.08 5.21
CA CYS A 426 -3.72 -9.12 5.20
C CYS A 426 -3.91 -9.63 3.79
N ARG A 427 -3.81 -8.75 2.82
CA ARG A 427 -3.92 -9.17 1.44
C ARG A 427 -2.79 -10.10 1.06
N GLN A 428 -1.57 -9.76 1.45
CA GLN A 428 -0.43 -10.56 1.09
C GLN A 428 -0.52 -11.92 1.75
N ALA A 429 -0.99 -11.92 2.99
CA ALA A 429 -1.21 -13.15 3.76
C ALA A 429 -2.19 -14.15 3.13
N CYS A 430 -3.02 -13.71 2.18
CA CYS A 430 -3.93 -14.58 1.47
C CYS A 430 -3.39 -14.91 0.07
N GLY A 431 -2.10 -14.59 -0.17
CA GLY A 431 -1.46 -14.98 -1.41
C GLY A 431 -2.13 -14.37 -2.61
N GLY A 432 -2.06 -15.03 -3.76
CA GLY A 432 -2.76 -14.59 -4.96
C GLY A 432 -4.27 -14.41 -4.84
N HIS A 433 -4.92 -15.15 -3.95
CA HIS A 433 -6.34 -14.90 -3.69
C HIS A 433 -6.61 -13.56 -3.00
N GLY A 434 -5.55 -12.92 -2.48
CA GLY A 434 -5.65 -11.54 -2.03
C GLY A 434 -5.94 -10.57 -3.17
N TYR A 435 -5.53 -10.94 -4.36
CA TYR A 435 -5.54 -10.03 -5.46
C TYR A 435 -6.93 -10.14 -6.16
N SER A 436 -7.79 -11.07 -5.72
CA SER A 436 -9.13 -11.15 -6.26
C SER A 436 -9.93 -9.97 -5.75
N GLY A 437 -10.46 -9.16 -6.66
CA GLY A 437 -11.31 -8.04 -6.27
C GLY A 437 -12.44 -8.41 -5.28
N TYR A 438 -12.96 -9.63 -5.38
CA TYR A 438 -14.08 -10.08 -4.52
C TYR A 438 -13.69 -10.27 -3.06
N ASN A 439 -12.40 -10.46 -2.79
CA ASN A 439 -11.98 -10.54 -1.42
C ASN A 439 -11.69 -9.17 -0.78
N GLY A 440 -11.91 -8.06 -1.51
CA GLY A 440 -12.06 -6.73 -0.95
C GLY A 440 -10.81 -5.93 -0.70
N PHE A 441 -9.67 -6.60 -0.56
CA PHE A 441 -8.42 -5.92 -0.27
C PHE A 441 -8.13 -4.72 -1.20
N GLY A 442 -8.29 -4.90 -2.50
CA GLY A 442 -7.90 -3.91 -3.53
C GLY A 442 -8.70 -2.65 -3.35
N GLN A 443 -10.02 -2.81 -3.33
CA GLN A 443 -10.94 -1.68 -3.22
C GLN A 443 -10.85 -0.99 -1.82
N ALA A 444 -10.86 -1.79 -0.77
CA ALA A 444 -10.66 -1.24 0.55
C ALA A 444 -9.33 -0.43 0.67
N TYR A 445 -8.23 -0.94 0.14
CA TYR A 445 -6.98 -0.22 0.25
C TYR A 445 -6.99 1.14 -0.48
N ALA A 446 -7.52 1.12 -1.68
CA ALA A 446 -7.71 2.31 -2.50
C ALA A 446 -8.65 3.29 -1.85
N ASP A 447 -9.74 2.81 -1.30
CA ASP A 447 -10.66 3.67 -0.57
C ASP A 447 -10.12 4.22 0.75
N TRP A 448 -9.42 3.39 1.51
CA TRP A 448 -8.91 3.80 2.82
C TRP A 448 -7.89 4.91 2.81
N VAL A 449 -7.00 4.87 1.86
CA VAL A 449 -5.73 5.53 1.90
C VAL A 449 -5.82 7.07 2.00
N VAL A 450 -6.89 7.65 1.50
CA VAL A 450 -7.08 9.08 1.57
C VAL A 450 -7.16 9.59 3.02
N GLN A 451 -7.53 8.72 3.95
CA GLN A 451 -7.64 9.05 5.37
C GLN A 451 -6.33 9.57 5.91
N CYS A 452 -5.23 9.08 5.36
CA CYS A 452 -3.92 9.62 5.64
C CYS A 452 -3.66 11.03 5.14
N THR A 453 -4.33 11.43 4.07
CA THR A 453 -4.07 12.74 3.48
C THR A 453 -5.01 13.84 3.95
N TRP A 454 -6.30 13.57 3.92
CA TRP A 454 -7.33 14.49 4.38
C TRP A 454 -7.51 14.53 5.90
N GLU A 455 -8.16 15.56 6.40
CA GLU A 455 -8.31 15.72 7.84
C GLU A 455 -6.96 15.82 8.47
N GLY A 456 -6.05 16.47 7.77
CA GLY A 456 -4.71 16.70 8.25
C GLY A 456 -3.77 15.70 7.68
N ASP A 457 -2.79 16.15 6.91
CA ASP A 457 -1.82 15.24 6.34
C ASP A 457 -1.08 14.57 7.47
N ASN A 458 -0.92 13.27 7.36
CA ASN A 458 -0.33 12.52 8.47
C ASN A 458 1.06 13.01 8.88
N ASN A 459 1.89 13.31 7.88
CA ASN A 459 3.26 13.75 8.10
C ASN A 459 3.26 15.14 8.70
N VAL A 460 2.35 15.99 8.24
CA VAL A 460 2.25 17.32 8.80
C VAL A 460 1.73 17.27 10.24
N LEU A 461 0.77 16.41 10.54
CA LEU A 461 0.32 16.24 11.94
C LEU A 461 1.44 15.73 12.85
N CYS A 462 2.22 14.75 12.38
CA CYS A 462 3.31 14.19 13.18
C CYS A 462 4.40 15.23 13.50
N LEU A 463 4.75 16.05 12.52
CA LEU A 463 5.75 17.11 12.74
C LEU A 463 5.25 18.23 13.68
N SER A 464 3.97 18.56 13.64
CA SER A 464 3.39 19.53 14.56
C SER A 464 3.35 18.98 15.94
N MET A 465 2.90 17.74 16.07
CA MET A 465 2.78 17.19 17.37
C MET A 465 4.17 17.01 17.98
N GLY A 466 5.16 16.64 17.15
CA GLY A 466 6.59 16.53 17.55
C GLY A 466 7.22 17.81 18.06
N ARG A 467 6.95 18.91 17.35
CA ARG A 467 7.20 20.27 17.84
C ARG A 467 6.40 20.54 19.11
N GLY A 468 5.12 20.17 19.13
CA GLY A 468 4.32 20.36 20.31
C GLY A 468 4.82 19.68 21.59
N LEU A 469 5.49 18.53 21.44
CA LEU A 469 5.99 17.81 22.60
C LEU A 469 7.26 18.46 23.16
N ILE A 470 8.09 19.00 22.28
CA ILE A 470 9.27 19.70 22.66
C ILE A 470 8.91 21.01 23.43
N GLN A 471 7.90 21.72 22.92
CA GLN A 471 7.34 22.88 23.60
C GLN A 471 6.72 22.52 24.95
N SER A 472 6.04 21.38 25.04
CA SER A 472 5.50 20.92 26.34
C SER A 472 6.60 20.62 27.37
N CYS A 473 7.65 19.93 26.93
CA CYS A 473 8.80 19.56 27.73
C CYS A 473 9.55 20.81 28.19
N LEU A 474 9.87 21.73 27.27
CA LEU A 474 10.53 23.02 27.59
C LEU A 474 9.68 23.91 28.52
N GLY A 475 8.37 24.05 28.26
CA GLY A 475 7.49 24.76 29.20
C GLY A 475 7.40 24.12 30.59
N HIS A 476 7.55 22.81 30.69
CA HIS A 476 7.65 22.17 31.99
C HIS A 476 8.90 22.57 32.77
N ARG A 477 10.01 22.64 32.06
CA ARG A 477 11.30 22.98 32.65
C ARG A 477 11.29 24.38 33.20
N LYS A 478 10.43 25.21 32.63
CA LYS A 478 10.25 26.59 33.03
C LYS A 478 9.15 26.73 34.07
N GLY A 479 8.64 25.60 34.53
CA GLY A 479 7.71 25.60 35.62
C GLY A 479 6.25 25.46 35.25
N LYS A 480 5.87 25.34 33.97
CA LYS A 480 4.44 25.06 33.64
C LYS A 480 4.03 23.60 33.97
N PRO A 481 2.78 23.37 34.41
CA PRO A 481 2.30 21.99 34.63
C PRO A 481 2.10 21.20 33.31
N LEU A 482 2.30 19.88 33.37
CA LEU A 482 2.12 19.00 32.22
C LEU A 482 0.72 18.42 32.18
N GLY A 483 0.14 18.41 30.98
CA GLY A 483 -1.12 17.72 30.77
C GLY A 483 -0.98 16.24 31.04
N SER A 484 -2.10 15.66 31.47
CA SER A 484 -2.21 14.26 31.80
C SER A 484 -1.55 13.33 30.75
N SER A 485 -1.72 13.66 29.47
CA SER A 485 -1.19 12.81 28.37
C SER A 485 0.32 12.74 28.25
N VAL A 486 1.05 13.70 28.82
CA VAL A 486 2.50 13.72 28.77
C VAL A 486 3.12 13.86 30.15
N GLY A 487 2.38 13.45 31.19
CA GLY A 487 2.87 13.45 32.60
C GLY A 487 4.15 12.68 32.86
N TYR A 488 4.37 11.60 32.10
CA TYR A 488 5.61 10.79 32.20
C TYR A 488 6.92 11.62 31.97
N LEU A 489 6.80 12.77 31.31
CA LEU A 489 7.92 13.74 31.14
C LEU A 489 8.46 14.37 32.46
N ALA A 490 7.62 14.31 33.51
CA ALA A 490 7.93 14.73 34.88
C ALA A 490 8.52 13.61 35.72
N ASN A 491 8.44 12.38 35.24
CA ASN A 491 8.91 11.24 35.98
C ASN A 491 10.42 10.99 35.83
N LYS A 492 11.16 11.38 36.87
CA LYS A 492 12.63 11.40 36.85
C LYS A 492 13.24 10.07 37.32
N GLY A 493 12.40 9.14 37.76
CA GLY A 493 12.82 7.75 37.95
C GLY A 493 13.27 7.09 36.65
N LEU A 494 12.82 7.65 35.52
CA LEU A 494 13.12 7.14 34.16
C LEU A 494 14.54 7.39 33.71
N GLU A 495 15.19 8.41 34.27
CA GLU A 495 16.59 8.69 33.93
C GLU A 495 17.46 7.45 34.17
N GLN A 496 17.32 6.84 35.34
CA GLN A 496 18.14 5.71 35.78
C GLN A 496 17.51 4.36 35.39
N ALA A 497 16.18 4.32 35.19
CA ALA A 497 15.44 3.04 34.98
C ALA A 497 16.05 2.09 33.93
N THR A 498 16.07 0.81 34.29
CA THR A 498 16.55 -0.27 33.44
C THR A 498 15.72 -1.48 33.75
N LEU A 499 15.84 -2.51 32.94
CA LEU A 499 15.09 -3.72 33.18
C LEU A 499 15.46 -4.35 34.51
N SER A 500 16.74 -4.44 34.81
CA SER A 500 17.20 -4.88 36.12
C SER A 500 16.66 -6.25 36.52
N GLY A 501 16.58 -7.16 35.57
CA GLY A 501 16.18 -8.52 35.85
C GLY A 501 14.70 -8.67 36.13
N ARG A 502 13.94 -7.63 35.82
CA ARG A 502 12.51 -7.66 36.02
C ARG A 502 11.83 -8.52 34.97
N ASP A 503 10.59 -8.86 35.25
CA ASP A 503 9.79 -9.66 34.34
C ASP A 503 9.23 -8.88 33.15
N LEU A 504 9.55 -9.38 31.96
CA LEU A 504 9.08 -8.86 30.70
C LEU A 504 7.65 -9.29 30.38
N LYS A 505 7.04 -10.11 31.23
CA LYS A 505 5.63 -10.45 31.11
C LYS A 505 4.75 -9.51 31.93
N ASP A 506 5.36 -8.65 32.70
CA ASP A 506 4.61 -7.76 33.59
C ASP A 506 4.24 -6.48 32.81
N PRO A 507 2.95 -6.23 32.61
CA PRO A 507 2.55 -4.96 32.00
C PRO A 507 3.17 -3.69 32.62
N LYS A 508 3.36 -3.63 33.94
CA LYS A 508 3.92 -2.43 34.56
C LYS A 508 5.33 -2.12 34.10
N VAL A 509 6.04 -3.15 33.69
CA VAL A 509 7.43 -3.03 33.31
C VAL A 509 7.52 -2.52 31.86
N LEU A 510 6.79 -3.22 31.00
CA LEU A 510 6.65 -2.86 29.60
C LEU A 510 6.08 -1.43 29.44
N ILE A 511 5.15 -1.03 30.31
CA ILE A 511 4.72 0.38 30.30
C ILE A 511 5.89 1.34 30.59
N GLU A 512 6.64 1.02 31.64
CA GLU A 512 7.75 1.85 32.05
C GLU A 512 8.77 1.96 30.91
N ALA A 513 8.99 0.85 30.23
CA ALA A 513 9.95 0.82 29.13
C ALA A 513 9.55 1.74 27.94
N TRP A 514 8.25 1.85 27.64
CA TRP A 514 7.75 2.82 26.63
C TRP A 514 7.79 4.28 27.14
N GLU A 515 7.57 4.47 28.44
CA GLU A 515 7.78 5.78 29.07
C GLU A 515 9.23 6.17 29.00
N LYS A 516 10.14 5.22 29.21
CA LYS A 516 11.54 5.58 29.13
C LYS A 516 11.94 6.09 27.75
N VAL A 517 11.67 5.31 26.71
CA VAL A 517 12.15 5.67 25.38
C VAL A 517 11.46 6.94 24.83
N ALA A 518 10.18 7.15 25.15
CA ALA A 518 9.47 8.39 24.80
C ALA A 518 10.09 9.58 25.46
N ASN A 519 10.24 9.49 26.78
CA ASN A 519 10.89 10.56 27.55
C ASN A 519 12.32 10.83 27.08
N GLY A 520 13.07 9.76 26.84
CA GLY A 520 14.44 9.89 26.36
C GLY A 520 14.51 10.70 25.12
N ALA A 521 13.74 10.32 24.12
CA ALA A 521 13.79 10.96 22.84
C ALA A 521 13.38 12.44 22.96
N ILE A 522 12.32 12.71 23.72
CA ILE A 522 11.82 14.08 23.90
C ILE A 522 12.76 14.99 24.71
N GLN A 523 13.28 14.49 25.83
CA GLN A 523 14.25 15.29 26.61
C GLN A 523 15.50 15.63 25.77
N ARG A 524 16.02 14.67 25.00
CA ARG A 524 17.26 14.93 24.21
C ARG A 524 16.98 15.92 23.08
N ALA A 525 15.84 15.73 22.42
CA ALA A 525 15.38 16.67 21.39
C ALA A 525 15.15 18.07 21.97
N THR A 526 14.55 18.15 23.15
CA THR A 526 14.37 19.44 23.80
C THR A 526 15.72 20.07 24.17
N ASP A 527 16.67 19.26 24.70
CA ASP A 527 18.05 19.75 24.97
C ASP A 527 18.71 20.36 23.73
N LYS A 528 18.62 19.66 22.59
CA LYS A 528 19.24 20.12 21.33
C LYS A 528 18.60 21.41 20.82
N PHE A 529 17.30 21.54 21.03
CA PHE A 529 16.56 22.72 20.64
C PHE A 529 17.06 23.93 21.42
N VAL A 530 17.34 23.70 22.70
CA VAL A 530 17.95 24.69 23.58
C VAL A 530 19.41 25.03 23.15
N GLU A 531 20.24 24.04 22.79
CA GLU A 531 21.59 24.35 22.30
C GLU A 531 21.49 25.18 21.01
N LEU A 532 20.51 24.85 20.16
CA LEU A 532 20.42 25.45 18.84
C LEU A 532 19.88 26.87 18.86
N THR A 533 18.91 27.13 19.72
CA THR A 533 18.44 28.50 19.94
C THR A 533 19.46 29.43 20.63
N LYS A 534 20.15 28.91 21.63
CA LYS A 534 21.18 29.65 22.34
C LYS A 534 22.27 29.96 21.36
N GLY A 535 22.47 29.02 20.45
CA GLY A 535 23.42 29.09 19.38
C GLY A 535 22.98 30.11 18.35
N GLY A 536 21.79 30.66 18.55
CA GLY A 536 21.28 31.73 17.72
C GLY A 536 20.24 31.45 16.65
N LEU A 537 19.84 30.20 16.49
CA LEU A 537 18.72 29.89 15.61
C LEU A 537 17.42 30.39 16.22
N SER A 538 16.47 30.74 15.35
CA SER A 538 15.13 31.15 15.77
C SER A 538 14.39 29.92 16.19
N PRO A 539 13.26 30.04 16.84
CA PRO A 539 12.55 28.79 17.19
C PRO A 539 12.22 27.94 15.96
N ASP A 540 11.69 28.59 14.94
CA ASP A 540 11.40 27.91 13.68
C ASP A 540 12.58 27.17 13.04
N GLN A 541 13.76 27.79 12.98
CA GLN A 541 14.90 27.17 12.31
C GLN A 541 15.45 25.95 13.07
N ALA A 542 15.32 26.03 14.38
CA ALA A 542 15.71 24.94 15.27
C ALA A 542 14.81 23.71 15.06
N PHE A 543 13.49 23.92 15.05
CA PHE A 543 12.54 22.82 14.78
C PHE A 543 12.80 22.16 13.40
N GLU A 544 13.12 22.97 12.39
CA GLU A 544 13.48 22.46 11.04
C GLU A 544 14.75 21.59 11.10
N GLU A 545 15.78 22.07 11.77
CA GLU A 545 16.99 21.27 12.05
C GLU A 545 16.69 19.95 12.75
N LEU A 546 15.58 19.89 13.50
CA LEU A 546 15.19 18.71 14.28
C LEU A 546 13.93 18.01 13.74
N SER A 547 13.80 18.00 12.41
CA SER A 547 12.66 17.38 11.74
C SER A 547 12.55 15.88 11.96
N GLN A 548 13.66 15.15 11.86
CA GLN A 548 13.70 13.73 12.15
C GLN A 548 13.36 13.48 13.63
N GLN A 549 13.94 14.28 14.53
CA GLN A 549 13.69 14.11 15.97
C GLN A 549 12.22 14.41 16.29
N ARG A 550 11.66 15.47 15.72
CA ARG A 550 10.22 15.76 15.98
C ARG A 550 9.26 14.64 15.54
N PHE A 551 9.51 14.10 14.35
CA PHE A 551 8.80 12.94 13.84
C PHE A 551 8.94 11.73 14.75
N GLN A 552 10.19 11.41 15.12
CA GLN A 552 10.46 10.29 16.05
C GLN A 552 9.72 10.46 17.42
N CYS A 553 9.81 11.66 17.99
CA CYS A 553 9.04 11.94 19.18
C CYS A 553 7.56 11.69 19.00
N ALA A 554 6.99 12.16 17.90
CA ALA A 554 5.55 11.90 17.62
C ALA A 554 5.29 10.39 17.58
N LYS A 555 6.21 9.69 16.95
CA LYS A 555 6.07 8.25 16.76
C LYS A 555 6.18 7.50 18.07
N ILE A 556 7.18 7.81 18.89
CA ILE A 556 7.40 7.04 20.11
C ILE A 556 6.31 7.34 21.12
N HIS A 557 5.93 8.59 21.23
CA HIS A 557 4.87 8.97 22.14
C HIS A 557 3.51 8.31 21.80
N THR A 558 3.17 8.28 20.50
CA THR A 558 1.95 7.65 20.04
C THR A 558 1.99 6.13 20.34
N ARG A 559 3.13 5.50 20.13
CA ARG A 559 3.21 4.09 20.38
C ARG A 559 2.99 3.72 21.84
N LYS A 560 3.60 4.53 22.69
CA LYS A 560 3.48 4.44 24.11
C LYS A 560 2.05 4.70 24.52
N HIS A 561 1.40 5.67 23.92
CA HIS A 561 -0.03 5.88 24.21
C HIS A 561 -0.97 4.68 23.87
N LEU A 562 -0.75 4.03 22.72
CA LEU A 562 -1.46 2.76 22.35
C LEU A 562 -1.29 1.66 23.38
N VAL A 563 -0.05 1.47 23.84
CA VAL A 563 0.30 0.51 24.89
C VAL A 563 -0.45 0.83 26.19
N THR A 564 -0.35 2.08 26.61
CA THR A 564 -0.98 2.53 27.84
C THR A 564 -2.48 2.35 27.78
N ALA A 565 -3.10 2.83 26.70
CA ALA A 565 -4.56 2.74 26.58
C ALA A 565 -5.06 1.31 26.55
N PHE A 566 -4.33 0.39 25.90
CA PHE A 566 -4.72 -1.01 25.93
C PHE A 566 -4.80 -1.56 27.38
N TYR A 567 -3.71 -1.42 28.12
CA TYR A 567 -3.65 -1.92 29.53
C TYR A 567 -4.66 -1.23 30.48
N GLU A 568 -4.75 0.10 30.38
CA GLU A 568 -5.69 0.89 31.19
C GLU A 568 -7.13 0.46 31.01
N ARG A 569 -7.50 0.16 29.77
CA ARG A 569 -8.90 -0.20 29.46
C ARG A 569 -9.20 -1.63 29.91
N ILE A 570 -8.19 -2.50 29.86
CA ILE A 570 -8.31 -3.88 30.37
C ILE A 570 -8.53 -3.85 31.89
N ASN A 571 -7.64 -3.16 32.60
CA ASN A 571 -7.74 -2.99 34.03
C ASN A 571 -9.09 -2.37 34.37
N ALA A 572 -9.49 -1.33 33.66
CA ALA A 572 -10.74 -0.62 34.00
C ALA A 572 -12.03 -1.35 33.68
N SER A 573 -12.12 -2.09 32.57
CA SER A 573 -13.42 -2.55 32.06
C SER A 573 -13.58 -4.02 31.65
N ALA A 574 -12.51 -4.80 31.69
CA ALA A 574 -12.56 -6.20 31.25
C ALA A 574 -13.07 -7.17 32.34
N LYS A 575 -14.16 -7.87 32.02
CA LYS A 575 -14.66 -8.96 32.86
C LYS A 575 -13.60 -10.05 33.03
N ALA A 576 -13.71 -10.79 34.13
CA ALA A 576 -12.67 -11.71 34.56
C ALA A 576 -12.42 -12.81 33.54
N ASP A 577 -13.47 -13.30 32.86
CA ASP A 577 -13.34 -14.47 31.96
C ASP A 577 -12.58 -14.18 30.64
N VAL A 578 -12.55 -12.90 30.24
CA VAL A 578 -11.80 -12.48 29.08
C VAL A 578 -10.44 -11.89 29.41
N LYS A 579 -10.27 -11.39 30.65
CA LYS A 579 -9.13 -10.56 31.01
C LYS A 579 -7.78 -11.22 30.65
N PRO A 580 -7.57 -12.52 31.01
CA PRO A 580 -6.24 -13.12 30.69
C PRO A 580 -5.95 -13.19 29.20
N TYR A 581 -6.98 -13.33 28.39
CA TYR A 581 -6.83 -13.44 26.90
C TYR A 581 -6.55 -12.07 26.30
N LEU A 582 -7.16 -11.01 26.86
CA LEU A 582 -6.80 -9.65 26.49
C LEU A 582 -5.34 -9.28 26.87
N ILE A 583 -4.88 -9.66 28.06
CA ILE A 583 -3.50 -9.36 28.48
C ILE A 583 -2.53 -10.03 27.52
N ASN A 584 -2.87 -11.28 27.14
CA ASN A 584 -2.13 -12.03 26.15
C ASN A 584 -2.04 -11.24 24.86
N LEU A 585 -3.16 -10.73 24.37
CA LEU A 585 -3.16 -9.83 23.21
C LEU A 585 -2.27 -8.61 23.44
N ALA A 586 -2.51 -7.94 24.58
CA ALA A 586 -1.80 -6.69 24.94
C ALA A 586 -0.29 -6.89 25.03
N ASN A 587 0.12 -7.98 25.68
CA ASN A 587 1.56 -8.33 25.77
C ASN A 587 2.19 -8.56 24.44
N LEU A 588 1.45 -9.22 23.54
CA LEU A 588 1.94 -9.46 22.16
C LEU A 588 2.11 -8.13 21.46
N PHE A 589 1.07 -7.29 21.52
CA PHE A 589 1.20 -5.96 20.95
C PHE A 589 2.48 -5.29 21.44
N THR A 590 2.63 -5.25 22.76
CA THR A 590 3.59 -4.40 23.38
C THR A 590 5.01 -4.95 23.16
N LEU A 591 5.17 -6.26 23.30
CA LEU A 591 6.48 -6.89 23.11
C LEU A 591 6.89 -6.92 21.64
N TRP A 592 5.90 -7.07 20.75
CA TRP A 592 6.16 -7.03 19.34
C TRP A 592 6.68 -5.62 18.98
N SER A 593 5.98 -4.59 19.49
CA SER A 593 6.36 -3.20 19.28
C SER A 593 7.77 -2.89 19.74
N ILE A 594 8.17 -3.47 20.87
CA ILE A 594 9.52 -3.38 21.37
C ILE A 594 10.49 -4.04 20.42
N GLU A 595 10.12 -5.20 19.93
CA GLU A 595 10.94 -5.94 18.99
C GLU A 595 11.16 -5.23 17.66
N GLU A 596 10.12 -4.59 17.16
CA GLU A 596 10.21 -3.81 15.94
C GLU A 596 11.12 -2.62 16.09
N ASP A 597 11.22 -2.08 17.29
CA ASP A 597 12.06 -0.92 17.51
C ASP A 597 13.04 -1.18 18.64
N SER A 598 13.84 -2.20 18.45
CA SER A 598 14.79 -2.68 19.45
C SER A 598 15.80 -1.62 19.78
N GLY A 599 16.20 -0.85 18.77
CA GLY A 599 17.24 0.14 18.89
C GLY A 599 16.93 1.21 19.90
N LEU A 600 15.68 1.59 20.01
CA LEU A 600 15.29 2.62 20.94
C LEU A 600 15.64 2.17 22.34
N PHE A 601 15.31 0.93 22.64
CA PHE A 601 15.58 0.32 23.94
C PHE A 601 17.03 0.07 24.28
N LEU A 602 17.82 -0.31 23.28
CA LEU A 602 19.27 -0.43 23.42
C LEU A 602 19.92 0.93 23.71
N ARG A 603 19.59 1.92 22.89
CA ARG A 603 20.19 3.22 23.00
C ARG A 603 19.94 3.93 24.33
N GLU A 604 18.74 3.78 24.91
CA GLU A 604 18.45 4.36 26.24
C GLU A 604 18.99 3.52 27.37
N GLY A 605 19.36 2.28 27.10
CA GLY A 605 20.01 1.44 28.09
C GLY A 605 19.05 0.72 29.00
N PHE A 606 17.76 0.69 28.63
CA PHE A 606 16.77 -0.10 29.37
C PHE A 606 16.98 -1.62 29.20
N LEU A 607 17.38 -2.02 28.01
CA LEU A 607 17.66 -3.41 27.66
C LEU A 607 19.12 -3.52 27.17
N GLN A 608 19.69 -4.70 27.31
CA GLN A 608 21.01 -4.99 26.73
C GLN A 608 20.80 -6.05 25.62
N PRO A 609 21.84 -6.29 24.79
CA PRO A 609 21.79 -7.29 23.71
C PRO A 609 21.09 -8.61 24.08
N LYS A 610 21.34 -9.13 25.28
CA LYS A 610 20.73 -10.37 25.70
C LYS A 610 19.21 -10.21 25.93
N ASP A 611 18.73 -9.02 26.27
CA ASP A 611 17.30 -8.84 26.56
C ASP A 611 16.40 -8.83 25.31
N ILE A 612 16.97 -8.48 24.17
CA ILE A 612 16.30 -8.53 22.88
C ILE A 612 15.99 -9.97 22.49
N ASP A 613 16.97 -10.85 22.67
CA ASP A 613 16.75 -12.30 22.48
C ASP A 613 15.54 -12.74 23.26
N GLN A 614 15.46 -12.33 24.52
CA GLN A 614 14.34 -12.73 25.41
C GLN A 614 13.00 -12.20 24.91
N VAL A 615 13.00 -10.93 24.48
CA VAL A 615 11.84 -10.28 23.86
C VAL A 615 11.39 -11.09 22.66
N THR A 616 12.32 -11.48 21.78
CA THR A 616 11.98 -12.35 20.63
C THR A 616 11.26 -13.63 21.12
N GLU A 617 11.79 -14.26 22.15
CA GLU A 617 11.20 -15.49 22.64
C GLU A 617 9.80 -15.24 23.18
N LEU A 618 9.59 -14.10 23.81
CA LEU A 618 8.29 -13.79 24.40
C LEU A 618 7.22 -13.53 23.34
N VAL A 619 7.58 -12.79 22.29
CA VAL A 619 6.72 -12.55 21.14
C VAL A 619 6.29 -13.90 20.49
N ASN A 620 7.25 -14.80 20.24
CA ASN A 620 6.94 -16.18 19.80
C ASN A 620 5.99 -16.90 20.71
N HIS A 621 6.26 -16.81 22.02
CA HIS A 621 5.38 -17.42 23.02
C HIS A 621 3.95 -16.88 22.98
N TYR A 622 3.79 -15.57 22.98
CA TYR A 622 2.43 -14.97 22.95
C TYR A 622 1.74 -15.15 21.62
N CYS A 623 2.52 -15.14 20.54
CA CYS A 623 2.00 -15.61 19.26
C CYS A 623 1.27 -16.95 19.43
N LYS A 624 1.89 -17.94 20.07
CA LYS A 624 1.26 -19.26 20.22
C LYS A 624 0.06 -19.18 21.16
N GLU A 625 0.09 -18.34 22.17
CA GLU A 625 -1.07 -18.21 23.11
C GLU A 625 -2.28 -17.55 22.48
N VAL A 626 -2.00 -16.58 21.63
CA VAL A 626 -3.02 -15.86 20.89
C VAL A 626 -3.58 -16.75 19.76
N ARG A 627 -2.68 -17.42 19.03
CA ARG A 627 -3.11 -18.34 18.00
C ARG A 627 -4.12 -19.39 18.42
N ASP A 628 -4.00 -19.90 19.64
CA ASP A 628 -4.89 -20.94 20.11
C ASP A 628 -6.32 -20.43 20.15
N GLN A 629 -6.50 -19.18 20.51
CA GLN A 629 -7.80 -18.59 20.70
C GLN A 629 -8.26 -17.73 19.55
N VAL A 630 -7.64 -17.86 18.39
CA VAL A 630 -7.81 -16.92 17.31
C VAL A 630 -9.25 -16.77 16.81
N ALA A 631 -9.98 -17.86 16.75
CA ALA A 631 -11.37 -17.82 16.34
C ALA A 631 -12.21 -17.00 17.29
N GLY A 632 -11.94 -17.07 18.58
CA GLY A 632 -12.64 -16.23 19.54
C GLY A 632 -12.38 -14.74 19.42
N TYR A 633 -11.12 -14.36 19.26
CA TYR A 633 -10.79 -12.96 19.09
C TYR A 633 -11.48 -12.34 17.84
N THR A 634 -11.53 -13.10 16.73
CA THR A 634 -12.06 -12.62 15.45
C THR A 634 -13.57 -12.67 15.39
N ASP A 635 -14.15 -13.74 15.94
CA ASP A 635 -15.62 -13.83 16.06
C ASP A 635 -16.16 -12.79 16.99
N ALA A 636 -15.33 -12.34 17.96
CA ALA A 636 -15.73 -11.24 18.87
C ALA A 636 -16.15 -9.92 18.21
N PHE A 637 -15.63 -9.65 16.99
CA PHE A 637 -16.03 -8.44 16.23
C PHE A 637 -17.50 -8.48 15.80
N GLY A 638 -18.10 -9.67 15.68
CA GLY A 638 -19.52 -9.82 15.35
C GLY A 638 -19.92 -9.36 13.94
N LEU A 639 -19.05 -9.62 12.98
CA LEU A 639 -19.29 -9.22 11.61
C LEU A 639 -20.04 -10.32 10.89
N SER A 640 -21.18 -10.01 10.29
CA SER A 640 -21.86 -10.95 9.42
C SER A 640 -21.13 -11.02 8.08
N ASP A 641 -21.50 -12.01 7.28
CA ASP A 641 -20.86 -12.22 6.04
C ASP A 641 -21.08 -10.99 5.13
N TRP A 642 -22.17 -10.27 5.33
CA TRP A 642 -22.44 -9.09 4.53
C TRP A 642 -21.36 -8.02 4.76
N PHE A 643 -20.90 -7.84 6.03
CA PHE A 643 -19.83 -6.85 6.39
C PHE A 643 -18.43 -7.30 5.99
N ILE A 644 -18.24 -8.61 6.04
CA ILE A 644 -17.01 -9.23 5.61
C ILE A 644 -16.82 -9.02 4.12
N ASN A 645 -17.88 -9.25 3.37
CA ASN A 645 -17.93 -8.97 1.94
C ASN A 645 -16.75 -9.57 1.18
N ALA A 646 -16.35 -10.76 1.59
CA ALA A 646 -15.31 -11.51 0.90
C ALA A 646 -15.59 -12.98 1.10
N PRO A 647 -15.55 -13.78 0.04
CA PRO A 647 -15.88 -15.20 0.14
C PRO A 647 -14.96 -16.01 1.04
N ILE A 648 -13.67 -15.73 0.98
CA ILE A 648 -12.70 -16.46 1.77
C ILE A 648 -12.79 -16.14 3.27
N GLY A 649 -13.44 -15.03 3.60
CA GLY A 649 -13.66 -14.63 4.97
C GLY A 649 -14.99 -14.94 5.64
N ASN A 650 -15.86 -15.70 4.99
CA ASN A 650 -17.17 -16.02 5.57
C ASN A 650 -17.08 -16.81 6.87
N TYR A 651 -18.11 -16.71 7.68
CA TYR A 651 -18.12 -17.25 9.01
C TYR A 651 -17.93 -18.76 9.04
N ASP A 652 -18.58 -19.47 8.14
CA ASP A 652 -18.53 -20.92 8.12
C ASP A 652 -17.20 -21.52 7.69
N GLY A 653 -16.38 -20.73 7.02
CA GLY A 653 -15.06 -21.17 6.66
C GLY A 653 -14.95 -21.99 5.41
N ASP A 654 -16.01 -22.06 4.63
CA ASP A 654 -15.99 -22.82 3.40
C ASP A 654 -15.38 -22.00 2.27
N VAL A 655 -14.08 -21.77 2.39
CA VAL A 655 -13.37 -20.75 1.65
C VAL A 655 -13.42 -20.92 0.13
N TYR A 656 -13.13 -22.12 -0.35
CA TYR A 656 -13.14 -22.46 -1.76
C TYR A 656 -14.54 -22.57 -2.37
N LYS A 657 -15.48 -23.09 -1.63
CA LYS A 657 -16.85 -23.20 -2.13
C LYS A 657 -17.45 -21.81 -2.38
N HIS A 658 -17.33 -20.88 -1.43
CA HIS A 658 -17.93 -19.56 -1.60
C HIS A 658 -17.24 -18.71 -2.69
N TYR A 659 -15.91 -18.70 -2.67
CA TYR A 659 -15.04 -18.08 -3.67
C TYR A 659 -15.35 -18.55 -5.07
N PHE A 660 -15.39 -19.87 -5.29
CA PHE A 660 -15.80 -20.37 -6.62
C PHE A 660 -17.26 -19.93 -6.95
N ALA A 661 -18.13 -19.90 -5.93
CA ALA A 661 -19.51 -19.48 -6.14
C ALA A 661 -19.57 -18.04 -6.58
N LYS A 662 -18.72 -17.20 -5.96
CA LYS A 662 -18.79 -15.73 -6.13
C LYS A 662 -18.29 -15.35 -7.53
N VAL A 663 -17.18 -15.97 -7.92
CA VAL A 663 -16.63 -15.78 -9.24
C VAL A 663 -17.59 -16.11 -10.37
N ASN A 664 -18.24 -17.29 -10.30
CA ASN A 664 -19.21 -17.73 -11.33
C ASN A 664 -20.48 -16.93 -11.32
N GLN A 665 -20.95 -16.49 -10.17
CA GLN A 665 -22.15 -15.63 -10.08
C GLN A 665 -21.94 -14.32 -10.82
N GLN A 666 -20.81 -13.68 -10.58
CA GLN A 666 -20.45 -12.42 -11.22
C GLN A 666 -19.88 -12.61 -12.59
N ASN A 667 -19.38 -13.79 -12.89
CA ASN A 667 -18.76 -14.02 -14.18
C ASN A 667 -19.28 -15.31 -14.77
N PRO A 668 -20.53 -15.32 -15.23
CA PRO A 668 -21.10 -16.55 -15.76
C PRO A 668 -20.32 -17.02 -16.97
N ALA A 669 -20.04 -18.31 -17.01
CA ALA A 669 -19.08 -18.86 -17.93
C ALA A 669 -19.60 -19.57 -19.18
N GLN A 670 -20.90 -19.54 -19.41
CA GLN A 670 -21.45 -20.31 -20.52
C GLN A 670 -20.94 -19.92 -21.90
N ASN A 671 -20.70 -18.65 -22.16
CA ASN A 671 -20.06 -18.25 -23.39
C ASN A 671 -18.54 -18.22 -23.27
N PRO A 672 -17.85 -19.08 -24.00
CA PRO A 672 -16.39 -19.13 -23.91
C PRO A 672 -15.68 -18.04 -24.73
N ARG A 673 -16.39 -17.26 -25.52
CA ARG A 673 -15.66 -16.26 -26.28
C ARG A 673 -15.99 -14.85 -25.82
N PRO A 674 -15.00 -13.99 -25.90
CA PRO A 674 -15.14 -12.64 -25.38
C PRO A 674 -16.09 -11.81 -26.20
N PRO A 675 -16.70 -10.75 -25.62
CA PRO A 675 -17.55 -9.86 -26.44
C PRO A 675 -16.83 -9.27 -27.71
N TYR A 676 -15.50 -9.22 -27.68
CA TYR A 676 -14.73 -8.66 -28.75
C TYR A 676 -14.12 -9.72 -29.66
N TYR A 677 -14.68 -10.92 -29.64
CA TYR A 677 -14.08 -11.99 -30.40
C TYR A 677 -14.08 -11.79 -31.90
N GLU A 678 -15.23 -11.41 -32.43
CA GLU A 678 -15.36 -11.16 -33.86
C GLU A 678 -14.65 -9.91 -34.34
N SER A 679 -14.80 -8.85 -33.56
CA SER A 679 -14.18 -7.57 -33.86
C SER A 679 -12.68 -7.51 -33.72
N THR A 680 -12.14 -8.13 -32.68
CA THR A 680 -10.75 -7.90 -32.35
C THR A 680 -9.86 -9.14 -32.30
N LEU A 681 -10.19 -10.09 -31.44
CA LEU A 681 -9.41 -11.31 -31.28
C LEU A 681 -9.36 -12.28 -32.47
N ARG A 682 -10.49 -12.52 -33.10
CA ARG A 682 -10.53 -13.41 -34.24
C ARG A 682 -9.80 -12.88 -35.48
N PRO A 683 -9.98 -11.61 -35.82
CA PRO A 683 -9.18 -10.99 -36.90
C PRO A 683 -7.67 -11.07 -36.71
N PHE A 684 -7.20 -10.88 -35.48
CA PHE A 684 -5.81 -11.08 -35.17
C PHE A 684 -5.33 -12.54 -35.29
N LEU A 685 -5.89 -13.47 -34.51
CA LEU A 685 -5.47 -14.89 -34.62
C LEU A 685 -5.52 -15.42 -36.05
N PHE A 686 -6.49 -14.97 -36.84
CA PHE A 686 -6.66 -15.44 -38.23
C PHE A 686 -6.18 -14.47 -39.31
N ARG A 687 -5.28 -13.58 -38.94
CA ARG A 687 -4.73 -12.62 -39.86
C ARG A 687 -3.95 -13.24 -41.01
N GLU A 688 -3.95 -12.56 -42.14
CA GLU A 688 -3.20 -12.99 -43.31
C GLU A 688 -1.71 -12.81 -43.16
N ASP A 689 -0.98 -13.58 -43.94
CA ASP A 689 0.47 -13.52 -43.99
C ASP A 689 0.95 -12.22 -44.59
N GLU A 690 2.14 -11.81 -44.21
CA GLU A 690 2.79 -10.63 -44.79
C GLU A 690 3.02 -10.82 -46.31
N ASP A 691 2.85 -9.72 -47.06
CA ASP A 691 3.40 -9.58 -48.42
C ASP A 691 4.90 -9.32 -48.35
N ASP A 692 5.70 -10.31 -48.70
CA ASP A 692 7.15 -10.16 -48.74
C ASP A 692 7.70 -10.12 -50.18
N ASP A 693 6.91 -9.67 -51.14
CA ASP A 693 7.47 -9.31 -52.42
C ASP A 693 8.26 -8.03 -52.25
N ILE A 694 9.20 -7.87 -53.16
CA ILE A 694 10.06 -6.72 -53.22
C ILE A 694 9.90 -6.17 -54.61
N CYS A 695 9.94 -4.86 -54.72
CA CYS A 695 9.76 -4.18 -55.97
C CYS A 695 10.85 -4.54 -56.97
N GLU A 696 10.45 -4.69 -58.21
CA GLU A 696 11.36 -4.99 -59.28
C GLU A 696 12.24 -3.79 -59.64
N LEU A 697 13.51 -4.05 -59.90
CA LEU A 697 14.41 -3.02 -60.35
C LEU A 697 15.50 -3.66 -61.19
N ASP A 698 15.63 -3.26 -62.45
CA ASP A 698 16.64 -3.84 -63.30
C ASP A 698 18.02 -3.49 -62.73
N GLU A 699 18.84 -4.51 -62.53
CA GLU A 699 20.08 -4.40 -61.79
C GLU A 699 19.85 -4.42 -60.28
N ASN B 9 2.43 35.56 -4.45
CA ASN B 9 3.17 36.28 -5.54
C ASN B 9 4.69 36.35 -5.23
N VAL B 10 5.49 36.10 -6.28
CA VAL B 10 6.94 35.85 -6.20
C VAL B 10 7.56 36.57 -7.41
N GLU B 11 8.78 37.08 -7.24
CA GLU B 11 9.46 37.77 -8.34
C GLU B 11 10.74 37.03 -8.69
N ILE B 12 10.85 36.63 -9.95
CA ILE B 12 12.05 35.98 -10.40
C ILE B 12 12.59 36.67 -11.62
N ASP B 13 13.85 37.08 -11.57
CA ASP B 13 14.46 37.76 -12.68
C ASP B 13 13.63 38.98 -13.06
N GLY B 14 13.14 39.68 -12.05
CA GLY B 14 12.41 40.91 -12.27
C GLY B 14 11.01 40.75 -12.82
N LYS B 15 10.47 39.54 -12.74
CA LYS B 15 9.16 39.26 -13.29
C LYS B 15 8.24 38.62 -12.27
N GLN B 16 6.95 38.75 -12.49
CA GLN B 16 5.98 38.31 -11.51
C GLN B 16 5.32 37.01 -11.86
N TYR B 17 5.27 36.14 -10.87
CA TYR B 17 4.67 34.82 -11.00
C TYR B 17 3.67 34.64 -9.87
N ASN B 18 2.70 33.76 -10.05
CA ASN B 18 1.73 33.46 -8.99
C ASN B 18 1.73 31.92 -8.74
N THR B 19 0.88 31.38 -7.86
CA THR B 19 0.78 29.97 -7.61
C THR B 19 0.68 29.15 -8.92
N PHE B 20 -0.18 29.61 -9.81
CA PHE B 20 -0.33 29.03 -11.13
C PHE B 20 0.85 29.18 -12.09
N THR B 21 1.44 30.36 -12.14
CA THR B 21 2.52 30.68 -13.09
C THR B 21 3.94 30.26 -12.74
N GLU B 22 4.26 30.16 -11.46
CA GLU B 22 5.62 29.88 -11.01
C GLU B 22 6.25 28.54 -11.35
N PRO B 23 5.47 27.49 -11.35
CA PRO B 23 6.07 26.16 -11.29
C PRO B 23 7.01 25.88 -12.43
N PRO B 24 6.70 26.26 -13.66
CA PRO B 24 7.66 26.00 -14.73
C PRO B 24 8.99 26.69 -14.50
N LYS B 25 8.95 27.92 -13.97
CA LYS B 25 10.13 28.69 -13.63
C LYS B 25 10.97 28.12 -12.49
N ALA B 26 10.32 27.72 -11.41
CA ALA B 26 10.99 26.99 -10.33
C ALA B 26 11.78 25.76 -10.82
N LEU B 27 11.15 24.89 -11.62
CA LEU B 27 11.82 23.63 -12.06
C LEU B 27 13.00 23.95 -13.00
N ALA B 28 12.85 24.97 -13.83
CA ALA B 28 13.99 25.46 -14.63
C ALA B 28 15.17 25.90 -13.75
N GLY B 29 14.85 26.57 -12.64
CA GLY B 29 15.85 26.94 -11.64
C GLY B 29 16.63 25.74 -11.17
N GLU B 30 15.93 24.63 -10.88
CA GLU B 30 16.60 23.43 -10.39
C GLU B 30 17.48 22.82 -11.47
N ARG B 31 17.04 22.88 -12.72
CA ARG B 31 17.87 22.41 -13.81
C ARG B 31 19.13 23.25 -13.92
N ALA B 32 19.00 24.56 -13.71
CA ALA B 32 20.15 25.45 -13.70
C ALA B 32 21.27 25.04 -12.73
N LYS B 33 20.95 24.46 -11.59
CA LYS B 33 21.99 24.01 -10.62
C LYS B 33 22.81 22.78 -11.01
N VAL B 34 22.32 21.99 -11.95
CA VAL B 34 22.89 20.65 -12.25
C VAL B 34 24.37 20.76 -12.72
N LYS B 35 25.25 20.00 -12.11
CA LYS B 35 26.70 20.14 -12.36
C LYS B 35 27.30 19.06 -13.21
N PHE B 36 26.49 18.14 -13.72
CA PHE B 36 26.99 17.08 -14.59
C PHE B 36 26.17 17.03 -15.88
N PRO B 37 26.72 16.41 -16.92
CA PRO B 37 25.93 16.28 -18.14
C PRO B 37 24.95 15.16 -17.93
N ILE B 38 23.66 15.40 -18.17
CA ILE B 38 22.68 14.40 -17.75
C ILE B 38 22.84 13.08 -18.57
N LYS B 39 23.32 13.19 -19.81
CA LYS B 39 23.56 12.04 -20.68
C LYS B 39 24.54 11.02 -20.12
N ASP B 40 25.53 11.47 -19.35
CA ASP B 40 26.46 10.49 -18.77
C ASP B 40 25.87 9.75 -17.60
N MET B 41 24.93 10.40 -16.91
CA MET B 41 24.24 9.73 -15.81
C MET B 41 23.32 8.64 -16.39
N THR B 42 22.69 8.94 -17.52
CA THR B 42 21.87 7.92 -18.24
C THR B 42 22.72 6.73 -18.70
N GLU B 43 23.90 7.01 -19.21
CA GLU B 43 24.87 5.97 -19.57
C GLU B 43 25.27 5.07 -18.41
N PHE B 44 25.49 5.69 -17.28
CA PHE B 44 25.76 4.94 -16.07
C PHE B 44 24.59 4.03 -15.75
N LEU B 45 23.39 4.61 -15.66
CA LEU B 45 22.16 3.82 -15.33
C LEU B 45 21.93 2.61 -16.26
N HIS B 46 22.22 2.75 -17.56
CA HIS B 46 21.95 1.67 -18.53
C HIS B 46 23.16 0.98 -19.15
N GLY B 47 24.36 1.12 -18.58
CA GLY B 47 25.52 0.38 -19.10
C GLY B 47 26.10 0.88 -20.41
N GLY B 48 26.00 2.18 -20.68
CA GLY B 48 26.76 2.82 -21.73
C GLY B 48 25.90 3.28 -22.88
N GLU B 49 26.59 3.76 -23.91
CA GLU B 49 26.01 4.57 -24.97
C GLU B 49 25.07 3.78 -25.88
N GLU B 50 25.50 2.58 -26.22
CA GLU B 50 24.74 1.71 -27.10
C GLU B 50 23.41 1.28 -26.54
N ASN B 51 23.43 0.74 -25.33
CA ASN B 51 22.20 0.40 -24.63
C ASN B 51 21.24 1.62 -24.56
N VAL B 52 21.80 2.80 -24.28
CA VAL B 52 21.00 4.02 -24.19
C VAL B 52 20.32 4.36 -25.48
N THR B 53 21.01 4.31 -26.61
CA THR B 53 20.33 4.62 -27.88
C THR B 53 19.28 3.55 -28.24
N MET B 54 19.52 2.30 -27.87
CA MET B 54 18.56 1.22 -28.09
C MET B 54 17.31 1.51 -27.28
N ILE B 55 17.48 1.79 -25.98
CA ILE B 55 16.38 2.24 -25.09
C ILE B 55 15.60 3.43 -25.66
N GLU B 56 16.32 4.44 -26.10
CA GLU B 56 15.67 5.58 -26.72
C GLU B 56 14.83 5.16 -27.94
N ARG B 57 15.38 4.34 -28.83
CA ARG B 57 14.71 3.94 -30.04
C ARG B 57 13.42 3.21 -29.76
N LEU B 58 13.50 2.31 -28.80
CA LEU B 58 12.38 1.52 -28.30
C LEU B 58 11.31 2.40 -27.67
N MET B 59 11.72 3.35 -26.84
CA MET B 59 10.74 4.16 -26.17
C MET B 59 9.95 4.98 -27.16
N THR B 60 10.66 5.55 -28.13
CA THR B 60 10.01 6.32 -29.18
C THR B 60 9.08 5.52 -30.08
N GLU B 61 9.45 4.29 -30.41
CA GLU B 61 8.53 3.36 -31.16
C GLU B 61 7.28 3.04 -30.37
N LEU B 62 7.37 2.87 -29.06
CA LEU B 62 6.17 2.77 -28.24
C LEU B 62 5.29 4.02 -28.12
N GLU B 63 5.89 5.19 -27.90
CA GLU B 63 5.14 6.44 -27.69
C GLU B 63 4.33 6.86 -28.89
N ARG B 64 4.94 6.70 -30.05
CA ARG B 64 4.37 7.10 -31.32
C ARG B 64 3.15 6.32 -31.76
N ASP B 65 3.09 5.05 -31.39
CA ASP B 65 2.17 4.11 -31.90
C ASP B 65 0.79 4.54 -31.36
N PRO B 66 -0.07 5.10 -32.23
CA PRO B 66 -1.38 5.54 -31.77
C PRO B 66 -2.18 4.48 -31.00
N VAL B 67 -2.13 3.21 -31.41
CA VAL B 67 -2.85 2.10 -30.72
C VAL B 67 -2.44 1.97 -29.22
N LEU B 68 -1.18 2.20 -28.89
CA LEU B 68 -0.69 2.05 -27.56
C LEU B 68 -0.89 3.23 -26.66
N ASN B 69 -1.36 4.35 -27.19
CA ASN B 69 -1.55 5.54 -26.38
C ASN B 69 -2.31 5.22 -25.10
N VAL B 70 -1.71 5.59 -23.98
CA VAL B 70 -2.17 5.29 -22.64
C VAL B 70 -2.86 6.45 -21.93
N SER B 71 -3.04 7.55 -22.63
CA SER B 71 -3.51 8.78 -22.03
C SER B 71 -4.89 8.63 -21.39
N GLY B 72 -5.77 7.88 -22.04
CA GLY B 72 -7.11 7.68 -21.55
C GLY B 72 -7.36 6.45 -20.71
N ASP B 73 -6.30 5.74 -20.36
CA ASP B 73 -6.42 4.45 -19.67
C ASP B 73 -7.07 4.50 -18.29
N TYR B 74 -6.79 5.55 -17.53
CA TYR B 74 -7.30 5.65 -16.18
C TYR B 74 -8.82 5.63 -16.12
N ASP B 75 -9.47 6.18 -17.13
CA ASP B 75 -10.92 6.25 -17.16
C ASP B 75 -11.59 4.99 -17.68
N MET B 76 -10.77 4.04 -18.10
CA MET B 76 -11.25 2.85 -18.78
C MET B 76 -11.84 1.80 -17.87
N PRO B 77 -13.08 1.39 -18.12
CA PRO B 77 -13.61 0.20 -17.43
C PRO B 77 -12.94 -1.16 -17.86
N LYS B 78 -13.15 -2.19 -17.06
CA LYS B 78 -12.55 -3.50 -17.27
C LYS B 78 -12.81 -4.06 -18.68
N GLU B 79 -14.00 -3.88 -19.21
CA GLU B 79 -14.34 -4.38 -20.53
C GLU B 79 -13.51 -3.77 -21.64
N GLN B 80 -13.26 -2.47 -21.53
CA GLN B 80 -12.36 -1.75 -22.40
C GLN B 80 -10.90 -2.19 -22.27
N LEU B 81 -10.48 -2.42 -21.05
CA LEU B 81 -9.11 -2.83 -20.82
C LEU B 81 -8.89 -4.17 -21.48
N ARG B 82 -9.88 -5.04 -21.39
CA ARG B 82 -9.78 -6.35 -21.98
C ARG B 82 -9.68 -6.35 -23.50
N GLU B 83 -10.54 -5.60 -24.16
CA GLU B 83 -10.51 -5.44 -25.60
C GLU B 83 -9.27 -4.71 -26.10
N THR B 84 -8.92 -3.66 -25.40
CA THR B 84 -7.86 -2.78 -25.76
C THR B 84 -6.53 -3.55 -25.75
N ALA B 85 -6.40 -4.44 -24.81
CA ALA B 85 -5.18 -5.20 -24.69
C ALA B 85 -4.93 -6.02 -25.93
N VAL B 86 -5.97 -6.58 -26.51
CA VAL B 86 -5.86 -7.31 -27.78
C VAL B 86 -5.45 -6.48 -28.99
N ALA B 87 -6.04 -5.31 -29.15
CA ALA B 87 -5.64 -4.37 -30.21
C ALA B 87 -4.16 -4.03 -29.99
N ARG B 88 -3.77 -3.84 -28.72
CA ARG B 88 -2.37 -3.50 -28.46
C ARG B 88 -1.41 -4.66 -28.78
N ILE B 89 -1.81 -5.88 -28.49
CA ILE B 89 -1.03 -7.03 -28.88
C ILE B 89 -0.85 -7.01 -30.39
N ALA B 90 -1.92 -6.73 -31.15
CA ALA B 90 -1.81 -6.72 -32.62
C ALA B 90 -0.76 -5.72 -33.12
N ALA B 91 -0.73 -4.55 -32.50
CA ALA B 91 0.25 -3.54 -32.87
C ALA B 91 1.68 -3.95 -32.43
N LEU B 92 1.85 -4.46 -31.23
CA LEU B 92 3.17 -4.85 -30.75
C LEU B 92 3.74 -5.99 -31.56
N SER B 93 2.84 -6.84 -32.11
CA SER B 93 3.25 -7.95 -32.98
C SER B 93 4.01 -7.57 -34.23
N GLY B 94 3.88 -6.32 -34.67
CA GLY B 94 4.65 -5.80 -35.79
C GLY B 94 6.16 -5.85 -35.59
N HIS B 95 6.62 -5.88 -34.33
CA HIS B 95 8.02 -5.92 -33.98
C HIS B 95 8.62 -7.34 -33.78
N TRP B 96 7.80 -8.37 -33.83
CA TRP B 96 8.29 -9.75 -33.64
C TRP B 96 9.27 -10.22 -34.70
N LYS B 97 9.01 -9.93 -35.97
CA LYS B 97 9.94 -10.37 -37.02
C LYS B 97 11.36 -9.81 -36.75
N LYS B 98 11.48 -8.51 -36.46
CA LYS B 98 12.80 -7.86 -36.42
C LYS B 98 13.52 -7.85 -35.06
N ASP B 99 12.82 -7.86 -33.93
CA ASP B 99 13.53 -7.73 -32.62
C ASP B 99 14.47 -8.90 -32.29
N THR B 100 15.61 -8.58 -31.69
CA THR B 100 16.46 -9.56 -31.01
C THR B 100 15.80 -9.91 -29.67
N GLU B 101 16.20 -11.02 -29.06
CA GLU B 101 15.70 -11.40 -27.73
C GLU B 101 15.94 -10.23 -26.76
N LYS B 102 17.07 -9.54 -26.93
CA LYS B 102 17.42 -8.42 -26.05
C LYS B 102 16.41 -7.29 -26.21
N GLU B 103 16.14 -6.92 -27.46
CA GLU B 103 15.20 -5.84 -27.75
C GLU B 103 13.75 -6.12 -27.33
N ALA B 104 13.30 -7.37 -27.56
CA ALA B 104 11.96 -7.82 -27.18
C ALA B 104 11.69 -7.73 -25.65
N LEU B 105 12.59 -8.25 -24.83
CA LEU B 105 12.47 -8.13 -23.37
C LEU B 105 12.40 -6.65 -22.99
N LEU B 106 13.36 -5.90 -23.51
CA LEU B 106 13.54 -4.54 -23.10
C LEU B 106 12.33 -3.70 -23.50
N ARG B 107 11.82 -3.94 -24.69
CA ARG B 107 10.67 -3.22 -25.21
C ARG B 107 9.46 -3.49 -24.35
N SER B 108 9.33 -4.75 -23.96
CA SER B 108 8.29 -5.16 -23.07
C SER B 108 8.38 -4.58 -21.64
N GLN B 109 9.57 -4.51 -21.07
CA GLN B 109 9.74 -3.85 -19.78
C GLN B 109 9.48 -2.35 -19.86
N LEU B 110 9.91 -1.74 -20.94
CA LEU B 110 9.70 -0.32 -21.12
C LEU B 110 8.21 -0.04 -21.21
N HIS B 111 7.51 -0.92 -21.89
CA HIS B 111 6.08 -0.78 -22.08
C HIS B 111 5.35 -0.81 -20.76
N GLY B 112 5.84 -1.65 -19.86
CA GLY B 112 5.23 -1.86 -18.54
C GLY B 112 5.51 -0.76 -17.53
N ILE B 113 6.33 0.20 -17.90
CA ILE B 113 6.34 1.45 -17.15
C ILE B 113 4.95 2.09 -17.17
N VAL B 114 4.20 1.90 -18.26
CA VAL B 114 2.88 2.51 -18.40
C VAL B 114 1.71 1.57 -18.55
N ASP B 115 1.95 0.34 -19.03
CA ASP B 115 0.85 -0.62 -19.21
C ASP B 115 1.28 -2.01 -18.68
N MET B 116 1.08 -2.19 -17.39
CA MET B 116 1.25 -3.48 -16.72
C MET B 116 0.27 -4.60 -17.15
N GLY B 117 -0.88 -4.25 -17.73
CA GLY B 117 -1.86 -5.25 -18.19
C GLY B 117 -1.53 -5.94 -19.49
N THR B 118 -1.16 -5.18 -20.51
CA THR B 118 -0.94 -5.75 -21.86
C THR B 118 0.26 -6.65 -21.94
N ARG B 119 1.39 -6.26 -21.38
CA ARG B 119 2.58 -7.10 -21.54
C ARG B 119 2.38 -8.48 -20.95
N ILE B 120 1.66 -8.55 -19.84
CA ILE B 120 1.31 -9.82 -19.22
C ILE B 120 0.33 -10.66 -20.02
N ARG B 121 -0.66 -10.03 -20.60
CA ARG B 121 -1.62 -10.75 -21.39
C ARG B 121 -0.97 -11.38 -22.60
N LEU B 122 -0.08 -10.63 -23.23
CA LEU B 122 0.79 -11.18 -24.25
C LEU B 122 1.76 -12.17 -23.68
N GLY B 123 2.29 -11.85 -22.51
CA GLY B 123 3.38 -12.55 -21.89
C GLY B 123 3.11 -14.00 -21.56
N VAL B 124 1.89 -14.31 -21.17
CA VAL B 124 1.55 -15.67 -20.82
C VAL B 124 1.75 -16.63 -21.98
N HIS B 125 1.37 -16.24 -23.19
CA HIS B 125 1.82 -16.95 -24.37
C HIS B 125 3.29 -16.74 -24.71
N THR B 126 3.67 -15.48 -24.72
CA THR B 126 4.96 -15.06 -25.21
C THR B 126 6.09 -15.60 -24.37
N GLY B 127 5.90 -15.57 -23.06
CA GLY B 127 6.93 -16.04 -22.17
C GLY B 127 6.66 -17.36 -21.51
N LEU B 128 5.53 -17.47 -20.85
CA LEU B 128 5.23 -18.70 -20.16
C LEU B 128 4.96 -19.92 -21.01
N PHE B 129 4.06 -19.80 -21.99
CA PHE B 129 3.75 -20.95 -22.81
C PHE B 129 4.88 -21.37 -23.72
N MET B 130 5.43 -20.40 -24.41
CA MET B 130 6.51 -20.64 -25.32
C MET B 130 7.72 -21.09 -24.53
N GLY B 131 7.89 -20.50 -23.36
CA GLY B 131 9.04 -20.88 -22.52
C GLY B 131 8.99 -22.35 -22.14
N ALA B 132 7.77 -22.88 -21.97
CA ALA B 132 7.64 -24.24 -21.51
C ALA B 132 7.91 -25.16 -22.68
N ILE B 133 7.35 -24.90 -23.85
CA ILE B 133 7.59 -25.80 -24.99
C ILE B 133 9.03 -25.73 -25.53
N ARG B 134 9.63 -24.56 -25.47
CA ARG B 134 11.04 -24.43 -25.77
C ARG B 134 11.97 -25.04 -24.73
N GLY B 135 11.69 -24.76 -23.47
CA GLY B 135 12.45 -25.25 -22.34
C GLY B 135 12.39 -26.72 -22.03
N SER B 136 11.20 -27.26 -22.19
CA SER B 136 10.88 -28.63 -21.82
C SER B 136 10.41 -29.54 -22.94
N GLY B 137 10.13 -29.00 -24.12
CA GLY B 137 9.89 -29.82 -25.29
C GLY B 137 11.19 -30.34 -25.87
N THR B 138 11.10 -31.41 -26.64
CA THR B 138 12.16 -31.82 -27.53
C THR B 138 12.06 -30.93 -28.74
N LYS B 139 13.08 -30.99 -29.57
CA LYS B 139 13.12 -30.18 -30.76
C LYS B 139 11.94 -30.51 -31.66
N GLU B 140 11.55 -31.76 -31.73
CA GLU B 140 10.48 -32.15 -32.64
C GLU B 140 9.14 -31.65 -32.12
N GLN B 141 8.93 -31.69 -30.79
CA GLN B 141 7.69 -31.21 -30.15
C GLN B 141 7.61 -29.70 -30.40
N TYR B 142 8.66 -28.97 -30.01
CA TYR B 142 8.74 -27.57 -30.28
C TYR B 142 8.37 -27.22 -31.74
N ASP B 143 8.94 -27.92 -32.70
CA ASP B 143 8.76 -27.55 -34.11
C ASP B 143 7.32 -27.82 -34.53
N TYR B 144 6.75 -28.90 -33.98
CA TYR B 144 5.35 -29.25 -34.19
C TYR B 144 4.43 -28.11 -33.77
N TRP B 145 4.54 -27.69 -32.51
CA TRP B 145 3.68 -26.61 -32.00
C TRP B 145 3.93 -25.31 -32.76
N VAL B 146 5.17 -25.03 -33.14
CA VAL B 146 5.45 -23.87 -34.05
C VAL B 146 4.75 -24.00 -35.40
N ARG B 147 4.72 -25.21 -35.94
CA ARG B 147 4.03 -25.52 -37.18
C ARG B 147 2.50 -25.33 -37.10
N LYS B 148 1.95 -25.49 -35.91
CA LYS B 148 0.52 -25.25 -35.63
C LYS B 148 0.16 -23.78 -35.37
N GLY B 149 1.17 -22.89 -35.42
CA GLY B 149 1.03 -21.43 -35.21
C GLY B 149 1.50 -20.85 -33.88
N ALA B 150 2.06 -21.64 -32.97
CA ALA B 150 2.45 -21.12 -31.63
C ALA B 150 3.38 -19.90 -31.60
N ALA B 151 4.51 -19.98 -32.27
CA ALA B 151 5.51 -18.89 -32.26
C ALA B 151 4.92 -17.58 -32.77
N ASP B 152 4.08 -17.65 -33.78
CA ASP B 152 3.51 -16.48 -34.43
C ASP B 152 2.11 -16.07 -33.94
N VAL B 153 1.52 -16.87 -33.06
CA VAL B 153 0.16 -16.57 -32.56
C VAL B 153 -0.80 -16.48 -33.76
N LYS B 154 -0.76 -17.52 -34.60
CA LYS B 154 -1.56 -17.67 -35.81
C LYS B 154 -2.47 -18.88 -35.62
N GLY B 155 -3.73 -18.64 -35.36
CA GLY B 155 -4.66 -19.75 -35.07
C GLY B 155 -4.33 -20.51 -33.79
N PHE B 156 -3.64 -19.85 -32.84
CA PHE B 156 -3.02 -20.51 -31.71
C PHE B 156 -2.67 -19.45 -30.68
N TYR B 157 -3.03 -19.72 -29.42
CA TYR B 157 -2.76 -18.81 -28.32
C TYR B 157 -2.66 -19.65 -27.07
N GLY B 158 -1.50 -19.53 -26.41
CA GLY B 158 -1.10 -20.39 -25.29
C GLY B 158 -1.26 -19.72 -23.93
N CYS B 159 -1.24 -20.52 -22.90
CA CYS B 159 -1.24 -20.05 -21.51
C CYS B 159 -0.59 -21.12 -20.64
N PHE B 160 -0.43 -20.81 -19.36
CA PHE B 160 0.39 -21.55 -18.45
C PHE B 160 -0.47 -21.93 -17.27
N ALA B 161 -0.84 -23.19 -17.17
CA ALA B 161 -1.67 -23.59 -16.05
C ALA B 161 -0.89 -24.38 -15.02
N MET B 162 -0.46 -23.69 -13.98
CA MET B 162 0.26 -24.34 -12.92
C MET B 162 -0.53 -24.22 -11.65
N THR B 163 -0.86 -22.99 -11.32
CA THR B 163 -1.53 -22.70 -10.09
C THR B 163 -2.92 -23.31 -10.04
N GLU B 164 -3.29 -23.74 -8.86
CA GLU B 164 -4.57 -24.34 -8.59
C GLU B 164 -5.13 -23.61 -7.40
N LEU B 165 -6.42 -23.77 -7.18
CA LEU B 165 -7.09 -23.07 -6.10
C LEU B 165 -6.44 -23.49 -4.79
N GLY B 166 -6.16 -24.78 -4.67
CA GLY B 166 -5.42 -25.36 -3.58
C GLY B 166 -3.97 -25.01 -3.40
N HIS B 167 -3.23 -24.89 -4.49
CA HIS B 167 -1.79 -24.71 -4.42
C HIS B 167 -1.22 -23.60 -5.27
N GLY B 168 -0.45 -22.72 -4.66
CA GLY B 168 0.29 -21.72 -5.39
C GLY B 168 1.78 -21.88 -5.22
N SER B 169 2.28 -21.60 -4.03
CA SER B 169 3.70 -21.75 -3.73
C SER B 169 4.21 -23.19 -3.77
N ASN B 170 3.44 -24.11 -3.21
CA ASN B 170 3.87 -25.48 -3.17
C ASN B 170 3.52 -26.19 -4.45
N VAL B 171 4.26 -25.87 -5.48
CA VAL B 171 4.07 -26.47 -6.76
C VAL B 171 4.13 -27.99 -6.69
N ALA B 172 4.96 -28.54 -5.84
CA ALA B 172 5.10 -29.99 -5.75
C ALA B 172 3.84 -30.64 -5.25
N GLY B 173 2.98 -29.91 -4.54
CA GLY B 173 1.71 -30.41 -4.05
C GLY B 173 0.50 -30.30 -4.95
N LEU B 174 0.68 -29.98 -6.24
CA LEU B 174 -0.46 -29.86 -7.18
C LEU B 174 -1.25 -31.16 -7.26
N GLU B 175 -2.56 -31.04 -7.38
CA GLU B 175 -3.42 -32.22 -7.40
C GLU B 175 -3.88 -32.70 -8.78
N THR B 176 -3.73 -31.90 -9.83
CA THR B 176 -4.24 -32.29 -11.15
C THR B 176 -3.43 -33.46 -11.61
N THR B 177 -4.08 -34.46 -12.18
CA THR B 177 -3.38 -35.75 -12.52
C THR B 177 -3.28 -36.04 -14.00
N ALA B 178 -2.18 -36.66 -14.41
CA ALA B 178 -2.03 -37.14 -15.78
C ALA B 178 -1.73 -38.64 -15.69
N THR B 179 -2.68 -39.48 -16.10
CA THR B 179 -2.56 -40.91 -16.00
C THR B 179 -2.31 -41.57 -17.35
N TYR B 180 -1.22 -42.33 -17.47
CA TYR B 180 -0.86 -42.91 -18.77
C TYR B 180 -1.67 -44.18 -19.06
N ILE B 181 -2.18 -44.28 -20.27
CA ILE B 181 -2.95 -45.45 -20.74
C ILE B 181 -2.30 -45.94 -22.00
N GLN B 182 -1.61 -47.08 -21.86
CA GLN B 182 -0.85 -47.67 -22.96
C GLN B 182 -1.73 -48.04 -24.15
N ASP B 183 -2.85 -48.68 -23.87
CA ASP B 183 -3.75 -49.16 -24.93
C ASP B 183 -4.01 -48.15 -26.05
N THR B 184 -4.33 -46.91 -25.66
CA THR B 184 -4.64 -45.79 -26.58
C THR B 184 -3.49 -44.79 -26.70
N ASP B 185 -2.42 -45.01 -25.92
CA ASP B 185 -1.21 -44.20 -25.97
C ASP B 185 -1.53 -42.74 -25.63
N GLU B 186 -2.20 -42.56 -24.49
CA GLU B 186 -2.77 -41.30 -24.08
C GLU B 186 -2.54 -41.03 -22.62
N PHE B 187 -2.45 -39.74 -22.24
CA PHE B 187 -2.64 -39.37 -20.86
C PHE B 187 -4.09 -38.95 -20.62
N ILE B 188 -4.62 -39.30 -19.45
CA ILE B 188 -5.91 -38.78 -18.98
C ILE B 188 -5.66 -37.68 -17.96
N ILE B 189 -5.95 -36.47 -18.36
CA ILE B 189 -5.78 -35.31 -17.50
C ILE B 189 -7.02 -35.09 -16.66
N ASN B 190 -6.85 -34.97 -15.35
CA ASN B 190 -8.03 -34.86 -14.52
C ASN B 190 -7.89 -33.99 -13.24
N THR B 191 -8.95 -33.21 -12.99
CA THR B 191 -9.04 -32.34 -11.85
C THR B 191 -9.82 -33.08 -10.73
N PRO B 192 -9.13 -33.67 -9.72
CA PRO B 192 -9.86 -34.64 -8.85
C PRO B 192 -10.97 -34.05 -8.02
N ASN B 193 -10.76 -32.82 -7.56
CA ASN B 193 -11.73 -32.04 -6.81
C ASN B 193 -11.64 -30.57 -7.18
N THR B 194 -12.61 -29.79 -6.77
CA THR B 194 -12.70 -28.39 -7.11
C THR B 194 -11.55 -27.59 -6.53
N GLY B 195 -10.95 -28.12 -5.48
CA GLY B 195 -9.76 -27.54 -4.90
C GLY B 195 -8.62 -27.53 -5.89
N ALA B 196 -8.58 -28.51 -6.78
CA ALA B 196 -7.53 -28.61 -7.78
C ALA B 196 -7.78 -27.80 -9.06
N THR B 197 -8.91 -27.14 -9.15
CA THR B 197 -9.21 -26.23 -10.23
C THR B 197 -7.99 -25.33 -10.52
N LYS B 198 -7.49 -25.31 -11.75
CA LYS B 198 -6.45 -24.36 -12.10
C LYS B 198 -6.99 -22.93 -11.88
N TRP B 199 -6.13 -22.05 -11.40
CA TRP B 199 -6.57 -20.71 -10.97
C TRP B 199 -5.53 -19.69 -11.29
N TRP B 200 -6.00 -18.49 -11.56
CA TRP B 200 -5.17 -17.38 -12.01
C TRP B 200 -4.50 -17.58 -13.37
N ILE B 201 -5.11 -18.38 -14.24
CA ILE B 201 -4.42 -18.69 -15.53
C ILE B 201 -4.66 -17.57 -16.57
N GLY B 202 -3.71 -16.67 -16.69
CA GLY B 202 -3.81 -15.58 -17.65
C GLY B 202 -3.97 -16.09 -19.07
N GLY B 203 -4.87 -15.47 -19.82
CA GLY B 203 -5.19 -15.91 -21.17
C GLY B 203 -6.31 -16.94 -21.29
N ALA B 204 -6.52 -17.70 -20.23
CA ALA B 204 -7.45 -18.81 -20.26
C ALA B 204 -8.92 -18.48 -20.44
N ALA B 205 -9.39 -17.43 -19.80
CA ALA B 205 -10.81 -17.16 -19.79
C ALA B 205 -11.37 -16.89 -21.17
N HIS B 206 -10.66 -16.09 -21.95
CA HIS B 206 -11.16 -15.70 -23.25
C HIS B 206 -10.24 -15.91 -24.41
N SER B 207 -8.94 -15.92 -24.16
CA SER B 207 -7.96 -15.86 -25.23
C SER B 207 -7.34 -17.14 -25.73
N ALA B 208 -7.04 -18.07 -24.84
CA ALA B 208 -6.16 -19.19 -25.16
C ALA B 208 -6.80 -20.44 -25.75
N THR B 209 -6.21 -20.94 -26.82
CA THR B 209 -6.62 -22.18 -27.44
C THR B 209 -5.96 -23.40 -26.80
N HIS B 210 -4.88 -23.18 -26.09
CA HIS B 210 -4.00 -24.26 -25.60
C HIS B 210 -3.34 -23.88 -24.30
N THR B 211 -3.05 -24.87 -23.46
CA THR B 211 -2.32 -24.58 -22.26
C THR B 211 -1.15 -25.56 -22.08
N ALA B 212 -0.17 -25.13 -21.31
CA ALA B 212 0.88 -25.96 -20.74
C ALA B 212 0.37 -26.33 -19.36
N CYS B 213 -0.13 -27.55 -19.25
CA CYS B 213 -0.81 -27.97 -18.04
C CYS B 213 0.16 -28.79 -17.16
N PHE B 214 0.29 -28.29 -15.94
CA PHE B 214 1.14 -28.91 -14.96
C PHE B 214 0.30 -29.98 -14.20
N ALA B 215 0.71 -31.25 -14.28
CA ALA B 215 -0.02 -32.33 -13.60
C ALA B 215 0.91 -33.42 -13.10
N ARG B 216 0.47 -34.17 -12.11
CA ARG B 216 1.27 -35.26 -11.63
C ARG B 216 1.34 -36.35 -12.69
N LEU B 217 2.55 -36.79 -13.00
CA LEU B 217 2.75 -37.88 -13.92
C LEU B 217 2.48 -39.23 -13.24
N LEU B 218 1.37 -39.88 -13.57
CA LEU B 218 1.03 -41.23 -13.04
C LEU B 218 1.13 -42.30 -14.10
N VAL B 219 2.07 -43.22 -13.90
CA VAL B 219 2.21 -44.42 -14.71
C VAL B 219 2.22 -45.66 -13.80
N ASP B 220 1.34 -46.61 -14.10
CA ASP B 220 1.17 -47.81 -13.30
C ASP B 220 1.06 -47.58 -11.77
N GLY B 221 0.25 -46.59 -11.34
CA GLY B 221 0.08 -46.27 -9.91
C GLY B 221 1.34 -45.74 -9.24
N LYS B 222 2.26 -45.27 -10.05
CA LYS B 222 3.51 -44.74 -9.54
C LYS B 222 3.35 -43.24 -9.82
N ASP B 223 3.56 -42.43 -8.79
CA ASP B 223 3.52 -40.97 -8.91
C ASP B 223 4.94 -40.44 -9.17
N TYR B 224 5.26 -40.02 -10.39
CA TYR B 224 6.57 -39.44 -10.72
C TYR B 224 6.69 -37.91 -10.57
N GLY B 225 5.76 -37.27 -9.88
CA GLY B 225 5.86 -35.83 -9.64
C GLY B 225 5.27 -35.01 -10.78
N VAL B 226 5.30 -33.70 -10.58
CA VAL B 226 4.68 -32.74 -11.49
C VAL B 226 5.48 -32.57 -12.78
N LYS B 227 4.79 -32.72 -13.92
CA LYS B 227 5.34 -32.56 -15.27
C LYS B 227 4.39 -31.68 -16.06
N ILE B 228 4.76 -31.39 -17.32
CA ILE B 228 4.08 -30.48 -18.17
C ILE B 228 3.53 -31.15 -19.42
N PHE B 229 2.26 -30.86 -19.71
CA PHE B 229 1.48 -31.47 -20.79
C PHE B 229 0.74 -30.39 -21.60
N VAL B 230 0.87 -30.42 -22.92
CA VAL B 230 0.12 -29.53 -23.76
C VAL B 230 -1.32 -30.08 -23.88
N VAL B 231 -2.31 -29.25 -23.59
CA VAL B 231 -3.72 -29.61 -23.66
C VAL B 231 -4.46 -28.53 -24.41
N GLN B 232 -5.17 -28.93 -25.46
CA GLN B 232 -5.97 -28.01 -26.26
C GLN B 232 -7.19 -27.70 -25.44
N LEU B 233 -7.45 -26.42 -25.21
CA LEU B 233 -8.60 -25.98 -24.43
C LEU B 233 -9.79 -25.68 -25.30
N ARG B 234 -9.52 -25.14 -26.47
CA ARG B 234 -10.54 -24.71 -27.38
C ARG B 234 -10.32 -25.24 -28.76
N ASP B 235 -11.42 -25.49 -29.46
CA ASP B 235 -11.44 -25.67 -30.90
C ASP B 235 -11.12 -24.28 -31.51
N VAL B 236 -10.14 -24.30 -32.36
CA VAL B 236 -9.48 -23.14 -32.91
C VAL B 236 -10.43 -22.34 -33.81
N SER B 237 -11.12 -23.09 -34.66
CA SER B 237 -12.12 -22.58 -35.57
C SER B 237 -13.25 -21.75 -34.89
N SER B 238 -13.81 -22.24 -33.78
CA SER B 238 -15.00 -21.62 -33.20
C SER B 238 -14.71 -20.96 -31.84
N HIS B 239 -13.51 -21.20 -31.31
CA HIS B 239 -13.17 -20.79 -29.96
C HIS B 239 -13.97 -21.45 -28.83
N SER B 240 -14.69 -22.54 -29.14
CA SER B 240 -15.49 -23.28 -28.16
C SER B 240 -14.59 -24.21 -27.43
N LEU B 241 -15.05 -24.54 -26.22
CA LEU B 241 -14.37 -25.42 -25.34
C LEU B 241 -14.40 -26.81 -25.87
N MET B 242 -13.30 -27.54 -25.64
CA MET B 242 -13.11 -28.89 -26.06
C MET B 242 -13.77 -29.81 -25.07
N PRO B 243 -14.08 -31.04 -25.51
CA PRO B 243 -14.74 -31.96 -24.60
C PRO B 243 -13.98 -32.13 -23.27
N GLY B 244 -14.67 -31.99 -22.15
CA GLY B 244 -14.07 -32.23 -20.80
C GLY B 244 -13.38 -31.03 -20.18
N ILE B 245 -13.42 -29.88 -20.88
CA ILE B 245 -12.77 -28.67 -20.43
C ILE B 245 -13.86 -27.73 -19.90
N ALA B 246 -13.69 -27.26 -18.69
CA ALA B 246 -14.52 -26.24 -18.14
C ALA B 246 -13.54 -25.11 -17.83
N LEU B 247 -13.84 -23.90 -18.26
CA LEU B 247 -13.13 -22.72 -17.80
C LEU B 247 -14.07 -21.50 -17.79
N GLY B 248 -13.65 -20.47 -17.08
CA GLY B 248 -14.43 -19.28 -16.86
C GLY B 248 -13.58 -18.12 -16.44
N ASP B 249 -14.14 -16.92 -16.50
CA ASP B 249 -13.45 -15.75 -16.07
C ASP B 249 -13.52 -15.63 -14.56
N ILE B 250 -12.36 -15.48 -13.96
CA ILE B 250 -12.21 -15.22 -12.56
C ILE B 250 -12.79 -13.86 -12.18
N GLY B 251 -12.66 -12.91 -13.07
CA GLY B 251 -13.33 -11.64 -12.93
C GLY B 251 -12.49 -10.54 -12.34
N LYS B 252 -13.12 -9.64 -11.61
CA LYS B 252 -12.46 -8.42 -11.11
C LYS B 252 -11.23 -8.75 -10.25
N LYS B 253 -10.10 -8.10 -10.58
CA LYS B 253 -8.87 -8.14 -9.78
C LYS B 253 -8.57 -6.76 -9.19
N MET B 254 -7.64 -6.73 -8.26
CA MET B 254 -7.21 -5.50 -7.69
C MET B 254 -6.62 -4.62 -8.79
N GLY B 255 -5.92 -5.25 -9.72
CA GLY B 255 -5.28 -4.52 -10.80
C GLY B 255 -5.18 -5.40 -12.01
N ARG B 256 -4.59 -4.86 -13.07
CA ARG B 256 -4.29 -5.58 -14.29
C ARG B 256 -5.50 -6.22 -14.90
N ASP B 257 -6.61 -5.50 -14.88
CA ASP B 257 -7.87 -6.03 -15.39
C ASP B 257 -7.80 -6.40 -16.87
N ALA B 258 -6.83 -5.89 -17.63
CA ALA B 258 -6.67 -6.22 -19.05
C ALA B 258 -6.40 -7.70 -19.25
N ILE B 259 -5.93 -8.37 -18.21
CA ILE B 259 -5.59 -9.78 -18.32
C ILE B 259 -6.79 -10.64 -17.98
N ASP B 260 -7.05 -11.62 -18.81
CA ASP B 260 -8.25 -12.45 -18.70
C ASP B 260 -7.93 -13.72 -17.96
N ASN B 261 -7.68 -13.61 -16.66
CA ASN B 261 -7.32 -14.74 -15.86
C ASN B 261 -8.52 -15.65 -15.69
N GLY B 262 -8.29 -16.93 -15.96
CA GLY B 262 -9.36 -17.88 -15.84
C GLY B 262 -9.10 -19.00 -14.89
N TRP B 263 -10.19 -19.65 -14.50
CA TRP B 263 -10.12 -20.96 -13.87
C TRP B 263 -10.32 -22.04 -14.94
N ILE B 264 -9.77 -23.23 -14.74
CA ILE B 264 -9.93 -24.40 -15.64
C ILE B 264 -10.11 -25.72 -14.85
N GLN B 265 -11.12 -26.52 -15.22
CA GLN B 265 -11.23 -27.94 -14.78
C GLN B 265 -11.11 -28.87 -15.97
N PHE B 266 -10.46 -29.99 -15.73
CA PHE B 266 -10.28 -31.05 -16.72
C PHE B 266 -11.05 -32.23 -16.21
N THR B 267 -11.87 -32.82 -17.06
CA THR B 267 -12.69 -33.97 -16.68
C THR B 267 -12.48 -35.10 -17.67
N ASN B 268 -11.51 -35.94 -17.30
CA ASN B 268 -11.08 -37.08 -18.05
C ASN B 268 -10.66 -36.73 -19.46
N VAL B 269 -9.96 -35.64 -19.61
CA VAL B 269 -9.48 -35.23 -20.91
C VAL B 269 -8.34 -36.11 -21.39
N ARG B 270 -8.43 -36.52 -22.64
CA ARG B 270 -7.45 -37.42 -23.19
C ARG B 270 -6.59 -36.65 -24.17
N ILE B 271 -5.29 -36.76 -24.01
CA ILE B 271 -4.36 -36.08 -24.88
C ILE B 271 -3.42 -37.14 -25.38
N PRO B 272 -2.89 -37.00 -26.57
CA PRO B 272 -1.88 -37.97 -26.96
C PRO B 272 -0.69 -37.94 -26.01
N ARG B 273 -0.07 -39.09 -25.77
CA ARG B 273 1.20 -39.16 -24.97
C ARG B 273 2.22 -38.07 -25.38
N GLN B 274 2.31 -37.82 -26.67
CA GLN B 274 3.31 -36.93 -27.28
C GLN B 274 3.14 -35.42 -26.90
N ASN B 275 2.01 -35.09 -26.28
CA ASN B 275 1.74 -33.77 -25.80
C ASN B 275 2.50 -33.47 -24.52
N MET B 276 2.93 -34.50 -23.79
CA MET B 276 3.78 -34.30 -22.60
C MET B 276 5.09 -33.81 -23.12
N LEU B 277 5.64 -32.81 -22.44
CA LEU B 277 6.88 -32.22 -22.90
C LEU B 277 8.04 -33.05 -22.37
N MET B 278 8.82 -33.62 -23.27
CA MET B 278 9.73 -34.71 -22.95
C MET B 278 11.23 -34.50 -23.01
N LYS B 279 11.68 -33.26 -22.91
CA LYS B 279 13.11 -33.01 -22.91
C LYS B 279 13.82 -33.65 -21.71
N TYR B 280 13.23 -33.59 -20.53
CA TYR B 280 13.86 -34.16 -19.36
C TYR B 280 13.32 -35.50 -18.92
N ALA B 281 12.00 -35.61 -18.91
CA ALA B 281 11.37 -36.84 -18.53
C ALA B 281 10.66 -37.38 -19.75
N LYS B 282 10.90 -38.66 -20.02
CA LYS B 282 10.34 -39.32 -21.17
C LYS B 282 9.52 -40.52 -20.76
N VAL B 283 8.40 -40.71 -21.43
CA VAL B 283 7.55 -41.86 -21.27
C VAL B 283 7.45 -42.52 -22.68
N SER B 284 7.77 -43.81 -22.79
CA SER B 284 7.80 -44.51 -24.08
C SER B 284 6.38 -44.87 -24.41
N SER B 285 6.19 -45.42 -25.61
CA SER B 285 4.90 -46.02 -26.00
C SER B 285 4.52 -47.28 -25.21
N THR B 286 5.36 -47.75 -24.28
CA THR B 286 4.96 -48.86 -23.43
C THR B 286 4.80 -48.47 -22.00
N GLY B 287 4.95 -47.19 -21.69
CA GLY B 287 4.91 -46.74 -20.30
C GLY B 287 6.23 -46.78 -19.54
N LYS B 288 7.34 -46.86 -20.26
CA LYS B 288 8.63 -46.82 -19.63
C LYS B 288 9.00 -45.37 -19.34
N VAL B 289 9.14 -45.07 -18.07
CA VAL B 289 9.49 -43.74 -17.61
C VAL B 289 11.03 -43.58 -17.43
N SER B 290 11.62 -42.52 -17.98
CA SER B 290 13.09 -42.24 -17.83
C SER B 290 13.28 -40.82 -17.39
N GLN B 291 14.20 -40.58 -16.46
CA GLN B 291 14.61 -39.23 -16.04
C GLN B 291 16.14 -39.16 -15.91
N PRO B 292 16.87 -38.88 -16.99
CA PRO B 292 18.34 -38.76 -16.94
C PRO B 292 18.84 -37.53 -16.17
N PRO B 293 20.09 -37.49 -15.74
CA PRO B 293 20.56 -36.37 -14.91
C PRO B 293 20.49 -35.04 -15.62
N LEU B 294 20.94 -35.01 -16.88
CA LEU B 294 20.70 -33.93 -17.84
C LEU B 294 21.08 -32.46 -17.52
N ALA B 295 22.21 -32.26 -16.85
CA ALA B 295 22.82 -30.92 -16.76
C ALA B 295 22.20 -29.94 -15.75
N GLN B 296 21.28 -30.44 -14.93
CA GLN B 296 20.65 -29.62 -13.89
C GLN B 296 19.63 -28.58 -14.33
N LEU B 297 19.06 -28.75 -15.52
CA LEU B 297 17.85 -28.02 -15.87
C LEU B 297 18.00 -26.49 -15.95
N THR B 298 19.19 -25.98 -16.21
CA THR B 298 19.33 -24.64 -16.79
C THR B 298 18.50 -23.53 -16.14
N TYR B 299 18.79 -23.21 -14.89
CA TYR B 299 17.96 -22.31 -14.09
C TYR B 299 18.29 -20.85 -14.33
N GLY B 300 19.11 -20.62 -15.34
CA GLY B 300 19.41 -19.27 -15.76
C GLY B 300 18.07 -18.63 -16.11
N ALA B 301 17.12 -19.44 -16.53
CA ALA B 301 15.75 -18.98 -16.66
C ALA B 301 15.18 -18.57 -15.31
N LEU B 302 15.46 -19.33 -14.28
CA LEU B 302 14.97 -19.00 -12.95
C LEU B 302 15.66 -17.78 -12.37
N ILE B 303 16.97 -17.72 -12.49
CA ILE B 303 17.70 -16.52 -12.10
C ILE B 303 17.36 -15.38 -13.04
N GLY B 304 17.25 -15.71 -14.33
CA GLY B 304 17.04 -14.72 -15.35
C GLY B 304 15.72 -14.03 -15.09
N GLY B 305 14.73 -14.78 -14.64
CA GLY B 305 13.47 -14.21 -14.28
C GLY B 305 13.52 -13.27 -13.11
N ARG B 306 14.26 -13.62 -12.07
CA ARG B 306 14.37 -12.74 -10.91
C ARG B 306 15.09 -11.41 -11.25
N VAL B 307 16.12 -11.51 -12.08
CA VAL B 307 16.84 -10.34 -12.51
C VAL B 307 15.94 -9.32 -13.22
N THR B 308 15.19 -9.80 -14.21
CA THR B 308 14.09 -9.09 -14.84
C THR B 308 13.14 -8.34 -13.89
N MET B 309 12.73 -9.00 -12.83
CA MET B 309 11.87 -8.39 -11.83
C MET B 309 12.52 -7.26 -11.05
N ILE B 310 13.78 -7.45 -10.73
CA ILE B 310 14.56 -6.44 -10.05
C ILE B 310 14.68 -5.19 -10.91
N ALA B 311 14.94 -5.38 -12.19
CA ALA B 311 14.96 -4.30 -13.14
C ALA B 311 13.59 -3.65 -13.31
N ASP B 312 12.54 -4.46 -13.31
CA ASP B 312 11.20 -3.96 -13.45
C ASP B 312 10.91 -3.05 -12.29
N SER B 313 11.40 -3.41 -11.12
CA SER B 313 11.26 -2.56 -9.96
C SER B 313 11.95 -1.22 -10.18
N PHE B 314 13.12 -1.22 -10.80
CA PHE B 314 13.72 0.05 -11.18
C PHE B 314 12.91 0.82 -12.23
N PHE B 315 12.48 0.14 -13.28
CA PHE B 315 11.73 0.73 -14.34
C PHE B 315 10.43 1.39 -13.92
N VAL B 316 9.74 0.81 -12.95
CA VAL B 316 8.56 1.47 -12.37
C VAL B 316 8.91 2.54 -11.35
N SER B 317 9.84 2.23 -10.45
CA SER B 317 10.20 3.17 -9.38
C SER B 317 10.65 4.55 -9.91
N GLN B 318 11.46 4.58 -10.97
CA GLN B 318 11.93 5.80 -11.56
C GLN B 318 10.79 6.78 -11.94
N ARG B 319 9.70 6.22 -12.43
CA ARG B 319 8.59 6.99 -12.87
C ARG B 319 8.01 7.76 -11.72
N PHE B 320 7.70 7.05 -10.65
CA PHE B 320 6.98 7.65 -9.52
C PHE B 320 7.85 8.56 -8.64
N ILE B 321 9.10 8.17 -8.51
CA ILE B 321 10.05 9.05 -7.87
C ILE B 321 10.23 10.33 -8.68
N THR B 322 10.15 10.25 -10.01
CA THR B 322 10.30 11.44 -10.81
C THR B 322 9.10 12.36 -10.67
N ILE B 323 7.90 11.80 -10.73
CA ILE B 323 6.68 12.60 -10.55
C ILE B 323 6.73 13.37 -9.20
N ALA B 324 7.04 12.63 -8.13
CA ALA B 324 7.02 13.19 -6.77
C ALA B 324 8.05 14.28 -6.56
N LEU B 325 9.22 14.10 -7.15
CA LEU B 325 10.32 15.05 -6.93
C LEU B 325 10.10 16.35 -7.72
N ARG B 326 9.63 16.22 -8.95
CA ARG B 326 9.34 17.39 -9.78
C ARG B 326 8.24 18.23 -9.15
N TYR B 327 7.18 17.54 -8.70
CA TYR B 327 6.16 18.15 -7.85
C TYR B 327 6.75 18.84 -6.64
N ALA B 328 7.63 18.15 -5.93
CA ALA B 328 8.25 18.73 -4.71
C ALA B 328 9.03 20.03 -5.01
N CYS B 329 9.69 20.09 -6.15
CA CYS B 329 10.42 21.30 -6.55
C CYS B 329 9.56 22.55 -6.83
N VAL B 330 8.30 22.36 -7.17
CA VAL B 330 7.43 23.47 -7.49
C VAL B 330 6.39 23.80 -6.43
N ARG B 331 6.13 22.88 -5.51
CA ARG B 331 5.03 23.00 -4.60
C ARG B 331 5.41 23.75 -3.35
N ARG B 332 4.68 24.81 -3.05
CA ARG B 332 4.96 25.59 -1.87
C ARG B 332 3.84 25.45 -0.86
N GLN B 333 4.16 25.00 0.33
CA GLN B 333 3.21 25.00 1.43
C GLN B 333 3.89 25.40 2.73
N PHE B 334 3.45 26.51 3.30
CA PHE B 334 3.86 26.99 4.60
C PHE B 334 5.09 27.87 4.50
N GLY B 335 5.21 28.85 5.38
CA GLY B 335 6.38 29.69 5.40
C GLY B 335 6.68 30.18 6.81
N THR B 336 7.93 30.48 7.09
CA THR B 336 8.27 30.94 8.44
C THR B 336 8.68 32.42 8.55
N THR B 337 9.20 32.97 7.47
CA THR B 337 9.65 34.37 7.42
C THR B 337 8.46 35.24 7.01
N PRO B 338 7.97 36.13 7.91
CA PRO B 338 6.78 36.94 7.54
C PRO B 338 6.73 37.57 6.13
N GLY B 339 7.88 38.00 5.57
CA GLY B 339 7.89 38.66 4.23
C GLY B 339 7.89 37.80 2.98
N GLN B 340 8.38 36.56 3.13
CA GLN B 340 8.78 35.67 2.03
C GLN B 340 7.66 34.77 1.53
N PRO B 341 7.84 34.19 0.34
CA PRO B 341 6.81 33.23 -0.09
C PRO B 341 6.88 31.93 0.70
N GLU B 342 5.87 31.10 0.59
CA GLU B 342 5.89 29.83 1.26
C GLU B 342 6.99 28.98 0.67
N THR B 343 7.51 28.09 1.49
CA THR B 343 8.68 27.31 1.18
C THR B 343 8.30 26.14 0.26
N LYS B 344 9.11 25.92 -0.77
CA LYS B 344 8.98 24.81 -1.67
C LYS B 344 9.22 23.51 -0.85
N ILE B 345 8.30 22.55 -0.91
CA ILE B 345 8.46 21.37 -0.08
C ILE B 345 9.77 20.57 -0.26
N ILE B 346 10.45 20.72 -1.37
CA ILE B 346 11.75 20.07 -1.57
C ILE B 346 12.84 20.66 -0.65
N ASP B 347 12.63 21.87 -0.14
CA ASP B 347 13.59 22.52 0.80
C ASP B 347 13.36 22.13 2.28
N TYR B 348 12.29 21.38 2.56
CA TYR B 348 12.04 20.87 3.90
C TYR B 348 12.89 19.65 4.17
N PRO B 349 13.62 19.69 5.28
CA PRO B 349 14.43 18.51 5.54
C PRO B 349 13.65 17.20 5.61
N TYR B 350 12.41 17.24 6.11
CA TYR B 350 11.67 16.02 6.30
C TYR B 350 11.13 15.53 4.98
N HIS B 351 10.77 16.44 4.08
CA HIS B 351 10.40 15.99 2.74
C HIS B 351 11.59 15.29 2.00
N GLN B 352 12.79 15.83 2.17
CA GLN B 352 13.99 15.26 1.57
C GLN B 352 14.19 13.85 2.04
N ARG B 353 14.03 13.67 3.35
CA ARG B 353 14.13 12.34 3.95
C ARG B 353 13.16 11.33 3.41
N ARG B 354 11.96 11.75 3.03
CA ARG B 354 10.92 10.85 2.52
C ARG B 354 11.20 10.39 1.11
N LEU B 355 11.80 11.26 0.29
CA LEU B 355 12.00 10.98 -1.12
C LEU B 355 13.43 10.69 -1.57
N LEU B 356 14.41 11.43 -1.11
CA LEU B 356 15.74 11.31 -1.73
C LEU B 356 16.43 9.96 -1.43
N PRO B 357 16.20 9.40 -0.23
CA PRO B 357 16.67 8.04 -0.04
C PRO B 357 15.97 7.00 -0.93
N LEU B 358 14.70 7.25 -1.32
CA LEU B 358 14.00 6.41 -2.31
C LEU B 358 14.56 6.57 -3.72
N LEU B 359 14.90 7.79 -4.08
CA LEU B 359 15.58 8.08 -5.32
C LEU B 359 16.88 7.30 -5.32
N ALA B 360 17.59 7.34 -4.20
CA ALA B 360 18.83 6.56 -4.07
C ALA B 360 18.62 5.06 -4.24
N PHE B 361 17.55 4.56 -3.63
CA PHE B 361 17.14 3.16 -3.66
C PHE B 361 16.78 2.75 -5.09
N THR B 362 16.23 3.70 -5.84
CA THR B 362 15.90 3.45 -7.24
C THR B 362 17.10 3.13 -8.05
N TYR B 363 18.11 3.98 -7.94
CA TYR B 363 19.41 3.73 -8.58
C TYR B 363 20.00 2.41 -8.12
N ALA B 364 19.97 2.18 -6.81
CA ALA B 364 20.54 0.95 -6.24
C ALA B 364 19.86 -0.34 -6.75
N MET B 365 18.56 -0.32 -6.99
CA MET B 365 17.88 -1.48 -7.53
C MET B 365 18.46 -1.82 -8.90
N LYS B 366 18.59 -0.82 -9.76
CA LYS B 366 19.26 -1.02 -11.03
C LYS B 366 20.64 -1.65 -10.90
N MET B 367 21.44 -1.14 -9.97
CA MET B 367 22.81 -1.61 -9.80
C MET B 367 22.80 -3.09 -9.44
N ALA B 368 21.96 -3.47 -8.47
CA ALA B 368 21.77 -4.85 -8.13
C ALA B 368 21.26 -5.72 -9.30
N ALA B 369 20.40 -5.18 -10.15
CA ALA B 369 19.97 -5.90 -11.36
C ALA B 369 21.16 -6.17 -12.23
N ASP B 370 21.93 -5.12 -12.48
CA ASP B 370 23.03 -5.18 -13.44
C ASP B 370 24.13 -6.13 -12.90
N GLN B 371 24.42 -6.04 -11.61
CA GLN B 371 25.34 -6.89 -10.90
C GLN B 371 24.97 -8.36 -11.02
N SER B 372 23.70 -8.66 -10.80
CA SER B 372 23.23 -10.03 -10.88
C SER B 372 23.38 -10.61 -12.26
N GLN B 373 23.06 -9.82 -13.27
CA GLN B 373 23.18 -10.28 -14.62
C GLN B 373 24.62 -10.58 -14.95
N ILE B 374 25.50 -9.70 -14.54
CA ILE B 374 26.90 -9.90 -14.80
C ILE B 374 27.45 -11.12 -14.07
N GLN B 375 27.08 -11.28 -12.81
CA GLN B 375 27.59 -12.38 -12.05
C GLN B 375 27.08 -13.69 -12.61
N TYR B 376 25.82 -13.72 -12.98
CA TYR B 376 25.24 -14.91 -13.58
C TYR B 376 25.79 -15.28 -14.96
N ASP B 377 26.02 -14.30 -15.81
CA ASP B 377 26.67 -14.57 -17.08
C ASP B 377 28.06 -15.07 -16.81
N GLN B 378 28.75 -14.42 -15.89
CA GLN B 378 30.12 -14.76 -15.60
C GLN B 378 30.27 -16.17 -15.05
N THR B 379 29.40 -16.56 -14.14
CA THR B 379 29.43 -17.91 -13.62
C THR B 379 29.05 -18.95 -14.67
N THR B 380 28.11 -18.61 -15.54
CA THR B 380 27.68 -19.50 -16.60
C THR B 380 28.82 -19.86 -17.58
N ASP B 381 29.64 -18.89 -17.93
CA ASP B 381 30.81 -19.08 -18.79
C ASP B 381 31.82 -19.98 -18.11
N LEU B 382 32.14 -19.65 -16.86
CA LEU B 382 33.06 -20.44 -16.05
C LEU B 382 32.52 -21.84 -15.68
N LEU B 383 31.31 -22.17 -16.13
CA LEU B 383 30.86 -23.57 -16.23
C LEU B 383 31.16 -24.22 -17.61
N GLN B 384 30.97 -23.51 -18.70
CA GLN B 384 31.34 -24.02 -20.01
C GLN B 384 32.83 -24.16 -20.13
N THR B 385 33.56 -23.17 -19.62
CA THR B 385 34.99 -23.20 -19.82
C THR B 385 35.47 -24.48 -19.15
N ILE B 386 34.87 -24.84 -18.03
CA ILE B 386 35.30 -26.06 -17.36
C ILE B 386 34.64 -27.31 -17.94
N ASP B 387 34.88 -27.56 -19.23
CA ASP B 387 34.59 -28.87 -19.82
C ASP B 387 35.53 -29.85 -19.18
N PRO B 388 36.85 -29.37 -19.03
CA PRO B 388 37.71 -30.28 -18.27
C PRO B 388 37.83 -29.74 -16.86
N LYS B 389 37.63 -30.61 -15.89
CA LYS B 389 37.32 -30.19 -14.57
C LYS B 389 38.38 -30.55 -13.55
N ASP B 390 38.76 -29.57 -12.74
CA ASP B 390 39.59 -29.81 -11.58
C ASP B 390 38.71 -29.67 -10.32
N LYS B 391 38.75 -30.71 -9.51
CA LYS B 391 37.83 -30.89 -8.36
C LYS B 391 37.47 -29.62 -7.57
N GLY B 392 38.46 -28.75 -7.30
CA GLY B 392 38.25 -27.51 -6.54
C GLY B 392 37.61 -26.35 -7.32
N ALA B 393 37.99 -26.20 -8.60
CA ALA B 393 37.51 -25.08 -9.45
C ALA B 393 36.09 -25.27 -10.01
N LEU B 394 35.67 -26.52 -10.22
CA LEU B 394 34.26 -26.81 -10.56
C LEU B 394 33.33 -26.63 -9.35
N GLY B 395 33.87 -26.90 -8.15
CA GLY B 395 33.13 -26.82 -6.90
C GLY B 395 32.76 -25.42 -6.49
N LYS B 396 33.70 -24.47 -6.62
CA LYS B 396 33.41 -23.07 -6.29
C LYS B 396 32.53 -22.36 -7.33
N ALA B 397 32.58 -22.77 -8.61
CA ALA B 397 31.64 -22.24 -9.63
C ALA B 397 30.22 -22.66 -9.30
N ILE B 398 30.08 -23.92 -8.95
CA ILE B 398 28.81 -24.45 -8.46
C ILE B 398 28.33 -23.70 -7.22
N VAL B 399 29.24 -23.44 -6.29
CA VAL B 399 28.89 -22.76 -5.03
C VAL B 399 28.60 -21.24 -5.26
N ASP B 400 29.26 -20.62 -6.23
CA ASP B 400 28.95 -19.23 -6.58
C ASP B 400 27.56 -19.21 -7.22
N LEU B 401 27.25 -20.20 -8.08
CA LEU B 401 25.89 -20.39 -8.63
C LEU B 401 24.85 -20.50 -7.52
N LYS B 402 24.96 -21.51 -6.66
CA LYS B 402 24.01 -21.71 -5.57
C LYS B 402 23.80 -20.38 -4.86
N GLU B 403 24.87 -19.68 -4.53
CA GLU B 403 24.74 -18.40 -3.80
C GLU B 403 24.11 -17.27 -4.63
N LEU B 404 24.13 -17.44 -5.95
CA LEU B 404 23.41 -16.54 -6.85
C LEU B 404 21.90 -16.74 -6.77
N PHE B 405 21.41 -18.00 -6.87
CA PHE B 405 19.97 -18.34 -6.64
C PHE B 405 19.43 -17.64 -5.39
N ALA B 406 20.11 -17.87 -4.26
CA ALA B 406 19.72 -17.32 -2.96
C ALA B 406 19.71 -15.81 -2.98
N SER B 407 20.79 -15.22 -3.44
CA SER B 407 20.86 -13.78 -3.58
C SER B 407 19.73 -13.23 -4.51
N SER B 408 19.43 -13.91 -5.62
CA SER B 408 18.33 -13.57 -6.53
C SER B 408 16.99 -13.48 -5.79
N ALA B 409 16.78 -14.40 -4.86
CA ALA B 409 15.52 -14.55 -4.18
C ALA B 409 15.25 -13.36 -3.32
N GLY B 410 16.19 -13.04 -2.44
CA GLY B 410 16.05 -11.86 -1.57
C GLY B 410 15.91 -10.55 -2.33
N LEU B 411 16.72 -10.43 -3.38
CA LEU B 411 16.70 -9.27 -4.24
C LEU B 411 15.31 -9.07 -4.87
N LYS B 412 14.75 -10.13 -5.44
CA LYS B 412 13.39 -10.07 -6.01
C LYS B 412 12.36 -9.66 -4.93
N ALA B 413 12.40 -10.34 -3.79
CA ALA B 413 11.48 -10.03 -2.70
C ALA B 413 11.59 -8.56 -2.26
N PHE B 414 12.76 -8.12 -1.86
CA PHE B 414 12.89 -6.75 -1.30
C PHE B 414 12.77 -5.62 -2.31
N THR B 415 13.33 -5.77 -3.51
CA THR B 415 13.19 -4.75 -4.53
C THR B 415 11.72 -4.65 -5.00
N THR B 416 10.97 -5.75 -5.07
CA THR B 416 9.55 -5.59 -5.41
C THR B 416 8.75 -4.92 -4.31
N TRP B 417 8.94 -5.34 -3.05
CA TRP B 417 8.29 -4.63 -1.94
C TRP B 417 8.72 -3.14 -1.85
N THR B 418 9.99 -2.86 -2.09
CA THR B 418 10.45 -1.49 -2.13
C THR B 418 9.71 -0.67 -3.21
N CYS B 419 9.56 -1.22 -4.42
CA CYS B 419 8.88 -0.53 -5.50
C CYS B 419 7.46 -0.20 -5.11
N ALA B 420 6.75 -1.16 -4.55
CA ALA B 420 5.42 -0.88 -3.97
C ALA B 420 5.48 0.28 -2.99
N ASN B 421 6.45 0.25 -2.08
CA ASN B 421 6.58 1.27 -1.05
C ASN B 421 6.88 2.65 -1.67
N ILE B 422 7.77 2.66 -2.69
CA ILE B 422 8.12 3.89 -3.39
C ILE B 422 6.87 4.55 -3.99
N ILE B 423 6.05 3.73 -4.67
CA ILE B 423 4.83 4.20 -5.30
C ILE B 423 3.93 4.84 -4.26
N ASP B 424 3.69 4.11 -3.19
CA ASP B 424 2.86 4.54 -2.09
C ASP B 424 3.34 5.82 -1.44
N GLN B 425 4.64 5.89 -1.17
CA GLN B 425 5.22 7.08 -0.53
C GLN B 425 5.20 8.30 -1.41
N CYS B 426 5.52 8.10 -2.69
CA CYS B 426 5.46 9.19 -3.63
C CYS B 426 4.02 9.72 -3.77
N ARG B 427 3.04 8.84 -3.74
CA ARG B 427 1.69 9.33 -3.77
C ARG B 427 1.38 10.18 -2.55
N GLN B 428 1.77 9.75 -1.37
CA GLN B 428 1.50 10.57 -0.17
C GLN B 428 2.32 11.85 -0.21
N ALA B 429 3.55 11.81 -0.72
CA ALA B 429 4.37 13.02 -0.92
C ALA B 429 3.74 14.10 -1.82
N CYS B 430 2.76 13.73 -2.62
CA CYS B 430 2.05 14.66 -3.44
C CYS B 430 0.69 15.03 -2.81
N GLY B 431 0.45 14.64 -1.54
CA GLY B 431 -0.81 14.98 -0.89
C GLY B 431 -2.07 14.50 -1.60
N GLY B 432 -3.13 15.27 -1.47
CA GLY B 432 -4.39 15.00 -2.10
C GLY B 432 -4.27 14.70 -3.56
N HIS B 433 -3.50 15.54 -4.24
CA HIS B 433 -3.18 15.36 -5.66
C HIS B 433 -2.58 13.99 -6.08
N GLY B 434 -1.95 13.29 -5.12
CA GLY B 434 -1.55 11.89 -5.28
C GLY B 434 -2.72 10.92 -5.51
N TYR B 435 -3.92 11.30 -5.06
CA TYR B 435 -5.09 10.44 -5.09
C TYR B 435 -5.95 10.64 -6.36
N SER B 436 -5.62 11.63 -7.19
CA SER B 436 -6.14 11.70 -8.54
C SER B 436 -5.66 10.53 -9.43
N GLY B 437 -6.59 9.81 -10.07
CA GLY B 437 -6.23 8.71 -10.98
C GLY B 437 -5.26 9.11 -12.10
N TYR B 438 -5.36 10.36 -12.53
CA TYR B 438 -4.55 10.89 -13.62
C TYR B 438 -3.06 11.02 -13.28
N ASN B 439 -2.74 11.11 -12.00
CA ASN B 439 -1.33 11.14 -11.55
C ASN B 439 -0.70 9.74 -11.33
N GLY B 440 -1.41 8.68 -11.76
CA GLY B 440 -0.83 7.36 -11.95
C GLY B 440 -0.72 6.46 -10.75
N PHE B 441 -0.63 7.02 -9.54
CA PHE B 441 -0.31 6.28 -8.32
C PHE B 441 -1.25 5.11 -8.05
N GLY B 442 -2.55 5.35 -8.18
CA GLY B 442 -3.58 4.41 -7.77
C GLY B 442 -3.49 3.15 -8.59
N GLN B 443 -3.50 3.34 -9.91
CA GLN B 443 -3.47 2.25 -10.85
C GLN B 443 -2.10 1.55 -10.83
N ALA B 444 -1.02 2.33 -10.74
CA ALA B 444 0.32 1.70 -10.70
C ALA B 444 0.45 0.79 -9.50
N TYR B 445 0.03 1.30 -8.34
CA TYR B 445 0.13 0.53 -7.11
C TYR B 445 -0.73 -0.73 -7.19
N ALA B 446 -1.97 -0.59 -7.66
CA ALA B 446 -2.86 -1.73 -7.83
C ALA B 446 -2.28 -2.80 -8.78
N ASP B 447 -1.68 -2.36 -9.87
CA ASP B 447 -1.03 -3.26 -10.82
C ASP B 447 0.24 -3.83 -10.27
N TRP B 448 1.12 -3.02 -9.70
CA TRP B 448 2.45 -3.49 -9.34
C TRP B 448 2.48 -4.60 -8.30
N VAL B 449 1.69 -4.44 -7.28
CA VAL B 449 1.78 -5.20 -6.05
C VAL B 449 1.77 -6.72 -6.23
N VAL B 450 1.12 -7.22 -7.27
CA VAL B 450 1.09 -8.64 -7.55
C VAL B 450 2.48 -9.20 -7.77
N GLN B 451 3.44 -8.37 -8.20
CA GLN B 451 4.84 -8.76 -8.30
C GLN B 451 5.35 -9.32 -6.96
N CYS B 452 4.72 -8.92 -5.85
CA CYS B 452 5.14 -9.39 -4.54
C CYS B 452 4.62 -10.76 -4.20
N THR B 453 3.69 -11.24 -5.01
CA THR B 453 3.01 -12.49 -4.76
C THR B 453 3.36 -13.55 -5.81
N TRP B 454 3.40 -13.19 -7.09
CA TRP B 454 3.76 -14.15 -8.14
C TRP B 454 5.27 -14.27 -8.32
N GLU B 455 5.69 -15.25 -9.11
CA GLU B 455 7.09 -15.52 -9.35
C GLU B 455 7.85 -15.68 -8.06
N GLY B 456 7.23 -16.38 -7.13
CA GLY B 456 7.78 -16.63 -5.83
C GLY B 456 7.17 -15.70 -4.83
N ASP B 457 6.40 -16.23 -3.89
CA ASP B 457 5.83 -15.39 -2.86
C ASP B 457 6.98 -14.84 -2.07
N ASN B 458 6.96 -13.53 -1.84
CA ASN B 458 8.09 -12.81 -1.32
C ASN B 458 8.47 -13.30 0.05
N ASN B 459 7.48 -13.59 0.87
CA ASN B 459 7.73 -14.18 2.17
C ASN B 459 8.31 -15.60 2.09
N VAL B 460 7.82 -16.41 1.16
CA VAL B 460 8.36 -17.76 1.01
C VAL B 460 9.84 -17.69 0.52
N LEU B 461 10.14 -16.77 -0.36
CA LEU B 461 11.50 -16.62 -0.84
C LEU B 461 12.43 -16.18 0.29
N CYS B 462 11.99 -15.25 1.11
CA CYS B 462 12.81 -14.83 2.23
C CYS B 462 13.11 -15.96 3.23
N LEU B 463 12.08 -16.72 3.62
CA LEU B 463 12.25 -17.82 4.57
C LEU B 463 13.13 -18.93 3.98
N SER B 464 13.00 -19.26 2.68
CA SER B 464 13.97 -20.16 2.04
C SER B 464 15.37 -19.58 2.19
N MET B 465 15.55 -18.31 1.81
CA MET B 465 16.86 -17.70 1.75
C MET B 465 17.59 -17.78 3.06
N GLY B 466 16.91 -17.38 4.12
CA GLY B 466 17.42 -17.39 5.50
C GLY B 466 17.78 -18.77 6.04
N ARG B 467 17.01 -19.79 5.64
CA ARG B 467 17.41 -21.17 5.85
C ARG B 467 18.69 -21.42 5.04
N GLY B 468 18.73 -21.03 3.76
CA GLY B 468 19.90 -21.27 2.91
C GLY B 468 21.18 -20.61 3.46
N LEU B 469 21.02 -19.43 4.05
CA LEU B 469 22.17 -18.67 4.55
C LEU B 469 22.76 -19.37 5.76
N ILE B 470 21.89 -19.82 6.67
CA ILE B 470 22.24 -20.70 7.79
C ILE B 470 22.98 -21.95 7.36
N GLN B 471 22.45 -22.63 6.36
CA GLN B 471 23.09 -23.85 5.84
C GLN B 471 24.48 -23.54 5.26
N SER B 472 24.65 -22.38 4.62
CA SER B 472 25.98 -22.00 4.09
C SER B 472 26.92 -21.67 5.23
N CYS B 473 26.38 -21.12 6.30
CA CYS B 473 27.16 -20.87 7.50
C CYS B 473 27.63 -22.23 8.04
N LEU B 474 26.70 -23.12 8.43
CA LEU B 474 27.07 -24.48 8.86
C LEU B 474 28.07 -25.19 7.89
N GLY B 475 27.79 -25.16 6.58
CA GLY B 475 28.74 -25.64 5.57
C GLY B 475 30.18 -25.22 5.87
N HIS B 476 30.42 -23.91 5.91
CA HIS B 476 31.77 -23.33 6.15
C HIS B 476 32.39 -23.76 7.49
N ARG B 477 31.55 -23.83 8.50
CA ARG B 477 31.99 -24.18 9.83
C ARG B 477 32.59 -25.57 9.78
N LYS B 478 32.00 -26.40 8.94
CA LYS B 478 32.37 -27.81 8.83
C LYS B 478 33.31 -28.04 7.66
N GLY B 479 33.97 -26.99 7.22
CA GLY B 479 35.03 -27.11 6.25
C GLY B 479 34.65 -27.06 4.80
N LYS B 480 33.38 -26.88 4.52
CA LYS B 480 32.90 -26.64 3.13
C LYS B 480 33.22 -25.21 2.61
N PRO B 481 33.34 -25.09 1.28
CA PRO B 481 33.63 -23.82 0.62
C PRO B 481 32.49 -22.82 0.63
N LEU B 482 32.83 -21.54 0.55
CA LEU B 482 31.88 -20.44 0.60
C LEU B 482 31.76 -19.76 -0.73
N GLY B 483 30.53 -19.50 -1.14
CA GLY B 483 30.26 -18.72 -2.34
C GLY B 483 30.70 -17.30 -2.08
N SER B 484 30.99 -16.57 -3.14
CA SER B 484 31.51 -15.22 -3.03
C SER B 484 30.54 -14.30 -2.31
N SER B 485 29.25 -14.45 -2.61
CA SER B 485 28.23 -13.56 -2.11
C SER B 485 28.15 -13.58 -0.59
N VAL B 486 28.50 -14.71 -0.01
CA VAL B 486 28.51 -14.88 1.42
C VAL B 486 29.91 -14.94 2.02
N GLY B 487 30.89 -14.38 1.32
CA GLY B 487 32.27 -14.45 1.76
C GLY B 487 32.50 -13.84 3.13
N TYR B 488 31.75 -12.81 3.44
CA TYR B 488 31.95 -12.04 4.66
C TYR B 488 31.75 -12.96 5.85
N LEU B 489 31.09 -14.08 5.61
CA LEU B 489 30.93 -15.12 6.62
C LEU B 489 32.26 -15.74 7.04
N ALA B 490 33.28 -15.67 6.19
CA ALA B 490 34.61 -16.19 6.51
C ALA B 490 35.59 -15.21 7.14
N ASN B 491 35.18 -13.97 7.33
CA ASN B 491 36.01 -12.87 7.81
C ASN B 491 36.18 -12.95 9.34
N LYS B 492 37.44 -13.13 9.75
CA LYS B 492 37.82 -13.29 11.16
C LYS B 492 37.63 -11.95 11.91
N GLY B 493 38.16 -10.87 11.32
CA GLY B 493 38.13 -9.51 11.91
C GLY B 493 36.79 -8.95 12.33
N LEU B 494 35.75 -9.38 11.64
CA LEU B 494 34.37 -8.89 11.82
C LEU B 494 33.81 -9.09 13.21
N GLU B 495 34.13 -10.22 13.84
CA GLU B 495 33.50 -10.59 15.11
C GLU B 495 33.68 -9.55 16.23
N GLN B 496 34.82 -8.87 16.26
CA GLN B 496 35.12 -7.82 17.25
C GLN B 496 35.34 -6.41 16.64
N ALA B 497 35.22 -6.27 15.32
CA ALA B 497 35.26 -4.94 14.65
C ALA B 497 34.25 -3.97 15.27
N THR B 498 34.69 -2.73 15.46
CA THR B 498 33.83 -1.66 15.92
C THR B 498 34.16 -0.42 15.13
N LEU B 499 33.32 0.59 15.21
CA LEU B 499 33.53 1.79 14.42
C LEU B 499 34.86 2.40 14.78
N SER B 500 35.16 2.46 16.06
CA SER B 500 36.47 2.86 16.55
C SER B 500 36.89 4.23 16.03
N GLY B 501 35.95 5.14 15.93
CA GLY B 501 36.26 6.49 15.51
C GLY B 501 36.60 6.69 14.06
N ARG B 502 36.23 5.73 13.22
CA ARG B 502 36.45 5.85 11.79
C ARG B 502 35.41 6.73 11.12
N ASP B 503 35.69 7.13 9.89
CA ASP B 503 34.81 8.03 9.17
C ASP B 503 33.59 7.30 8.65
N LEU B 504 32.42 7.77 9.05
CA LEU B 504 31.16 7.28 8.54
C LEU B 504 30.82 7.75 7.13
N LYS B 505 31.60 8.67 6.59
CA LYS B 505 31.47 9.06 5.20
C LYS B 505 32.30 8.18 4.31
N ASP B 506 33.06 7.27 4.89
CA ASP B 506 33.89 6.38 4.11
C ASP B 506 33.08 5.16 3.75
N PRO B 507 32.98 4.87 2.47
CA PRO B 507 32.18 3.74 2.03
C PRO B 507 32.69 2.42 2.61
N LYS B 508 34.00 2.26 2.70
CA LYS B 508 34.57 1.02 3.18
C LYS B 508 34.10 0.73 4.60
N VAL B 509 34.06 1.75 5.44
CA VAL B 509 33.58 1.57 6.80
C VAL B 509 32.11 1.19 6.85
N LEU B 510 31.31 1.82 6.01
CA LEU B 510 29.92 1.46 5.86
C LEU B 510 29.74 0.00 5.32
N ILE B 511 30.57 -0.44 4.38
CA ILE B 511 30.49 -1.82 3.94
C ILE B 511 30.75 -2.77 5.15
N GLU B 512 31.76 -2.43 5.94
CA GLU B 512 32.13 -3.28 7.07
C GLU B 512 31.02 -3.35 8.09
N ALA B 513 30.36 -2.23 8.36
CA ALA B 513 29.21 -2.20 9.29
C ALA B 513 28.10 -3.14 8.84
N TRP B 514 27.77 -3.09 7.55
CA TRP B 514 26.76 -3.98 6.98
C TRP B 514 27.23 -5.43 6.94
N GLU B 515 28.50 -5.69 6.57
CA GLU B 515 29.07 -7.06 6.64
C GLU B 515 29.00 -7.58 8.08
N LYS B 516 29.35 -6.73 9.03
CA LYS B 516 29.37 -7.14 10.43
C LYS B 516 27.97 -7.57 10.94
N VAL B 517 26.98 -6.74 10.65
CA VAL B 517 25.58 -6.99 11.07
C VAL B 517 24.95 -8.22 10.40
N ALA B 518 25.26 -8.48 9.13
CA ALA B 518 24.71 -9.65 8.46
C ALA B 518 25.34 -10.94 8.97
N ASN B 519 26.67 -10.92 9.04
CA ASN B 519 27.44 -12.04 9.63
C ASN B 519 27.03 -12.28 11.07
N GLY B 520 26.91 -11.22 11.84
CA GLY B 520 26.43 -11.34 13.23
C GLY B 520 25.08 -12.05 13.36
N ALA B 521 24.13 -11.71 12.50
CA ALA B 521 22.82 -12.35 12.55
C ALA B 521 22.91 -13.84 12.13
N ILE B 522 23.67 -14.13 11.09
CA ILE B 522 23.75 -15.45 10.51
C ILE B 522 24.45 -16.44 11.41
N GLN B 523 25.60 -16.03 11.92
CA GLN B 523 26.37 -16.86 12.81
C GLN B 523 25.60 -17.15 14.09
N ARG B 524 24.92 -16.15 14.62
CA ARG B 524 24.15 -16.30 15.85
C ARG B 524 22.95 -17.23 15.71
N ALA B 525 22.22 -17.07 14.61
CA ALA B 525 21.12 -17.97 14.29
C ALA B 525 21.66 -19.36 13.92
N THR B 526 22.89 -19.45 13.45
CA THR B 526 23.47 -20.76 13.23
C THR B 526 23.77 -21.51 14.52
N ASP B 527 24.28 -20.77 15.50
CA ASP B 527 24.57 -21.32 16.81
C ASP B 527 23.30 -21.76 17.50
N LYS B 528 22.25 -20.97 17.33
CA LYS B 528 20.96 -21.33 17.85
C LYS B 528 20.45 -22.60 17.19
N PHE B 529 20.62 -22.71 15.89
CA PHE B 529 20.17 -23.89 15.18
C PHE B 529 20.90 -25.16 15.61
N VAL B 530 22.22 -25.05 15.74
CA VAL B 530 23.02 -26.20 16.13
C VAL B 530 22.61 -26.64 17.52
N GLU B 531 22.42 -25.66 18.39
CA GLU B 531 22.04 -25.91 19.76
C GLU B 531 20.69 -26.58 19.86
N LEU B 532 19.74 -26.14 19.05
CA LEU B 532 18.39 -26.75 18.99
C LEU B 532 18.35 -28.18 18.36
N THR B 533 19.18 -28.42 17.35
CA THR B 533 19.41 -29.73 16.77
C THR B 533 20.10 -30.67 17.73
N LYS B 534 21.03 -30.13 18.50
CA LYS B 534 21.68 -30.89 19.55
C LYS B 534 20.63 -31.28 20.55
N GLY B 535 19.71 -30.37 20.82
CA GLY B 535 18.63 -30.58 21.76
C GLY B 535 17.71 -31.69 21.29
N GLY B 536 17.88 -32.09 20.04
CA GLY B 536 17.08 -33.16 19.47
C GLY B 536 15.99 -32.83 18.48
N LEU B 537 15.80 -31.55 18.19
CA LEU B 537 14.90 -31.14 17.11
C LEU B 537 15.46 -31.57 15.76
N SER B 538 14.59 -31.94 14.83
CA SER B 538 15.01 -32.27 13.48
C SER B 538 15.41 -31.00 12.77
N PRO B 539 16.24 -31.09 11.74
CA PRO B 539 16.63 -29.85 11.01
C PRO B 539 15.45 -28.86 10.73
N ASP B 540 14.34 -29.42 10.22
CA ASP B 540 13.17 -28.64 9.80
C ASP B 540 12.35 -28.02 10.95
N GLN B 541 12.25 -28.68 12.10
CA GLN B 541 11.57 -28.10 13.28
C GLN B 541 12.37 -26.93 13.90
N ALA B 542 13.70 -27.02 13.86
CA ALA B 542 14.57 -25.94 14.33
C ALA B 542 14.45 -24.68 13.45
N PHE B 543 14.52 -24.82 12.12
CA PHE B 543 14.27 -23.68 11.21
C PHE B 543 12.92 -23.00 11.48
N GLU B 544 11.88 -23.79 11.72
CA GLU B 544 10.57 -23.28 12.04
C GLU B 544 10.56 -22.51 13.36
N GLU B 545 11.25 -23.04 14.36
CA GLU B 545 11.49 -22.34 15.65
C GLU B 545 12.31 -21.05 15.51
N LEU B 546 13.09 -20.98 14.44
CA LEU B 546 13.94 -19.83 14.13
C LEU B 546 13.40 -18.98 12.97
N SER B 547 12.09 -18.90 12.81
CA SER B 547 11.53 -18.33 11.57
C SER B 547 11.81 -16.81 11.44
N GLN B 548 11.61 -16.08 12.55
CA GLN B 548 12.03 -14.69 12.73
C GLN B 548 13.48 -14.51 12.23
N GLN B 549 14.39 -15.36 12.74
CA GLN B 549 15.86 -15.30 12.48
C GLN B 549 16.18 -15.53 11.00
N ARG B 550 15.55 -16.52 10.38
CA ARG B 550 15.74 -16.74 8.95
C ARG B 550 15.35 -15.52 8.09
N PHE B 551 14.21 -14.92 8.39
CA PHE B 551 13.75 -13.74 7.72
C PHE B 551 14.75 -12.63 7.90
N GLN B 552 15.09 -12.38 9.17
CA GLN B 552 16.01 -11.32 9.56
C GLN B 552 17.37 -11.47 8.90
N CYS B 553 17.89 -12.69 8.85
CA CYS B 553 19.07 -13.00 8.05
C CYS B 553 18.95 -12.60 6.61
N ALA B 554 17.82 -12.95 5.99
CA ALA B 554 17.56 -12.64 4.57
C ALA B 554 17.47 -11.10 4.24
N LYS B 555 16.83 -10.36 5.14
CA LYS B 555 16.65 -8.93 5.03
C LYS B 555 17.97 -8.27 5.15
N ILE B 556 18.74 -8.72 6.15
CA ILE B 556 20.01 -8.05 6.49
C ILE B 556 21.01 -8.27 5.38
N HIS B 557 21.17 -9.51 4.97
CA HIS B 557 22.02 -9.83 3.87
C HIS B 557 21.61 -9.15 2.60
N THR B 558 20.31 -9.04 2.36
CA THR B 558 19.89 -8.43 1.12
C THR B 558 20.18 -6.94 1.17
N ARG B 559 19.92 -6.30 2.29
CA ARG B 559 20.22 -4.88 2.39
C ARG B 559 21.70 -4.62 2.18
N LYS B 560 22.53 -5.47 2.75
CA LYS B 560 23.96 -5.36 2.61
C LYS B 560 24.39 -5.55 1.17
N HIS B 561 23.75 -6.48 0.49
CA HIS B 561 24.03 -6.78 -0.90
C HIS B 561 23.71 -5.59 -1.80
N LEU B 562 22.62 -4.92 -1.51
CA LEU B 562 22.22 -3.74 -2.24
C LEU B 562 23.25 -2.64 -2.07
N VAL B 563 23.75 -2.50 -0.86
CA VAL B 563 24.82 -1.51 -0.55
C VAL B 563 26.07 -1.83 -1.34
N THR B 564 26.56 -3.06 -1.26
CA THR B 564 27.88 -3.35 -1.87
C THR B 564 27.77 -3.23 -3.35
N ALA B 565 26.63 -3.69 -3.89
CA ALA B 565 26.41 -3.63 -5.34
C ALA B 565 26.42 -2.21 -5.87
N PHE B 566 25.94 -1.27 -5.07
CA PHE B 566 25.85 0.12 -5.52
C PHE B 566 27.27 0.65 -5.68
N TYR B 567 28.06 0.57 -4.61
CA TYR B 567 29.48 0.95 -4.62
C TYR B 567 30.31 0.21 -5.67
N GLU B 568 30.14 -1.11 -5.74
CA GLU B 568 30.85 -1.92 -6.76
C GLU B 568 30.58 -1.51 -8.21
N ARG B 569 29.32 -1.24 -8.56
CA ARG B 569 29.01 -0.78 -9.91
C ARG B 569 29.48 0.66 -10.17
N ILE B 570 29.48 1.52 -9.15
CA ILE B 570 30.02 2.89 -9.29
C ILE B 570 31.52 2.82 -9.59
N ASN B 571 32.26 2.06 -8.78
CA ASN B 571 33.69 1.86 -9.02
C ASN B 571 33.99 1.18 -10.35
N ALA B 572 33.13 0.26 -10.80
CA ALA B 572 33.34 -0.41 -12.08
C ALA B 572 32.99 0.43 -13.33
N SER B 573 31.97 1.30 -13.24
CA SER B 573 31.45 1.92 -14.49
C SER B 573 31.19 3.43 -14.50
N ALA B 574 31.40 4.14 -13.37
CA ALA B 574 31.11 5.58 -13.29
C ALA B 574 32.25 6.47 -13.79
N LYS B 575 32.00 7.18 -14.89
CA LYS B 575 32.90 8.25 -15.32
C LYS B 575 33.03 9.34 -14.26
N ALA B 576 34.12 10.10 -14.39
CA ALA B 576 34.54 11.09 -13.38
C ALA B 576 33.50 12.15 -13.17
N ASP B 577 32.95 12.67 -14.25
CA ASP B 577 31.95 13.74 -14.12
C ASP B 577 30.70 13.39 -13.27
N VAL B 578 30.35 12.10 -13.18
CA VAL B 578 29.22 11.68 -12.34
C VAL B 578 29.57 10.96 -11.05
N LYS B 579 30.78 10.43 -10.92
CA LYS B 579 31.17 9.64 -9.71
C LYS B 579 30.86 10.30 -8.35
N PRO B 580 31.28 11.59 -8.16
CA PRO B 580 30.99 12.21 -6.84
C PRO B 580 29.52 12.23 -6.50
N TYR B 581 28.67 12.50 -7.50
CA TYR B 581 27.19 12.62 -7.31
C TYR B 581 26.54 11.25 -7.04
N LEU B 582 27.05 10.17 -7.66
CA LEU B 582 26.63 8.79 -7.31
C LEU B 582 27.11 8.28 -5.95
N ILE B 583 28.30 8.68 -5.52
CA ILE B 583 28.78 8.35 -4.15
C ILE B 583 27.92 9.08 -3.13
N ASN B 584 27.45 10.28 -3.46
CA ASN B 584 26.53 11.00 -2.58
C ASN B 584 25.20 10.25 -2.36
N LEU B 585 24.59 9.87 -3.49
CA LEU B 585 23.40 8.97 -3.50
C LEU B 585 23.62 7.68 -2.72
N ALA B 586 24.68 6.97 -3.09
CA ALA B 586 25.07 5.71 -2.45
C ALA B 586 25.24 5.88 -0.98
N ASN B 587 25.90 6.97 -0.59
CA ASN B 587 26.11 7.26 0.84
C ASN B 587 24.81 7.52 1.58
N LEU B 588 23.95 8.33 0.96
CA LEU B 588 22.63 8.59 1.52
C LEU B 588 21.91 7.28 1.68
N PHE B 589 21.96 6.45 0.64
CA PHE B 589 21.28 5.15 0.69
C PHE B 589 21.78 4.35 1.87
N THR B 590 23.09 4.28 2.00
CA THR B 590 23.68 3.40 3.00
C THR B 590 23.52 3.89 4.45
N LEU B 591 23.60 5.20 4.66
CA LEU B 591 23.46 5.78 5.97
C LEU B 591 22.01 5.86 6.41
N TRP B 592 21.13 6.16 5.43
CA TRP B 592 19.73 6.17 5.74
C TRP B 592 19.35 4.75 6.15
N SER B 593 19.94 3.77 5.47
CA SER B 593 19.66 2.37 5.73
C SER B 593 20.08 2.02 7.16
N ILE B 594 21.24 2.51 7.58
CA ILE B 594 21.75 2.34 8.97
C ILE B 594 20.83 3.01 10.00
N GLU B 595 20.39 4.24 9.74
CA GLU B 595 19.44 4.90 10.62
C GLU B 595 18.13 4.11 10.80
N GLU B 596 17.61 3.55 9.71
CA GLU B 596 16.33 2.82 9.74
C GLU B 596 16.41 1.53 10.55
N ASP B 597 17.60 0.96 10.64
CA ASP B 597 17.77 -0.26 11.42
C ASP B 597 18.95 -0.07 12.38
N SER B 598 18.82 0.95 13.23
CA SER B 598 19.90 1.33 14.13
C SER B 598 20.15 0.22 15.18
N GLY B 599 19.07 -0.41 15.65
CA GLY B 599 19.14 -1.46 16.66
C GLY B 599 20.07 -2.61 16.32
N LEU B 600 20.17 -2.94 15.05
CA LEU B 600 21.09 -3.96 14.60
C LEU B 600 22.51 -3.65 14.95
N PHE B 601 22.90 -2.39 14.75
CA PHE B 601 24.32 -1.98 14.85
C PHE B 601 24.70 -1.66 16.30
N LEU B 602 23.70 -1.22 17.08
CA LEU B 602 23.81 -1.12 18.52
C LEU B 602 24.01 -2.49 19.16
N ARG B 603 23.29 -3.48 18.63
CA ARG B 603 23.21 -4.80 19.23
C ARG B 603 24.47 -5.63 19.06
N GLU B 604 25.16 -5.47 17.93
CA GLU B 604 26.44 -6.14 17.66
C GLU B 604 27.56 -5.34 18.25
N GLY B 605 27.30 -4.07 18.58
CA GLY B 605 28.27 -3.22 19.25
C GLY B 605 29.20 -2.55 18.28
N PHE B 606 28.85 -2.47 17.00
CA PHE B 606 29.65 -1.69 16.05
C PHE B 606 29.56 -0.19 16.29
N LEU B 607 28.39 0.28 16.72
CA LEU B 607 28.14 1.68 16.99
C LEU B 607 27.68 1.82 18.43
N GLN B 608 28.00 2.97 19.00
CA GLN B 608 27.48 3.41 20.30
C GLN B 608 26.34 4.43 20.05
N PRO B 609 25.50 4.70 21.06
CA PRO B 609 24.49 5.75 21.02
C PRO B 609 24.93 7.08 20.45
N LYS B 610 26.17 7.48 20.75
CA LYS B 610 26.76 8.70 20.26
C LYS B 610 26.93 8.63 18.74
N ASP B 611 27.22 7.46 18.21
CA ASP B 611 27.36 7.28 16.77
C ASP B 611 26.02 7.42 16.03
N ILE B 612 24.90 7.09 16.69
CA ILE B 612 23.56 7.18 16.08
C ILE B 612 23.15 8.63 15.77
N ASP B 613 23.53 9.56 16.63
CA ASP B 613 23.35 10.99 16.38
C ASP B 613 24.12 11.49 15.17
N GLN B 614 25.31 10.95 14.98
CA GLN B 614 26.17 11.32 13.88
C GLN B 614 25.63 10.78 12.53
N VAL B 615 25.08 9.57 12.53
CA VAL B 615 24.45 8.98 11.34
C VAL B 615 23.25 9.84 10.91
N THR B 616 22.30 10.09 11.82
CA THR B 616 21.25 11.10 11.63
C THR B 616 21.76 12.45 11.06
N GLU B 617 22.85 13.02 11.59
CA GLU B 617 23.43 14.27 11.03
C GLU B 617 23.95 14.07 9.61
N LEU B 618 24.57 12.92 9.36
CA LEU B 618 25.05 12.59 8.00
C LEU B 618 23.93 12.31 7.00
N VAL B 619 22.81 11.75 7.45
CA VAL B 619 21.66 11.52 6.58
C VAL B 619 21.13 12.88 6.17
N ASN B 620 21.00 13.78 7.14
CA ASN B 620 20.64 15.17 6.90
C ASN B 620 21.58 15.88 5.90
N HIS B 621 22.89 15.68 6.04
CA HIS B 621 23.86 16.33 5.17
C HIS B 621 23.74 15.78 3.73
N TYR B 622 23.68 14.45 3.58
CA TYR B 622 23.67 13.86 2.23
C TYR B 622 22.36 14.10 1.48
N CYS B 623 21.27 14.18 2.26
CA CYS B 623 19.98 14.75 1.80
C CYS B 623 20.16 16.16 1.14
N LYS B 624 20.83 17.08 1.81
CA LYS B 624 21.14 18.39 1.23
C LYS B 624 21.95 18.30 -0.05
N GLU B 625 22.97 17.46 -0.08
CA GLU B 625 23.88 17.41 -1.24
C GLU B 625 23.20 16.80 -2.47
N VAL B 626 22.47 15.73 -2.22
CA VAL B 626 21.62 15.11 -3.22
C VAL B 626 20.48 16.08 -3.63
N ARG B 627 19.86 16.79 -2.70
CA ARG B 627 18.73 17.70 -3.06
C ARG B 627 19.13 18.74 -4.13
N ASP B 628 20.29 19.34 -3.95
CA ASP B 628 20.82 20.33 -4.87
C ASP B 628 20.81 19.91 -6.34
N GLN B 629 20.98 18.63 -6.61
CA GLN B 629 21.08 18.10 -7.96
C GLN B 629 19.86 17.32 -8.47
N VAL B 630 18.70 17.48 -7.83
CA VAL B 630 17.58 16.57 -8.02
C VAL B 630 17.15 16.48 -9.46
N ALA B 631 17.16 17.61 -10.13
CA ALA B 631 16.75 17.64 -11.50
C ALA B 631 17.67 16.78 -12.33
N GLY B 632 18.96 16.80 -12.03
CA GLY B 632 19.89 15.97 -12.75
C GLY B 632 19.67 14.49 -12.57
N TYR B 633 19.44 14.05 -11.35
CA TYR B 633 19.29 12.65 -11.07
C TYR B 633 18.00 12.10 -11.69
N THR B 634 16.96 12.95 -11.83
CA THR B 634 15.62 12.51 -12.28
C THR B 634 15.52 12.58 -13.81
N ASP B 635 16.00 13.67 -14.38
CA ASP B 635 16.09 13.74 -15.82
C ASP B 635 16.96 12.68 -16.41
N ALA B 636 17.99 12.23 -15.67
CA ALA B 636 18.87 11.15 -16.20
C ALA B 636 18.12 9.88 -16.55
N PHE B 637 16.98 9.64 -15.92
CA PHE B 637 16.14 8.50 -16.30
C PHE B 637 15.65 8.58 -17.73
N GLY B 638 15.52 9.78 -18.28
CA GLY B 638 15.23 10.00 -19.71
C GLY B 638 13.81 9.69 -20.12
N LEU B 639 12.86 9.92 -19.23
CA LEU B 639 11.47 9.59 -19.52
C LEU B 639 10.75 10.78 -20.10
N SER B 640 9.94 10.52 -21.12
CA SER B 640 9.22 11.56 -21.76
C SER B 640 7.90 11.67 -21.04
N ASP B 641 7.14 12.70 -21.36
CA ASP B 641 5.81 12.83 -20.76
C ASP B 641 4.86 11.67 -21.00
N TRP B 642 5.01 10.97 -22.13
CA TRP B 642 4.22 9.79 -22.39
C TRP B 642 4.48 8.66 -21.36
N PHE B 643 5.74 8.41 -20.99
CA PHE B 643 6.08 7.46 -19.91
C PHE B 643 5.77 7.89 -18.48
N ILE B 644 5.83 9.19 -18.22
CA ILE B 644 5.43 9.74 -16.95
C ILE B 644 3.95 9.53 -16.74
N ASN B 645 3.18 9.84 -17.78
CA ASN B 645 1.74 9.66 -17.81
C ASN B 645 1.07 10.25 -16.59
N ALA B 646 1.51 11.41 -16.18
CA ALA B 646 0.90 12.10 -15.07
C ALA B 646 1.09 13.59 -15.21
N PRO B 647 0.03 14.37 -15.07
CA PRO B 647 0.13 15.81 -15.33
C PRO B 647 1.15 16.51 -14.45
N ILE B 648 1.20 16.18 -13.17
CA ILE B 648 2.09 16.85 -12.24
C ILE B 648 3.55 16.42 -12.37
N GLY B 649 3.78 15.36 -13.13
CA GLY B 649 5.11 14.84 -13.40
C GLY B 649 5.82 15.25 -14.69
N ASN B 650 5.21 16.13 -15.47
CA ASN B 650 5.70 16.52 -16.79
C ASN B 650 7.06 17.25 -16.74
N TYR B 651 7.79 17.07 -17.83
CA TYR B 651 9.10 17.67 -18.04
C TYR B 651 9.14 19.16 -17.76
N ASP B 652 8.24 19.95 -18.30
CA ASP B 652 8.33 21.40 -18.18
C ASP B 652 8.03 21.96 -16.79
N GLY B 653 7.43 21.14 -15.95
CA GLY B 653 7.18 21.55 -14.58
C GLY B 653 5.93 22.36 -14.41
N ASP B 654 5.15 22.52 -15.47
CA ASP B 654 3.97 23.35 -15.41
C ASP B 654 2.82 22.57 -14.82
N VAL B 655 2.98 22.25 -13.55
CA VAL B 655 2.20 21.25 -12.88
C VAL B 655 0.69 21.51 -12.78
N TYR B 656 0.32 22.72 -12.41
CA TYR B 656 -1.09 23.09 -12.33
C TYR B 656 -1.81 23.19 -13.65
N LYS B 657 -1.13 23.70 -14.66
CA LYS B 657 -1.75 23.92 -15.98
C LYS B 657 -2.05 22.56 -16.66
N HIS B 658 -1.09 21.63 -16.64
CA HIS B 658 -1.28 20.32 -17.23
C HIS B 658 -2.37 19.54 -16.52
N TYR B 659 -2.37 19.64 -15.18
CA TYR B 659 -3.34 18.99 -14.30
C TYR B 659 -4.77 19.45 -14.43
N PHE B 660 -4.96 20.75 -14.46
CA PHE B 660 -6.28 21.35 -14.78
C PHE B 660 -6.75 21.00 -16.24
N ALA B 661 -5.82 20.97 -17.17
CA ALA B 661 -6.09 20.56 -18.52
C ALA B 661 -6.48 19.10 -18.64
N LYS B 662 -5.74 18.19 -17.98
CA LYS B 662 -6.01 16.76 -18.06
C LYS B 662 -7.39 16.48 -17.49
N VAL B 663 -7.66 17.03 -16.32
CA VAL B 663 -8.95 16.86 -15.70
C VAL B 663 -10.10 17.27 -16.60
N ASN B 664 -10.01 18.46 -17.21
CA ASN B 664 -11.11 18.96 -18.03
C ASN B 664 -11.29 18.23 -19.36
N GLN B 665 -10.20 17.77 -19.95
CA GLN B 665 -10.20 16.97 -21.17
C GLN B 665 -10.96 15.67 -20.96
N GLN B 666 -10.63 15.01 -19.86
CA GLN B 666 -11.27 13.74 -19.50
C GLN B 666 -12.64 13.93 -18.92
N ASN B 667 -12.92 15.13 -18.39
CA ASN B 667 -14.20 15.40 -17.69
C ASN B 667 -14.82 16.70 -18.15
N PRO B 668 -15.23 16.75 -19.44
CA PRO B 668 -15.85 17.99 -19.94
C PRO B 668 -16.91 18.52 -18.98
N ALA B 669 -16.83 19.79 -18.60
CA ALA B 669 -17.73 20.34 -17.57
C ALA B 669 -18.94 21.12 -18.12
N GLN B 670 -19.22 21.10 -19.41
CA GLN B 670 -20.30 21.92 -19.94
C GLN B 670 -21.68 21.61 -19.35
N ASN B 671 -21.98 20.35 -19.08
CA ASN B 671 -23.24 20.02 -18.42
C ASN B 671 -23.11 19.98 -16.93
N PRO B 672 -23.81 20.86 -16.22
CA PRO B 672 -23.78 20.91 -14.76
C PRO B 672 -24.42 19.73 -14.06
N ARG B 673 -25.40 19.10 -14.68
CA ARG B 673 -26.13 18.07 -13.99
C ARG B 673 -25.73 16.67 -14.40
N PRO B 674 -25.76 15.74 -13.46
CA PRO B 674 -25.29 14.37 -13.70
C PRO B 674 -26.22 13.61 -14.63
N PRO B 675 -25.73 12.56 -15.26
CA PRO B 675 -26.62 11.76 -16.15
C PRO B 675 -27.84 11.14 -15.44
N TYR B 676 -27.75 11.01 -14.11
CA TYR B 676 -28.84 10.52 -13.21
C TYR B 676 -29.61 11.67 -12.55
N TYR B 677 -29.50 12.90 -13.05
CA TYR B 677 -30.20 13.95 -12.36
C TYR B 677 -31.70 13.77 -12.37
N GLU B 678 -32.28 13.48 -13.52
CA GLU B 678 -33.72 13.25 -13.58
C GLU B 678 -34.18 11.98 -12.91
N SER B 679 -33.47 10.90 -13.14
CA SER B 679 -33.80 9.62 -12.55
C SER B 679 -33.62 9.51 -11.04
N THR B 680 -32.52 10.05 -10.53
CA THR B 680 -32.16 9.80 -9.15
C THR B 680 -31.98 11.02 -8.25
N LEU B 681 -31.13 11.95 -8.63
CA LEU B 681 -30.90 13.11 -7.79
C LEU B 681 -32.08 14.07 -7.66
N ARG B 682 -32.75 14.37 -8.76
CA ARG B 682 -33.83 15.35 -8.74
C ARG B 682 -35.06 14.94 -7.91
N PRO B 683 -35.51 13.70 -8.08
CA PRO B 683 -36.56 13.13 -7.20
C PRO B 683 -36.25 13.00 -5.71
N PHE B 684 -34.99 12.94 -5.34
CA PHE B 684 -34.61 12.99 -3.94
C PHE B 684 -34.61 14.41 -3.39
N LEU B 685 -33.93 15.33 -4.05
CA LEU B 685 -33.93 16.74 -3.59
C LEU B 685 -35.34 17.32 -3.45
N PHE B 686 -36.23 16.94 -4.34
CA PHE B 686 -37.58 17.46 -4.33
C PHE B 686 -38.64 16.45 -3.92
N ARG B 687 -38.25 15.45 -3.13
CA ARG B 687 -39.21 14.50 -2.62
C ARG B 687 -40.28 15.16 -1.72
N GLU B 688 -41.46 14.57 -1.71
CA GLU B 688 -42.57 15.01 -0.86
C GLU B 688 -42.35 14.75 0.62
N ASP B 689 -43.01 15.52 1.47
CA ASP B 689 -42.85 15.38 2.91
C ASP B 689 -43.43 14.08 3.40
N GLU B 690 -42.94 13.64 4.55
CA GLU B 690 -43.55 12.51 5.26
C GLU B 690 -45.05 12.77 5.55
N ASP B 691 -45.84 11.71 5.54
CA ASP B 691 -47.21 11.77 6.05
C ASP B 691 -47.17 11.60 7.62
N ASP B 692 -47.34 12.70 8.37
CA ASP B 692 -47.34 12.71 9.88
C ASP B 692 -48.62 12.17 10.60
N ASP B 693 -49.71 11.94 9.87
CA ASP B 693 -50.95 11.44 10.44
C ASP B 693 -50.78 10.12 11.20
N ILE B 694 -51.72 9.90 12.08
CA ILE B 694 -51.71 8.80 13.02
C ILE B 694 -53.12 8.30 12.93
N CYS B 695 -53.27 6.98 12.83
CA CYS B 695 -54.61 6.32 12.76
C CYS B 695 -55.52 6.75 13.93
N GLU B 696 -56.83 6.91 13.64
CA GLU B 696 -57.85 7.32 14.63
C GLU B 696 -58.21 6.14 15.54
N LEU B 697 -58.32 6.40 16.83
CA LEU B 697 -58.73 5.38 17.76
C LEU B 697 -59.32 6.13 18.94
N ASP B 698 -60.60 5.90 19.16
CA ASP B 698 -61.26 6.42 20.34
C ASP B 698 -60.85 5.54 21.49
N GLU B 699 -60.25 6.16 22.50
CA GLU B 699 -59.76 5.46 23.68
C GLU B 699 -58.75 6.35 24.33
#